data_2WOX
#
_entry.id   2WOX
#
_cell.length_a   151.749
_cell.length_b   151.749
_cell.length_c   242.053
_cell.angle_alpha   90.00
_cell.angle_beta   90.00
_cell.angle_gamma   120.00
#
_symmetry.space_group_name_H-M   'P 32 2 1'
#
loop_
_entity.id
_entity.type
_entity.pdbx_description
1 polymer 'BETAINE ALDEHYDE DEHYDROGENASE'
2 non-polymer 'NADPH DIHYDRO-NICOTINAMIDE-ADENINE-DINUCLEOTIDE PHOSPHATE'
3 non-polymer 'POTASSIUM ION'
4 non-polymer GLYCEROL
5 non-polymer 2-(2-(2-(2-(2-(2-ETHOXYETHOXY)ETHOXY)ETHOXY)ETHOXY)ETHOXY)ETHANOL
6 non-polymer BETA-MERCAPTOETHANOL
7 water water
#
_entity_poly.entity_id   1
_entity_poly.type   'polypeptide(L)'
_entity_poly.pdbx_seq_one_letter_code
;ARFEEQKLYIGGRYVEASSGATFETINPANGEVLAKVQRASREDVERAVQSAVEGQKVWAAMTAMQRSRILRRAVDILRE
RNDELAALETLDTGKPLAETRSVDIVTGADVLEYYAGLVPAIEGEQIPLRETSFVYTRREPLGVVAGIGAWNYPVQIALW
KSAPALAAGNAMIFKPSEVTPLTALKLAEIYTEAGVPDGVFNVLTGSGREVGQWLTEHPLIEKISFTGGTSTGKKVMASA
SSSSLKEVTMELGGKSPLIIFPDADLDRAADIAVMANFFSSGQVCTNGTRVFIHRSQQARFEAKVLERVQRIRLGDPQDE
NTNFGPLVSFPHMESVLGYIESGKAQKARLLCGGERVTDGAFGKGAYVAPTVFTDCRDDMTIVREEIFGPVMSILVYDDE
DEAIRRANDTEYGLAAGVVTQDLARAHRAIHRLEAGICWINTWGESPAEMPVGGYKQSGVGRENGLTTLAHYTRIKSVQV
ELGDYASVF
;
_entity_poly.pdbx_strand_id   A,B,C,D
#
# COMPACT_ATOMS: atom_id res chain seq x y z
N ALA A 1 46.60 10.68 -24.98
CA ALA A 1 45.22 10.32 -24.67
C ALA A 1 44.26 11.24 -25.39
N ARG A 2 43.09 10.72 -25.77
CA ARG A 2 42.11 11.53 -26.49
C ARG A 2 41.59 12.67 -25.60
N PHE A 3 41.58 12.42 -24.29
CA PHE A 3 41.04 13.40 -23.36
C PHE A 3 42.07 13.77 -22.29
N GLU A 4 41.82 14.87 -21.58
CA GLU A 4 42.66 15.28 -20.48
C GLU A 4 42.52 14.30 -19.32
N GLU A 5 43.44 14.35 -18.37
CA GLU A 5 43.41 13.47 -17.21
C GLU A 5 42.13 13.64 -16.41
N GLN A 6 41.49 12.51 -16.07
CA GLN A 6 40.24 12.55 -15.29
C GLN A 6 40.51 12.60 -13.78
N LYS A 7 39.88 13.55 -13.10
CA LYS A 7 40.05 13.69 -11.66
C LYS A 7 38.87 13.11 -10.88
N LEU A 8 39.00 13.12 -9.56
CA LEU A 8 37.89 12.73 -8.69
C LEU A 8 36.85 13.83 -8.71
N TYR A 9 35.61 13.47 -8.35
CA TYR A 9 34.54 14.45 -8.23
C TYR A 9 34.00 14.47 -6.81
N ILE A 10 34.40 15.49 -6.06
CA ILE A 10 33.96 15.66 -4.68
C ILE A 10 33.49 17.09 -4.44
N GLY A 11 32.30 17.23 -3.85
CA GLY A 11 31.79 18.52 -3.42
C GLY A 11 31.42 19.49 -4.54
N GLY A 12 30.78 18.97 -5.59
CA GLY A 12 30.26 19.80 -6.66
C GLY A 12 31.32 20.28 -7.62
N ARG A 13 32.43 19.57 -7.70
CA ARG A 13 33.59 19.97 -8.49
C ARG A 13 34.63 18.88 -8.55
N TYR A 14 35.54 18.98 -9.50
CA TYR A 14 36.65 18.07 -9.62
C TYR A 14 37.73 18.45 -8.62
N VAL A 15 38.37 17.46 -8.03
CA VAL A 15 39.47 17.70 -7.11
C VAL A 15 40.56 16.66 -7.36
N GLU A 16 41.80 17.02 -7.04
CA GLU A 16 42.94 16.11 -7.23
C GLU A 16 42.88 14.96 -6.24
N ALA A 17 43.23 13.77 -6.71
CA ALA A 17 43.39 12.63 -5.82
C ALA A 17 44.70 12.78 -5.04
N SER A 18 44.86 11.99 -3.99
CA SER A 18 46.10 12.00 -3.21
C SER A 18 46.74 10.63 -3.17
N SER A 19 46.72 9.94 -4.32
CA SER A 19 47.32 8.62 -4.42
C SER A 19 48.63 8.72 -5.18
N GLY A 20 48.70 9.70 -6.08
CA GLY A 20 49.86 9.86 -6.94
C GLY A 20 49.89 8.77 -7.99
N ALA A 21 48.75 8.14 -8.24
CA ALA A 21 48.65 7.05 -9.18
C ALA A 21 47.46 7.23 -10.13
N THR A 22 47.60 6.72 -11.34
CA THR A 22 46.54 6.79 -12.34
C THR A 22 46.35 5.45 -13.04
N PHE A 23 45.29 5.34 -13.83
CA PHE A 23 45.11 4.21 -14.72
C PHE A 23 44.60 4.69 -16.06
N GLU A 24 44.62 3.81 -17.05
CA GLU A 24 44.17 4.18 -18.39
C GLU A 24 42.85 3.49 -18.70
N THR A 25 41.99 4.18 -19.45
CA THR A 25 40.81 3.57 -20.03
C THR A 25 41.04 3.47 -21.55
N ILE A 26 40.64 2.34 -22.14
CA ILE A 26 41.04 1.99 -23.51
C ILE A 26 39.87 1.78 -24.48
N ASN A 27 39.72 2.61 -25.50
CA ASN A 27 38.69 2.34 -26.50
C ASN A 27 38.84 0.94 -27.12
N PRO A 28 37.85 0.06 -26.90
CA PRO A 28 37.95 -1.35 -27.28
C PRO A 28 37.80 -1.56 -28.79
N ALA A 29 37.37 -0.51 -29.48
CA ALA A 29 37.23 -0.56 -30.93
C ALA A 29 38.58 -0.52 -31.68
N ASN A 30 39.60 0.07 -31.06
CA ASN A 30 40.85 0.37 -31.76
C ASN A 30 42.12 0.33 -30.90
N GLY A 31 41.94 0.15 -29.59
CA GLY A 31 43.07 0.04 -28.68
C GLY A 31 43.54 1.39 -28.17
N GLU A 32 42.95 2.45 -28.70
CA GLU A 32 43.32 3.80 -28.35
C GLU A 32 43.18 4.04 -26.85
N VAL A 33 44.13 4.76 -26.28
CA VAL A 33 44.03 5.21 -24.90
C VAL A 33 43.15 6.44 -24.92
N LEU A 34 42.04 6.38 -24.19
CA LEU A 34 41.09 7.50 -24.19
C LEU A 34 41.50 8.56 -23.18
N ALA A 35 41.96 8.12 -22.01
CA ALA A 35 42.32 9.05 -20.95
C ALA A 35 43.06 8.34 -19.83
N LYS A 36 43.85 9.10 -19.09
CA LYS A 36 44.36 8.65 -17.82
C LYS A 36 43.34 9.05 -16.77
N VAL A 37 43.24 8.27 -15.71
CA VAL A 37 42.22 8.50 -14.70
C VAL A 37 42.88 8.35 -13.34
N GLN A 38 42.59 9.27 -12.42
CA GLN A 38 43.22 9.25 -11.11
C GLN A 38 42.64 8.17 -10.22
N ARG A 39 43.49 7.61 -9.36
CA ARG A 39 43.05 6.61 -8.39
C ARG A 39 42.79 7.26 -7.04
N ALA A 40 41.56 7.14 -6.57
CA ALA A 40 41.24 7.59 -5.22
C ALA A 40 42.14 6.89 -4.20
N SER A 41 42.63 7.66 -3.24
CA SER A 41 43.39 7.09 -2.13
C SER A 41 42.41 6.82 -1.00
N ARG A 42 42.90 6.17 0.05
CA ARG A 42 42.11 5.97 1.25
C ARG A 42 41.63 7.29 1.85
N GLU A 43 42.47 8.32 1.83
N GLU A 43 42.49 8.29 1.82
CA GLU A 43 42.08 9.58 2.43
CA GLU A 43 42.16 9.59 2.39
C GLU A 43 41.08 10.32 1.53
C GLU A 43 41.09 10.28 1.54
N ASP A 44 41.15 10.08 0.23
CA ASP A 44 40.16 10.64 -0.70
C ASP A 44 38.78 10.07 -0.39
N VAL A 45 38.74 8.80 0.00
CA VAL A 45 37.50 8.17 0.42
C VAL A 45 36.96 8.82 1.70
N GLU A 46 37.85 9.04 2.66
CA GLU A 46 37.48 9.77 3.86
C GLU A 46 36.89 11.13 3.49
N ARG A 47 37.56 11.82 2.57
CA ARG A 47 37.11 13.13 2.09
C ARG A 47 35.72 13.05 1.47
N ALA A 48 35.50 12.09 0.58
CA ALA A 48 34.21 11.92 -0.09
C ALA A 48 33.07 11.69 0.91
N VAL A 49 33.35 10.90 1.94
CA VAL A 49 32.36 10.57 2.98
C VAL A 49 31.96 11.81 3.80
N GLN A 50 32.94 12.62 4.18
CA GLN A 50 32.67 13.83 4.96
C GLN A 50 31.86 14.80 4.12
N SER A 51 32.26 14.94 2.85
CA SER A 51 31.51 15.75 1.91
C SER A 51 30.08 15.21 1.78
N ALA A 52 29.96 13.89 1.64
CA ALA A 52 28.65 13.26 1.51
C ALA A 52 27.79 13.50 2.75
N VAL A 53 28.43 13.53 3.91
CA VAL A 53 27.70 13.70 5.16
C VAL A 53 27.04 15.08 5.21
N GLU A 54 27.82 16.12 4.91
CA GLU A 54 27.31 17.48 4.94
C GLU A 54 26.32 17.76 3.80
N GLY A 55 26.57 17.20 2.63
CA GLY A 55 25.67 17.37 1.50
C GLY A 55 24.29 16.78 1.79
N GLN A 56 24.28 15.56 2.33
CA GLN A 56 23.03 14.88 2.66
C GLN A 56 22.15 15.70 3.61
N LYS A 57 22.77 16.40 4.56
CA LYS A 57 22.03 17.23 5.50
C LYS A 57 21.32 18.36 4.76
N VAL A 58 21.99 18.94 3.76
CA VAL A 58 21.40 20.01 2.97
C VAL A 58 20.26 19.48 2.10
N TRP A 59 20.49 18.31 1.52
CA TRP A 59 19.54 17.66 0.62
C TRP A 59 18.28 17.23 1.37
N ALA A 60 18.47 16.61 2.52
CA ALA A 60 17.35 16.11 3.31
C ALA A 60 16.55 17.26 3.93
N ALA A 61 17.20 18.41 4.10
CA ALA A 61 16.55 19.57 4.72
C ALA A 61 15.53 20.25 3.80
N MET A 62 15.67 20.03 2.49
CA MET A 62 14.72 20.58 1.54
C MET A 62 13.38 19.86 1.64
N THR A 63 12.37 20.39 0.98
CA THR A 63 11.07 19.73 0.92
C THR A 63 11.10 18.62 -0.12
N ALA A 64 10.11 17.73 -0.07
CA ALA A 64 10.02 16.65 -1.03
C ALA A 64 9.95 17.22 -2.44
N MET A 65 9.12 18.23 -2.64
CA MET A 65 8.94 18.79 -3.97
C MET A 65 10.22 19.48 -4.49
N GLN A 66 10.95 20.14 -3.60
CA GLN A 66 12.22 20.76 -3.98
C GLN A 66 13.21 19.73 -4.53
N ARG A 67 13.32 18.60 -3.85
CA ARG A 67 14.18 17.51 -4.31
C ARG A 67 13.68 17.01 -5.65
N SER A 68 12.37 16.82 -5.75
CA SER A 68 11.74 16.37 -6.98
C SER A 68 12.03 17.29 -8.18
N ARG A 69 11.95 18.60 -7.97
CA ARG A 69 12.20 19.56 -9.05
C ARG A 69 13.65 19.53 -9.51
N ILE A 70 14.56 19.34 -8.57
CA ILE A 70 15.98 19.25 -8.90
C ILE A 70 16.28 17.98 -9.71
N LEU A 71 15.67 16.87 -9.32
CA LEU A 71 15.89 15.63 -10.05
C LEU A 71 15.27 15.71 -11.45
N ARG A 72 14.10 16.34 -11.56
CA ARG A 72 13.47 16.54 -12.86
C ARG A 72 14.33 17.44 -13.79
N ARG A 73 15.02 18.40 -13.19
CA ARG A 73 15.90 19.27 -13.97
C ARG A 73 17.04 18.43 -14.52
N ALA A 74 17.56 17.51 -13.71
CA ALA A 74 18.63 16.65 -14.17
C ALA A 74 18.15 15.79 -15.33
N VAL A 75 16.93 15.27 -15.23
CA VAL A 75 16.33 14.51 -16.32
C VAL A 75 16.34 15.33 -17.62
N ASP A 76 15.89 16.57 -17.53
CA ASP A 76 15.90 17.48 -18.67
C ASP A 76 17.28 17.64 -19.32
N ILE A 77 18.31 17.80 -18.49
CA ILE A 77 19.66 17.97 -19.01
C ILE A 77 20.13 16.68 -19.69
N LEU A 78 19.86 15.55 -19.05
CA LEU A 78 20.14 14.26 -19.66
C LEU A 78 19.46 14.09 -21.04
N ARG A 79 18.22 14.52 -21.17
CA ARG A 79 17.55 14.42 -22.46
C ARG A 79 18.26 15.27 -23.52
N GLU A 80 18.60 16.51 -23.17
CA GLU A 80 19.31 17.40 -24.08
C GLU A 80 20.63 16.78 -24.53
N ARG A 81 21.40 16.30 -23.56
CA ARG A 81 22.73 15.78 -23.83
C ARG A 81 22.79 14.28 -24.12
N ASN A 82 21.65 13.72 -24.48
CA ASN A 82 21.58 12.30 -24.83
C ASN A 82 22.64 11.89 -25.86
N ASP A 83 22.62 12.48 -27.05
CA ASP A 83 23.55 12.09 -28.11
C ASP A 83 25.02 12.27 -27.75
N GLU A 84 25.31 13.28 -26.94
CA GLU A 84 26.68 13.56 -26.52
C GLU A 84 27.15 12.57 -25.44
N LEU A 85 26.27 12.24 -24.51
CA LEU A 85 26.62 11.22 -23.52
C LEU A 85 26.79 9.86 -24.19
N ALA A 86 25.91 9.57 -25.14
CA ALA A 86 25.94 8.30 -25.89
C ALA A 86 27.26 8.11 -26.63
N ALA A 87 27.71 9.18 -27.29
CA ALA A 87 28.96 9.14 -28.04
C ALA A 87 30.12 8.83 -27.10
N LEU A 88 30.11 9.45 -25.94
CA LEU A 88 31.12 9.17 -24.93
C LEU A 88 31.04 7.72 -24.48
N GLU A 89 29.82 7.27 -24.17
CA GLU A 89 29.61 5.89 -23.73
C GLU A 89 30.08 4.88 -24.78
N THR A 90 29.87 5.22 -26.05
CA THR A 90 30.31 4.37 -27.17
C THR A 90 31.84 4.24 -27.26
N LEU A 91 32.55 5.35 -27.04
CA LEU A 91 34.01 5.30 -26.99
C LEU A 91 34.43 4.42 -25.83
N ASP A 92 33.77 4.60 -24.68
CA ASP A 92 34.19 3.95 -23.46
C ASP A 92 33.75 2.48 -23.38
N THR A 93 32.72 2.06 -24.10
CA THR A 93 32.30 0.67 -23.95
C THR A 93 32.46 -0.17 -25.20
N GLY A 94 32.51 0.48 -26.34
CA GLY A 94 32.51 -0.22 -27.61
C GLY A 94 31.11 -0.46 -28.14
N LYS A 95 30.10 -0.21 -27.31
CA LYS A 95 28.73 -0.42 -27.74
C LYS A 95 28.35 0.50 -28.91
N PRO A 96 27.62 -0.05 -29.89
CA PRO A 96 27.16 0.68 -31.07
C PRO A 96 26.35 1.93 -30.72
N LEU A 97 26.64 3.02 -31.42
CA LEU A 97 25.95 4.30 -31.26
C LEU A 97 24.45 4.10 -31.32
N ALA A 98 24.03 3.13 -32.13
CA ALA A 98 22.61 2.82 -32.28
C ALA A 98 21.98 2.35 -30.96
N GLU A 99 22.78 1.72 -30.10
CA GLU A 99 22.29 1.31 -28.79
C GLU A 99 22.40 2.45 -27.79
N THR A 100 23.59 3.06 -27.71
CA THR A 100 23.81 4.07 -26.70
C THR A 100 22.92 5.30 -26.87
N ARG A 101 22.59 5.64 -28.11
CA ARG A 101 21.71 6.77 -28.38
C ARG A 101 20.24 6.51 -28.02
N SER A 102 19.84 5.24 -28.03
N SER A 102 19.84 5.24 -28.02
CA SER A 102 18.42 4.90 -27.85
CA SER A 102 18.43 4.90 -27.85
C SER A 102 18.13 4.00 -26.65
C SER A 102 18.13 4.18 -26.54
N VAL A 103 19.15 3.62 -25.90
CA VAL A 103 18.95 2.80 -24.71
C VAL A 103 19.62 3.34 -23.44
N ASP A 104 20.93 3.54 -23.50
CA ASP A 104 21.69 3.79 -22.29
C ASP A 104 21.19 4.99 -21.51
N ILE A 105 21.22 6.17 -22.14
CA ILE A 105 20.78 7.36 -21.42
C ILE A 105 19.26 7.45 -21.31
N VAL A 106 18.55 7.09 -22.37
CA VAL A 106 17.08 7.12 -22.35
C VAL A 106 16.50 6.35 -21.16
N THR A 107 16.99 5.13 -20.95
CA THR A 107 16.41 4.29 -19.89
C THR A 107 17.02 4.60 -18.54
N GLY A 108 18.24 5.15 -18.55
CA GLY A 108 18.83 5.67 -17.33
C GLY A 108 18.00 6.83 -16.80
N ALA A 109 17.71 7.79 -17.69
CA ALA A 109 16.91 8.96 -17.35
C ALA A 109 15.46 8.59 -17.05
N ASP A 110 14.95 7.56 -17.71
CA ASP A 110 13.60 7.09 -17.43
C ASP A 110 13.44 6.76 -15.95
N VAL A 111 14.41 6.04 -15.40
CA VAL A 111 14.30 5.64 -14.02
C VAL A 111 14.41 6.86 -13.10
N LEU A 112 15.30 7.80 -13.44
CA LEU A 112 15.46 8.98 -12.61
C LEU A 112 14.17 9.80 -12.65
N GLU A 113 13.58 9.90 -13.83
CA GLU A 113 12.37 10.69 -14.01
C GLU A 113 11.23 10.06 -13.20
N TYR A 114 11.20 8.74 -13.21
CA TYR A 114 10.24 7.98 -12.42
C TYR A 114 10.37 8.32 -10.93
N TYR A 115 11.58 8.25 -10.39
CA TYR A 115 11.75 8.47 -8.97
C TYR A 115 11.59 9.92 -8.54
N ALA A 116 12.01 10.85 -9.41
CA ALA A 116 11.82 12.26 -9.16
C ALA A 116 10.35 12.56 -8.86
N GLY A 117 9.47 11.95 -9.63
CA GLY A 117 8.05 12.14 -9.41
C GLY A 117 7.51 11.49 -8.14
N LEU A 118 8.26 10.55 -7.57
CA LEU A 118 7.75 9.80 -6.41
C LEU A 118 8.23 10.32 -5.04
N VAL A 119 9.14 11.30 -5.04
CA VAL A 119 9.63 11.86 -3.78
C VAL A 119 8.51 12.23 -2.79
N PRO A 120 7.49 12.97 -3.27
CA PRO A 120 6.41 13.39 -2.35
C PRO A 120 5.56 12.24 -1.82
N ALA A 121 5.69 11.05 -2.40
CA ALA A 121 4.83 9.93 -2.05
C ALA A 121 5.46 8.97 -1.05
N ILE A 122 6.66 9.27 -0.58
CA ILE A 122 7.27 8.41 0.42
C ILE A 122 6.58 8.68 1.76
N GLU A 123 5.90 7.67 2.28
CA GLU A 123 5.09 7.87 3.48
C GLU A 123 5.32 6.81 4.55
N GLY A 124 5.04 7.16 5.80
CA GLY A 124 5.07 6.20 6.89
C GLY A 124 3.69 5.64 7.17
N GLU A 125 3.55 4.88 8.25
CA GLU A 125 2.26 4.33 8.66
C GLU A 125 1.77 4.95 9.97
N GLN A 126 0.48 4.84 10.21
CA GLN A 126 -0.08 5.19 11.51
C GLN A 126 -0.97 4.07 11.99
N ILE A 127 -0.79 3.68 13.24
CA ILE A 127 -1.49 2.55 13.82
C ILE A 127 -2.02 2.91 15.21
N PRO A 128 -3.34 2.87 15.39
CA PRO A 128 -3.90 3.12 16.73
C PRO A 128 -3.79 1.85 17.57
N LEU A 129 -3.30 1.96 18.79
CA LEU A 129 -3.21 0.79 19.65
C LEU A 129 -4.43 0.75 20.55
N ARG A 130 -4.84 1.93 21.00
CA ARG A 130 -5.92 2.07 21.96
C ARG A 130 -6.16 3.56 22.13
N GLU A 131 -7.15 3.92 22.93
CA GLU A 131 -7.52 5.33 23.04
C GLU A 131 -6.33 6.19 23.50
N THR A 132 -5.49 5.63 24.36
CA THR A 132 -4.43 6.42 24.97
C THR A 132 -3.06 6.21 24.31
N SER A 133 -3.01 5.49 23.20
CA SER A 133 -1.74 5.30 22.52
C SER A 133 -1.86 4.94 21.03
N PHE A 134 -0.93 5.46 20.24
CA PHE A 134 -0.85 5.11 18.84
C PHE A 134 0.59 5.14 18.41
N VAL A 135 0.87 4.51 17.27
CA VAL A 135 2.21 4.61 16.69
C VAL A 135 2.19 5.17 15.28
N TYR A 136 3.23 5.92 14.94
CA TYR A 136 3.46 6.31 13.56
C TYR A 136 4.89 5.95 13.19
N THR A 137 5.10 5.58 11.94
CA THR A 137 6.44 5.29 11.47
C THR A 137 6.90 6.42 10.58
N ARG A 138 8.20 6.62 10.56
CA ARG A 138 8.82 7.55 9.65
C ARG A 138 9.73 6.76 8.73
N ARG A 139 9.78 7.16 7.47
CA ARG A 139 10.75 6.59 6.56
C ARG A 139 11.84 7.62 6.35
N GLU A 140 12.94 7.42 7.08
CA GLU A 140 14.02 8.38 7.07
C GLU A 140 15.13 7.96 6.11
N PRO A 141 15.89 8.95 5.61
CA PRO A 141 17.01 8.56 4.75
C PRO A 141 17.99 7.70 5.55
N LEU A 142 18.70 6.82 4.84
CA LEU A 142 19.76 6.04 5.45
C LEU A 142 20.94 6.98 5.78
N GLY A 143 21.16 7.96 4.90
CA GLY A 143 22.28 8.87 5.07
C GLY A 143 23.22 8.82 3.90
N VAL A 144 24.43 8.33 4.13
CA VAL A 144 25.38 8.16 3.04
C VAL A 144 25.36 6.72 2.57
N VAL A 145 25.18 6.54 1.27
CA VAL A 145 25.21 5.20 0.69
C VAL A 145 26.24 5.16 -0.44
N ALA A 146 26.63 3.96 -0.86
CA ALA A 146 27.61 3.83 -1.92
C ALA A 146 27.13 2.91 -3.03
N GLY A 147 27.43 3.28 -4.27
CA GLY A 147 27.15 2.44 -5.41
C GLY A 147 28.43 2.03 -6.10
N ILE A 148 28.56 0.73 -6.39
CA ILE A 148 29.68 0.24 -7.16
C ILE A 148 29.16 -0.27 -8.50
N GLY A 149 29.63 0.34 -9.60
CA GLY A 149 29.05 0.08 -10.90
C GLY A 149 29.73 -0.97 -11.75
N ALA A 150 29.05 -1.41 -12.80
CA ALA A 150 29.59 -2.39 -13.73
C ALA A 150 29.93 -1.72 -15.06
N TRP A 151 30.63 -2.44 -15.94
CA TRP A 151 31.13 -1.82 -17.17
C TRP A 151 30.30 -2.00 -18.44
N ASN A 152 29.25 -2.82 -18.40
CA ASN A 152 28.46 -3.01 -19.61
C ASN A 152 27.45 -1.88 -19.89
N TYR A 153 26.86 -1.32 -18.84
CA TYR A 153 25.97 -0.16 -18.96
C TYR A 153 26.34 0.93 -17.96
N PRO A 154 27.50 1.57 -18.15
CA PRO A 154 28.07 2.44 -17.11
C PRO A 154 27.15 3.56 -16.61
N VAL A 155 26.60 4.37 -17.51
CA VAL A 155 25.79 5.51 -17.08
C VAL A 155 24.39 5.09 -16.62
N GLN A 156 23.78 4.16 -17.35
CA GLN A 156 22.49 3.62 -16.95
C GLN A 156 22.54 3.09 -15.50
N ILE A 157 23.57 2.29 -15.19
CA ILE A 157 23.70 1.75 -13.85
C ILE A 157 23.89 2.85 -12.81
N ALA A 158 24.71 3.85 -13.13
CA ALA A 158 24.92 4.98 -12.23
C ALA A 158 23.59 5.68 -11.93
N LEU A 159 22.79 5.84 -12.97
CA LEU A 159 21.45 6.42 -12.84
C LEU A 159 20.49 5.53 -12.05
N TRP A 160 20.42 4.25 -12.39
CA TRP A 160 19.52 3.30 -11.69
C TRP A 160 19.83 3.18 -10.20
N LYS A 161 21.10 3.32 -9.84
CA LYS A 161 21.46 3.28 -8.42
C LYS A 161 21.27 4.64 -7.75
N SER A 162 21.70 5.71 -8.40
CA SER A 162 21.67 7.04 -7.77
C SER A 162 20.26 7.63 -7.70
N ALA A 163 19.41 7.32 -8.67
CA ALA A 163 18.04 7.88 -8.69
C ALA A 163 17.25 7.57 -7.42
N PRO A 164 17.03 6.27 -7.11
CA PRO A 164 16.28 5.98 -5.88
C PRO A 164 17.02 6.47 -4.64
N ALA A 165 18.35 6.35 -4.61
CA ALA A 165 19.11 6.81 -3.46
C ALA A 165 18.87 8.29 -3.19
N LEU A 166 19.00 9.13 -4.22
CA LEU A 166 18.79 10.55 -4.02
C LEU A 166 17.32 10.89 -3.75
N ALA A 167 16.42 10.20 -4.44
CA ALA A 167 14.98 10.49 -4.30
C ALA A 167 14.54 10.25 -2.86
N ALA A 168 15.11 9.24 -2.21
CA ALA A 168 14.84 8.94 -0.81
C ALA A 168 15.61 9.83 0.17
N GLY A 169 16.33 10.82 -0.34
CA GLY A 169 16.98 11.81 0.51
C GLY A 169 18.39 11.47 0.96
N ASN A 170 19.00 10.49 0.31
CA ASN A 170 20.36 10.10 0.64
C ASN A 170 21.41 10.83 -0.20
N ALA A 171 22.67 10.73 0.25
CA ALA A 171 23.81 11.10 -0.57
C ALA A 171 24.44 9.81 -1.05
N MET A 172 24.88 9.76 -2.31
CA MET A 172 25.61 8.59 -2.79
C MET A 172 27.04 8.87 -3.26
N ILE A 173 27.96 8.03 -2.79
CA ILE A 173 29.29 7.97 -3.35
C ILE A 173 29.33 6.83 -4.35
N PHE A 174 29.65 7.15 -5.60
CA PHE A 174 29.62 6.16 -6.68
C PHE A 174 31.00 5.79 -7.20
N LYS A 175 31.26 4.49 -7.34
CA LYS A 175 32.49 4.01 -7.96
C LYS A 175 32.23 3.26 -9.26
N PRO A 176 32.56 3.89 -10.40
CA PRO A 176 32.37 3.23 -11.69
C PRO A 176 33.40 2.11 -11.84
N SER A 177 33.18 1.24 -12.81
CA SER A 177 34.18 0.25 -13.15
C SER A 177 35.44 0.97 -13.62
N GLU A 178 36.59 0.46 -13.17
CA GLU A 178 37.87 0.96 -13.62
C GLU A 178 37.92 0.88 -15.14
N VAL A 179 37.17 -0.08 -15.68
CA VAL A 179 37.07 -0.23 -17.12
C VAL A 179 36.28 0.90 -17.79
N THR A 180 35.25 1.41 -17.15
CA THR A 180 34.41 2.42 -17.81
C THR A 180 34.08 3.59 -16.91
N PRO A 181 35.05 4.47 -16.65
CA PRO A 181 34.90 5.55 -15.67
C PRO A 181 34.34 6.84 -16.24
N LEU A 182 34.34 7.00 -17.56
CA LEU A 182 34.11 8.32 -18.15
C LEU A 182 32.71 8.94 -17.91
N THR A 183 31.64 8.22 -18.25
CA THR A 183 30.31 8.82 -18.20
C THR A 183 29.80 9.14 -16.79
N ALA A 184 30.28 8.40 -15.81
CA ALA A 184 29.87 8.63 -14.43
C ALA A 184 30.26 10.04 -13.99
N LEU A 185 31.45 10.48 -14.37
CA LEU A 185 31.92 11.82 -14.03
C LEU A 185 31.02 12.87 -14.66
N LYS A 186 30.62 12.64 -15.90
CA LYS A 186 29.71 13.53 -16.59
C LYS A 186 28.36 13.62 -15.87
N LEU A 187 27.90 12.51 -15.31
CA LEU A 187 26.63 12.49 -14.59
C LEU A 187 26.73 13.35 -13.33
N ALA A 188 27.89 13.31 -12.69
CA ALA A 188 28.11 14.10 -11.49
C ALA A 188 27.99 15.59 -11.81
N GLU A 189 28.52 15.97 -12.98
CA GLU A 189 28.49 17.35 -13.45
C GLU A 189 27.05 17.76 -13.63
N ILE A 190 26.29 16.90 -14.31
CA ILE A 190 24.90 17.20 -14.62
C ILE A 190 24.05 17.35 -13.36
N TYR A 191 24.24 16.49 -12.37
CA TYR A 191 23.51 16.63 -11.11
C TYR A 191 23.80 18.00 -10.51
N THR A 192 25.07 18.33 -10.42
CA THR A 192 25.49 19.60 -9.85
C THR A 192 24.87 20.78 -10.60
N GLU A 193 24.83 20.71 -11.92
CA GLU A 193 24.23 21.76 -12.72
C GLU A 193 22.71 21.85 -12.52
N ALA A 194 22.10 20.71 -12.17
CA ALA A 194 20.65 20.62 -11.95
C ALA A 194 20.25 21.22 -10.62
N GLY A 195 21.23 21.42 -9.74
CA GLY A 195 20.95 21.97 -8.43
C GLY A 195 21.16 21.01 -7.27
N VAL A 196 21.67 19.82 -7.53
CA VAL A 196 21.97 18.90 -6.43
C VAL A 196 23.07 19.51 -5.58
N PRO A 197 22.84 19.60 -4.25
CA PRO A 197 23.83 20.13 -3.30
C PRO A 197 25.18 19.41 -3.39
N ASP A 198 26.27 20.17 -3.25
CA ASP A 198 27.62 19.60 -3.19
C ASP A 198 27.67 18.45 -2.20
N GLY A 199 28.29 17.35 -2.63
CA GLY A 199 28.50 16.21 -1.75
C GLY A 199 27.47 15.10 -1.92
N VAL A 200 26.32 15.43 -2.50
CA VAL A 200 25.22 14.46 -2.59
C VAL A 200 25.49 13.35 -3.61
N PHE A 201 26.14 13.70 -4.71
CA PHE A 201 26.61 12.67 -5.64
C PHE A 201 28.09 12.88 -5.97
N ASN A 202 28.95 12.14 -5.28
CA ASN A 202 30.39 12.16 -5.53
C ASN A 202 30.82 10.92 -6.31
N VAL A 203 31.86 11.07 -7.14
CA VAL A 203 32.37 9.94 -7.90
C VAL A 203 33.84 9.65 -7.57
N LEU A 204 34.12 8.43 -7.16
CA LEU A 204 35.50 8.02 -6.91
C LEU A 204 35.92 6.97 -7.93
N THR A 205 37.02 7.24 -8.63
CA THR A 205 37.55 6.29 -9.59
C THR A 205 38.70 5.50 -9.00
N GLY A 206 38.94 4.31 -9.53
CA GLY A 206 39.94 3.41 -8.99
C GLY A 206 39.47 1.98 -9.13
N SER A 207 40.20 1.06 -8.49
N SER A 207 40.20 1.06 -8.48
CA SER A 207 39.92 -0.36 -8.60
CA SER A 207 39.95 -0.37 -8.61
C SER A 207 38.92 -0.84 -7.55
C SER A 207 39.00 -0.89 -7.52
N GLY A 208 38.29 -1.97 -7.83
CA GLY A 208 37.40 -2.58 -6.86
C GLY A 208 38.20 -3.11 -5.69
N ARG A 209 39.35 -3.73 -5.94
CA ARG A 209 40.10 -4.23 -4.83
C ARG A 209 40.48 -3.16 -3.83
N GLU A 210 40.61 -1.93 -4.27
CA GLU A 210 41.01 -0.90 -3.33
C GLU A 210 39.87 0.02 -2.91
N VAL A 211 39.53 0.99 -3.77
CA VAL A 211 38.53 1.98 -3.39
C VAL A 211 37.15 1.34 -3.20
N GLY A 212 36.83 0.37 -4.04
CA GLY A 212 35.60 -0.39 -3.85
C GLY A 212 35.53 -0.97 -2.45
N GLN A 213 36.61 -1.62 -2.02
CA GLN A 213 36.66 -2.22 -0.71
C GLN A 213 36.67 -1.19 0.41
N TRP A 214 37.32 -0.06 0.17
CA TRP A 214 37.38 0.99 1.17
C TRP A 214 36.00 1.58 1.42
N LEU A 215 35.16 1.55 0.39
CA LEU A 215 33.80 2.04 0.53
C LEU A 215 32.95 1.04 1.30
N THR A 216 33.07 -0.24 0.96
CA THR A 216 32.24 -1.24 1.61
C THR A 216 32.59 -1.38 3.09
N GLU A 217 33.81 -0.98 3.45
CA GLU A 217 34.28 -1.12 4.82
C GLU A 217 33.99 0.10 5.68
N HIS A 218 33.74 1.24 5.05
CA HIS A 218 33.65 2.50 5.79
C HIS A 218 32.48 2.53 6.76
N PRO A 219 32.76 2.83 8.03
CA PRO A 219 31.78 2.75 9.12
C PRO A 219 30.67 3.80 9.01
N LEU A 220 30.88 4.84 8.19
CA LEU A 220 29.86 5.89 8.05
C LEU A 220 28.90 5.66 6.88
N ILE A 221 29.22 4.72 6.00
CA ILE A 221 28.32 4.39 4.90
C ILE A 221 27.28 3.38 5.37
N GLU A 222 26.01 3.64 5.03
CA GLU A 222 24.90 2.86 5.59
C GLU A 222 24.40 1.73 4.70
N LYS A 223 24.75 1.77 3.42
CA LYS A 223 24.26 0.80 2.46
C LYS A 223 25.20 0.71 1.27
N ILE A 224 25.36 -0.51 0.75
CA ILE A 224 26.08 -0.70 -0.50
C ILE A 224 25.14 -1.24 -1.58
N SER A 225 25.20 -0.65 -2.76
CA SER A 225 24.50 -1.21 -3.92
C SER A 225 25.52 -1.59 -4.97
N PHE A 226 25.56 -2.87 -5.29
CA PHE A 226 26.60 -3.43 -6.13
C PHE A 226 26.01 -4.10 -7.37
N THR A 227 26.73 -3.98 -8.49
CA THR A 227 26.36 -4.68 -9.72
C THR A 227 27.61 -5.30 -10.32
N GLY A 228 27.61 -6.62 -10.46
CA GLY A 228 28.74 -7.32 -11.05
C GLY A 228 28.58 -8.83 -11.00
N GLY A 229 29.71 -9.53 -11.05
CA GLY A 229 29.71 -10.99 -11.05
C GLY A 229 29.35 -11.52 -9.68
N THR A 230 28.81 -12.74 -9.66
CA THR A 230 28.34 -13.32 -8.40
C THR A 230 29.50 -13.55 -7.45
N SER A 231 30.63 -13.96 -8.03
CA SER A 231 31.83 -14.23 -7.26
C SER A 231 32.27 -12.99 -6.46
N THR A 232 32.35 -11.86 -7.15
CA THR A 232 32.68 -10.59 -6.52
C THR A 232 31.59 -10.13 -5.54
N GLY A 233 30.34 -10.27 -5.95
CA GLY A 233 29.22 -9.95 -5.08
C GLY A 233 29.31 -10.55 -3.69
N LYS A 234 29.71 -11.81 -3.61
CA LYS A 234 29.87 -12.46 -2.30
C LYS A 234 30.91 -11.77 -1.41
N LYS A 235 32.08 -11.46 -1.99
CA LYS A 235 33.12 -10.77 -1.24
C LYS A 235 32.60 -9.43 -0.77
N VAL A 236 32.01 -8.68 -1.69
CA VAL A 236 31.49 -7.35 -1.38
C VAL A 236 30.46 -7.39 -0.26
N MET A 237 29.52 -8.32 -0.34
CA MET A 237 28.47 -8.38 0.66
C MET A 237 29.05 -8.72 2.03
N ALA A 238 29.93 -9.71 2.09
CA ALA A 238 30.58 -10.08 3.35
C ALA A 238 31.30 -8.88 3.96
N SER A 239 32.04 -8.15 3.12
CA SER A 239 32.78 -7.00 3.60
C SER A 239 31.83 -5.94 4.14
N ALA A 240 30.79 -5.63 3.37
CA ALA A 240 29.79 -4.68 3.82
C ALA A 240 29.18 -5.11 5.16
N SER A 241 28.97 -6.42 5.32
CA SER A 241 28.29 -6.94 6.50
C SER A 241 29.19 -6.92 7.74
N SER A 242 30.38 -7.47 7.59
CA SER A 242 31.26 -7.69 8.73
C SER A 242 31.94 -6.40 9.20
N SER A 243 31.97 -5.38 8.34
CA SER A 243 32.55 -4.10 8.75
C SER A 243 31.60 -3.34 9.68
N SER A 244 30.36 -3.13 9.24
CA SER A 244 29.44 -2.31 10.03
C SER A 244 27.96 -2.64 9.80
N LEU A 245 27.68 -3.84 9.30
CA LEU A 245 26.29 -4.27 9.07
C LEU A 245 25.55 -3.33 8.15
N LYS A 246 26.14 -3.01 7.01
CA LYS A 246 25.47 -2.17 6.03
C LYS A 246 24.33 -2.94 5.40
N GLU A 247 23.27 -2.22 5.02
CA GLU A 247 22.25 -2.77 4.15
C GLU A 247 22.90 -2.99 2.80
N VAL A 248 22.39 -3.96 2.03
CA VAL A 248 22.95 -4.22 0.71
C VAL A 248 21.93 -4.49 -0.40
N THR A 249 22.35 -4.18 -1.63
CA THR A 249 21.65 -4.58 -2.83
C THR A 249 22.70 -5.12 -3.80
N MET A 250 22.46 -6.33 -4.29
CA MET A 250 23.35 -6.99 -5.23
C MET A 250 22.58 -7.39 -6.47
N GLU A 251 22.97 -6.84 -7.63
CA GLU A 251 22.51 -7.30 -8.92
C GLU A 251 23.68 -8.04 -9.56
N LEU A 252 23.57 -9.36 -9.67
CA LEU A 252 24.71 -10.17 -10.09
C LEU A 252 24.52 -10.88 -11.43
N GLY A 253 25.27 -11.97 -11.64
CA GLY A 253 25.21 -12.66 -12.91
C GLY A 253 24.03 -13.61 -13.07
N GLY A 254 23.94 -14.23 -14.25
CA GLY A 254 22.99 -15.28 -14.48
C GLY A 254 23.39 -16.19 -15.63
N LYS A 255 22.59 -17.23 -15.81
CA LYS A 255 22.62 -18.08 -16.99
C LYS A 255 21.15 -18.34 -17.30
N SER A 256 20.47 -17.29 -17.73
CA SER A 256 19.02 -17.29 -17.78
C SER A 256 18.45 -18.15 -18.92
N PRO A 257 17.40 -18.92 -18.62
CA PRO A 257 16.82 -19.81 -19.64
C PRO A 257 15.70 -19.13 -20.42
N LEU A 258 15.63 -19.48 -21.71
CA LEU A 258 14.55 -19.09 -22.58
C LEU A 258 13.91 -20.38 -23.11
N ILE A 259 12.65 -20.62 -22.79
CA ILE A 259 12.00 -21.83 -23.27
C ILE A 259 11.02 -21.51 -24.40
N ILE A 260 11.28 -22.08 -25.57
CA ILE A 260 10.38 -21.97 -26.71
C ILE A 260 9.49 -23.20 -26.66
N PHE A 261 8.20 -23.01 -26.44
CA PHE A 261 7.24 -24.11 -26.48
C PHE A 261 6.79 -24.37 -27.92
N PRO A 262 6.38 -25.62 -28.19
CA PRO A 262 6.09 -26.15 -29.53
C PRO A 262 4.99 -25.40 -30.31
N ASP A 263 4.23 -24.54 -29.66
CA ASP A 263 3.18 -23.79 -30.34
C ASP A 263 3.63 -22.38 -30.68
N ALA A 264 4.89 -22.07 -30.40
CA ALA A 264 5.42 -20.73 -30.62
C ALA A 264 5.52 -20.40 -32.10
N ASP A 265 5.34 -19.13 -32.43
CA ASP A 265 5.75 -18.61 -33.73
C ASP A 265 7.28 -18.61 -33.75
N LEU A 266 7.86 -19.35 -34.69
CA LEU A 266 9.31 -19.47 -34.76
C LEU A 266 10.03 -18.20 -35.21
N ASP A 267 9.37 -17.39 -36.03
CA ASP A 267 9.95 -16.09 -36.36
C ASP A 267 10.08 -15.22 -35.11
N ARG A 268 9.02 -15.13 -34.31
CA ARG A 268 9.08 -14.37 -33.06
C ARG A 268 10.09 -15.02 -32.11
N ALA A 269 10.10 -16.34 -32.08
CA ALA A 269 10.98 -17.06 -31.16
C ALA A 269 12.45 -16.80 -31.50
N ALA A 270 12.76 -16.77 -32.79
CA ALA A 270 14.12 -16.51 -33.22
C ALA A 270 14.51 -15.06 -32.94
N ASP A 271 13.60 -14.13 -33.23
CA ASP A 271 13.87 -12.72 -32.93
C ASP A 271 14.18 -12.57 -31.45
N ILE A 272 13.39 -13.23 -30.60
CA ILE A 272 13.59 -13.13 -29.16
C ILE A 272 14.93 -13.73 -28.77
N ALA A 273 15.22 -14.93 -29.28
CA ALA A 273 16.46 -15.61 -28.93
C ALA A 273 17.71 -14.81 -29.32
N VAL A 274 17.69 -14.19 -30.50
N VAL A 274 17.66 -14.19 -30.50
CA VAL A 274 18.85 -13.41 -30.92
CA VAL A 274 18.78 -13.39 -31.00
C VAL A 274 19.00 -12.11 -30.14
C VAL A 274 18.97 -12.14 -30.14
N MET A 275 17.87 -11.45 -29.84
CA MET A 275 17.91 -10.27 -28.99
C MET A 275 18.42 -10.64 -27.60
N ALA A 276 17.95 -11.78 -27.09
CA ALA A 276 18.32 -12.23 -25.75
C ALA A 276 19.78 -12.72 -25.70
N ASN A 277 20.47 -12.69 -26.84
CA ASN A 277 21.83 -13.19 -26.89
C ASN A 277 22.87 -12.24 -27.47
N PHE A 278 22.43 -11.33 -28.34
CA PHE A 278 23.40 -10.57 -29.13
C PHE A 278 23.34 -9.05 -29.00
N PHE A 279 22.35 -8.53 -28.28
CA PHE A 279 22.34 -7.10 -27.96
C PHE A 279 23.54 -6.78 -27.06
N SER A 280 24.11 -5.59 -27.25
CA SER A 280 25.35 -5.20 -26.57
C SER A 280 26.45 -6.25 -26.68
N SER A 281 26.45 -6.94 -27.82
CA SER A 281 27.42 -8.00 -28.10
C SER A 281 27.41 -9.06 -27.03
N GLY A 282 26.24 -9.33 -26.46
CA GLY A 282 26.12 -10.45 -25.53
C GLY A 282 26.56 -10.07 -24.14
N GLN A 283 26.73 -8.78 -23.88
CA GLN A 283 27.15 -8.34 -22.55
C GLN A 283 25.98 -7.75 -21.75
N VAL A 284 24.94 -8.55 -21.59
CA VAL A 284 23.80 -8.19 -20.76
C VAL A 284 23.55 -9.31 -19.75
N CYS A 285 23.49 -8.95 -18.47
CA CYS A 285 23.33 -9.90 -17.39
C CYS A 285 22.11 -10.78 -17.51
N THR A 286 21.01 -10.21 -18.00
CA THR A 286 19.74 -10.89 -18.08
C THR A 286 19.61 -11.73 -19.36
N ASN A 287 20.69 -11.87 -20.12
CA ASN A 287 20.64 -12.61 -21.38
C ASN A 287 20.18 -14.06 -21.30
N GLY A 288 19.43 -14.45 -22.33
CA GLY A 288 18.84 -15.78 -22.40
C GLY A 288 19.79 -16.76 -23.05
N THR A 289 20.88 -17.04 -22.33
CA THR A 289 22.04 -17.71 -22.89
C THR A 289 21.86 -19.22 -23.00
N ARG A 290 20.80 -19.73 -22.38
CA ARG A 290 20.41 -21.12 -22.55
C ARG A 290 19.06 -21.16 -23.24
N VAL A 291 19.05 -21.52 -24.52
CA VAL A 291 17.81 -21.50 -25.27
C VAL A 291 17.23 -22.89 -25.45
N PHE A 292 16.11 -23.16 -24.77
CA PHE A 292 15.44 -24.45 -24.87
C PHE A 292 14.40 -24.50 -26.02
N ILE A 293 14.62 -25.43 -26.94
CA ILE A 293 13.74 -25.61 -28.09
C ILE A 293 13.23 -27.06 -28.11
N HIS A 294 11.96 -27.23 -28.43
CA HIS A 294 11.38 -28.57 -28.47
C HIS A 294 11.92 -29.36 -29.65
N ARG A 295 12.09 -30.67 -29.48
CA ARG A 295 12.67 -31.49 -30.53
C ARG A 295 11.99 -31.29 -31.89
N SER A 296 10.67 -31.16 -31.86
CA SER A 296 9.89 -31.08 -33.10
C SER A 296 10.13 -29.79 -33.87
N GLN A 297 10.81 -28.82 -33.24
CA GLN A 297 11.02 -27.53 -33.88
C GLN A 297 12.50 -27.16 -34.04
N GLN A 298 13.38 -28.05 -33.62
CA GLN A 298 14.79 -27.72 -33.60
C GLN A 298 15.39 -27.33 -34.97
N ALA A 299 15.12 -28.11 -36.00
CA ALA A 299 15.68 -27.81 -37.33
C ALA A 299 15.18 -26.47 -37.88
N ARG A 300 13.87 -26.25 -37.88
CA ARG A 300 13.30 -24.99 -38.33
C ARG A 300 13.77 -23.80 -37.50
N PHE A 301 13.90 -24.00 -36.19
CA PHE A 301 14.35 -22.93 -35.31
C PHE A 301 15.81 -22.55 -35.57
N GLU A 302 16.67 -23.55 -35.69
CA GLU A 302 18.07 -23.30 -35.99
C GLU A 302 18.24 -22.57 -37.30
N ALA A 303 17.51 -23.00 -38.32
CA ALA A 303 17.53 -22.32 -39.62
C ALA A 303 17.12 -20.86 -39.48
N LYS A 304 16.09 -20.60 -38.68
CA LYS A 304 15.60 -19.23 -38.53
C LYS A 304 16.55 -18.37 -37.72
N VAL A 305 17.21 -18.97 -36.72
CA VAL A 305 18.19 -18.22 -35.93
C VAL A 305 19.40 -17.88 -36.80
N LEU A 306 19.88 -18.89 -37.51
N LEU A 306 19.87 -18.82 -37.45
CA LEU A 306 21.00 -18.78 -38.43
CA LEU A 306 20.99 -18.71 -38.37
C LEU A 306 20.82 -17.59 -39.38
C LEU A 306 20.80 -17.51 -39.31
N GLU A 307 19.66 -17.55 -40.02
CA GLU A 307 19.32 -16.49 -40.96
C GLU A 307 19.41 -15.08 -40.36
N ARG A 308 19.01 -14.94 -39.11
CA ARG A 308 19.07 -13.63 -38.46
C ARG A 308 20.51 -13.28 -38.07
N VAL A 309 21.24 -14.27 -37.59
CA VAL A 309 22.61 -14.06 -37.15
C VAL A 309 23.51 -13.68 -38.32
N GLN A 310 23.34 -14.35 -39.45
CA GLN A 310 24.11 -14.05 -40.62
C GLN A 310 24.02 -12.61 -41.02
N ARG A 311 22.86 -12.01 -40.80
CA ARG A 311 22.66 -10.65 -41.26
C ARG A 311 22.99 -9.62 -40.18
N ILE A 312 23.45 -10.09 -39.02
CA ILE A 312 23.90 -9.18 -37.98
C ILE A 312 24.98 -8.28 -38.57
N ARG A 313 24.92 -6.98 -38.27
CA ARG A 313 25.89 -6.04 -38.82
C ARG A 313 26.96 -5.66 -37.82
N LEU A 314 27.95 -6.54 -37.67
CA LEU A 314 29.13 -6.27 -36.87
C LEU A 314 29.99 -5.22 -37.55
N GLY A 315 30.51 -4.27 -36.77
CA GLY A 315 31.29 -3.20 -37.33
C GLY A 315 31.71 -2.11 -36.36
N ASP A 316 32.26 -1.04 -36.93
CA ASP A 316 32.71 0.13 -36.18
C ASP A 316 31.54 0.74 -35.42
N PRO A 317 31.67 0.89 -34.09
CA PRO A 317 30.57 1.38 -33.25
C PRO A 317 30.15 2.80 -33.62
N GLN A 318 31.04 3.53 -34.29
CA GLN A 318 30.77 4.92 -34.67
C GLN A 318 29.82 4.97 -35.85
N ASP A 319 29.83 3.91 -36.66
CA ASP A 319 28.93 3.82 -37.80
C ASP A 319 27.50 3.53 -37.35
N GLU A 320 26.58 4.42 -37.70
CA GLU A 320 25.18 4.31 -37.30
C GLU A 320 24.52 3.02 -37.77
N ASN A 321 25.06 2.41 -38.81
CA ASN A 321 24.51 1.15 -39.32
C ASN A 321 25.02 -0.08 -38.59
N THR A 322 26.00 0.11 -37.71
CA THR A 322 26.47 -0.96 -36.86
C THR A 322 25.42 -1.27 -35.80
N ASN A 323 25.15 -2.56 -35.58
CA ASN A 323 24.26 -2.98 -34.50
C ASN A 323 24.88 -4.10 -33.65
N PHE A 324 26.19 -4.25 -33.77
CA PHE A 324 26.95 -5.26 -33.03
C PHE A 324 28.41 -4.81 -33.00
N GLY A 325 28.88 -4.41 -31.84
CA GLY A 325 30.21 -3.84 -31.72
C GLY A 325 31.23 -4.78 -31.13
N PRO A 326 32.41 -4.25 -30.80
CA PRO A 326 33.41 -5.12 -30.18
C PRO A 326 32.98 -5.40 -28.75
N LEU A 327 33.67 -6.32 -28.08
CA LEU A 327 33.49 -6.50 -26.65
C LEU A 327 34.07 -5.30 -25.91
N VAL A 328 33.89 -5.28 -24.59
CA VAL A 328 34.24 -4.10 -23.80
C VAL A 328 35.75 -3.93 -23.57
N SER A 329 36.50 -5.00 -23.73
CA SER A 329 37.93 -5.00 -23.43
C SER A 329 38.60 -6.24 -24.02
N PHE A 330 39.90 -6.13 -24.27
CA PHE A 330 40.66 -7.26 -24.79
C PHE A 330 40.77 -8.42 -23.81
N PRO A 331 41.02 -8.13 -22.52
CA PRO A 331 41.02 -9.25 -21.58
C PRO A 331 39.67 -9.96 -21.56
N HIS A 332 38.57 -9.20 -21.59
CA HIS A 332 37.26 -9.84 -21.63
C HIS A 332 37.07 -10.65 -22.91
N MET A 333 37.52 -10.13 -24.04
CA MET A 333 37.50 -10.89 -25.28
C MET A 333 38.23 -12.23 -25.12
N GLU A 334 39.36 -12.21 -24.42
CA GLU A 334 40.13 -13.43 -24.25
C GLU A 334 39.32 -14.44 -23.47
N SER A 335 38.66 -13.98 -22.42
CA SER A 335 37.77 -14.81 -21.60
C SER A 335 36.72 -15.52 -22.44
N VAL A 336 36.02 -14.74 -23.24
CA VAL A 336 34.98 -15.25 -24.11
C VAL A 336 35.52 -16.31 -25.06
N LEU A 337 36.68 -16.03 -25.67
CA LEU A 337 37.29 -16.95 -26.64
C LEU A 337 37.66 -18.26 -25.97
N GLY A 338 38.08 -18.18 -24.71
CA GLY A 338 38.36 -19.38 -23.94
C GLY A 338 37.11 -20.23 -23.77
N TYR A 339 35.99 -19.59 -23.41
CA TYR A 339 34.73 -20.32 -23.29
C TYR A 339 34.34 -20.93 -24.63
N ILE A 340 34.49 -20.15 -25.69
CA ILE A 340 34.16 -20.65 -27.02
C ILE A 340 34.96 -21.92 -27.34
N GLU A 341 36.26 -21.91 -27.00
CA GLU A 341 37.14 -23.06 -27.16
C GLU A 341 36.65 -24.26 -26.36
N SER A 342 36.29 -24.00 -25.10
CA SER A 342 35.67 -24.99 -24.23
C SER A 342 34.52 -25.70 -24.93
N GLY A 343 33.65 -24.94 -25.59
CA GLY A 343 32.52 -25.50 -26.31
C GLY A 343 32.96 -26.40 -27.45
N LYS A 344 33.95 -25.95 -28.19
CA LYS A 344 34.49 -26.76 -29.27
C LYS A 344 35.10 -28.05 -28.71
N ALA A 345 35.91 -27.90 -27.66
CA ALA A 345 36.58 -29.03 -27.02
C ALA A 345 35.59 -30.04 -26.46
N GLN A 346 34.46 -29.56 -25.95
CA GLN A 346 33.48 -30.44 -25.32
C GLN A 346 32.48 -30.96 -26.34
N LYS A 347 32.73 -30.66 -27.61
CA LYS A 347 31.99 -31.28 -28.70
C LYS A 347 30.59 -30.72 -28.95
N ALA A 348 30.36 -29.48 -28.56
CA ALA A 348 29.13 -28.82 -28.94
C ALA A 348 29.24 -28.46 -30.42
N ARG A 349 28.15 -28.61 -31.17
CA ARG A 349 28.19 -28.31 -32.60
C ARG A 349 28.12 -26.81 -32.86
N LEU A 350 29.14 -26.29 -33.55
CA LEU A 350 29.21 -24.86 -33.81
C LEU A 350 28.38 -24.49 -35.02
N LEU A 351 27.42 -23.60 -34.82
CA LEU A 351 26.51 -23.22 -35.89
C LEU A 351 26.93 -21.90 -36.52
N CYS A 352 27.38 -20.97 -35.69
N CYS A 352 27.37 -20.97 -35.67
CA CYS A 352 27.70 -19.62 -36.14
CA CYS A 352 27.71 -19.62 -36.11
C CYS A 352 28.87 -19.01 -35.37
C CYS A 352 28.98 -19.14 -35.42
N GLY A 353 29.69 -18.23 -36.08
CA GLY A 353 30.84 -17.57 -35.49
C GLY A 353 31.85 -18.53 -34.86
N GLY A 354 32.23 -18.23 -33.63
CA GLY A 354 33.11 -19.11 -32.88
C GLY A 354 34.57 -18.73 -32.96
N GLU A 355 34.85 -17.50 -33.37
CA GLU A 355 36.22 -16.99 -33.41
C GLU A 355 36.31 -15.49 -33.50
N ARG A 356 37.53 -14.98 -33.35
CA ARG A 356 37.76 -13.55 -33.38
C ARG A 356 37.62 -13.03 -34.80
N VAL A 357 37.12 -11.81 -34.94
CA VAL A 357 37.03 -11.15 -36.23
C VAL A 357 38.23 -10.20 -36.38
N THR A 358 39.15 -10.55 -37.28
CA THR A 358 40.41 -9.82 -37.40
C THR A 358 40.62 -9.12 -38.74
N ASP A 359 39.76 -9.42 -39.71
CA ASP A 359 39.82 -8.79 -41.03
C ASP A 359 39.96 -7.26 -40.96
N GLY A 360 40.99 -6.75 -41.62
CA GLY A 360 41.19 -5.32 -41.75
C GLY A 360 41.38 -4.59 -40.44
N ALA A 361 40.62 -3.52 -40.26
CA ALA A 361 40.70 -2.71 -39.05
C ALA A 361 40.18 -3.44 -37.81
N PHE A 362 39.42 -4.52 -38.00
CA PHE A 362 38.84 -5.22 -36.87
C PHE A 362 39.90 -5.88 -35.98
N GLY A 363 41.07 -6.12 -36.55
CA GLY A 363 42.14 -6.76 -35.81
C GLY A 363 42.65 -5.87 -34.70
N LYS A 364 42.37 -4.58 -34.80
CA LYS A 364 42.85 -3.59 -33.83
C LYS A 364 41.90 -3.50 -32.65
N GLY A 365 40.75 -4.16 -32.76
CA GLY A 365 39.73 -4.10 -31.74
C GLY A 365 39.43 -5.48 -31.16
N ALA A 366 38.59 -5.50 -30.13
CA ALA A 366 38.24 -6.75 -29.48
C ALA A 366 36.91 -7.27 -30.01
N TYR A 367 36.94 -7.84 -31.20
CA TYR A 367 35.74 -8.31 -31.86
C TYR A 367 35.62 -9.82 -31.83
N VAL A 368 34.53 -10.31 -31.23
CA VAL A 368 34.18 -11.72 -31.31
C VAL A 368 32.89 -11.86 -32.11
N ALA A 369 32.85 -12.84 -33.01
CA ALA A 369 31.68 -13.04 -33.87
C ALA A 369 30.48 -13.56 -33.09
N PRO A 370 29.26 -13.20 -33.52
CA PRO A 370 28.06 -13.77 -32.90
C PRO A 370 28.09 -15.29 -33.03
N THR A 371 28.13 -15.98 -31.90
CA THR A 371 28.37 -17.41 -31.90
C THR A 371 27.18 -18.20 -31.38
N VAL A 372 26.77 -19.20 -32.15
CA VAL A 372 25.70 -20.09 -31.72
C VAL A 372 26.21 -21.52 -31.65
N PHE A 373 26.02 -22.15 -30.49
CA PHE A 373 26.31 -23.56 -30.31
C PHE A 373 25.02 -24.33 -30.19
N THR A 374 24.96 -25.50 -30.82
CA THR A 374 23.81 -26.36 -30.63
C THR A 374 24.28 -27.77 -30.27
N ASP A 375 23.33 -28.69 -30.09
CA ASP A 375 23.60 -30.03 -29.55
C ASP A 375 24.38 -29.92 -28.24
N CYS A 376 23.98 -28.96 -27.42
CA CYS A 376 24.62 -28.73 -26.14
C CYS A 376 24.11 -29.69 -25.07
N ARG A 377 24.89 -29.82 -24.00
CA ARG A 377 24.49 -30.64 -22.88
C ARG A 377 24.58 -29.83 -21.59
N ASP A 378 23.70 -30.12 -20.65
CA ASP A 378 23.56 -29.32 -19.44
C ASP A 378 24.86 -29.20 -18.67
N ASP A 379 25.72 -30.20 -18.79
CA ASP A 379 26.96 -30.21 -18.02
C ASP A 379 28.17 -29.62 -18.75
N MET A 380 27.97 -29.06 -19.95
CA MET A 380 29.05 -28.38 -20.65
C MET A 380 29.38 -27.06 -19.96
N THR A 381 30.65 -26.68 -20.01
CA THR A 381 31.10 -25.43 -19.39
C THR A 381 30.35 -24.22 -19.94
N ILE A 382 30.14 -24.20 -21.26
CA ILE A 382 29.45 -23.08 -21.91
C ILE A 382 27.98 -22.99 -21.48
N VAL A 383 27.43 -24.10 -20.97
CA VAL A 383 26.04 -24.14 -20.56
C VAL A 383 25.88 -23.82 -19.07
N ARG A 384 26.85 -24.21 -18.25
CA ARG A 384 26.80 -23.97 -16.80
C ARG A 384 27.26 -22.57 -16.40
N GLU A 385 28.23 -22.03 -17.11
CA GLU A 385 28.86 -20.78 -16.66
C GLU A 385 28.45 -19.56 -17.46
N GLU A 386 28.34 -18.43 -16.77
CA GLU A 386 28.07 -17.18 -17.43
C GLU A 386 29.27 -16.76 -18.28
N ILE A 387 29.01 -16.54 -19.57
CA ILE A 387 30.06 -16.21 -20.52
C ILE A 387 30.14 -14.70 -20.72
N PHE A 388 29.00 -14.03 -20.59
CA PHE A 388 28.92 -12.59 -20.74
C PHE A 388 29.52 -12.13 -22.07
N GLY A 389 29.31 -12.94 -23.10
CA GLY A 389 29.73 -12.62 -24.45
C GLY A 389 28.68 -13.12 -25.43
N PRO A 390 28.95 -12.98 -26.73
CA PRO A 390 27.95 -13.33 -27.75
C PRO A 390 27.90 -14.82 -28.03
N VAL A 391 27.45 -15.61 -27.05
CA VAL A 391 27.48 -17.06 -27.19
C VAL A 391 26.14 -17.68 -26.80
N MET A 392 25.38 -18.14 -27.80
CA MET A 392 24.10 -18.79 -27.59
C MET A 392 24.25 -20.31 -27.52
N SER A 393 23.70 -20.92 -26.47
CA SER A 393 23.67 -22.38 -26.37
C SER A 393 22.24 -22.89 -26.56
N ILE A 394 22.04 -23.68 -27.60
CA ILE A 394 20.72 -24.22 -27.90
C ILE A 394 20.59 -25.64 -27.34
N LEU A 395 19.54 -25.87 -26.56
CA LEU A 395 19.31 -27.15 -25.88
C LEU A 395 17.96 -27.70 -26.27
N VAL A 396 17.96 -28.91 -26.80
CA VAL A 396 16.72 -29.58 -27.20
C VAL A 396 16.07 -30.24 -25.99
N TYR A 397 14.73 -30.21 -25.91
CA TYR A 397 14.01 -30.91 -24.88
C TYR A 397 12.80 -31.64 -25.48
N ASP A 398 12.16 -32.50 -24.71
CA ASP A 398 11.04 -33.28 -25.22
C ASP A 398 9.72 -32.92 -24.57
N ASP A 399 9.75 -32.57 -23.29
CA ASP A 399 8.51 -32.16 -22.63
C ASP A 399 8.66 -31.02 -21.63
N GLU A 400 7.52 -30.41 -21.32
CA GLU A 400 7.44 -29.20 -20.52
C GLU A 400 8.14 -29.29 -19.17
N ASP A 401 7.82 -30.33 -18.39
CA ASP A 401 8.40 -30.49 -17.06
C ASP A 401 9.91 -30.64 -17.11
N GLU A 402 10.40 -31.34 -18.12
CA GLU A 402 11.83 -31.47 -18.32
C GLU A 402 12.45 -30.09 -18.58
N ALA A 403 11.84 -29.33 -19.48
CA ALA A 403 12.35 -28.00 -19.82
C ALA A 403 12.45 -27.10 -18.58
N ILE A 404 11.42 -27.14 -17.76
CA ILE A 404 11.34 -26.33 -16.55
C ILE A 404 12.35 -26.77 -15.47
N ARG A 405 12.42 -28.08 -15.23
CA ARG A 405 13.41 -28.60 -14.29
C ARG A 405 14.82 -28.21 -14.72
N ARG A 406 15.11 -28.32 -16.01
CA ARG A 406 16.44 -28.00 -16.49
C ARG A 406 16.74 -26.51 -16.40
N ALA A 407 15.78 -25.70 -16.82
CA ALA A 407 15.87 -24.25 -16.69
C ALA A 407 16.20 -23.85 -15.27
N ASN A 408 15.56 -24.53 -14.31
CA ASN A 408 15.73 -24.21 -12.89
C ASN A 408 17.03 -24.77 -12.29
N ASP A 409 17.66 -25.68 -13.01
CA ASP A 409 18.77 -26.44 -12.49
C ASP A 409 20.08 -25.66 -12.64
N THR A 410 20.30 -24.71 -11.73
CA THR A 410 21.44 -23.81 -11.77
C THR A 410 21.40 -23.05 -10.47
N GLU A 411 22.54 -22.48 -10.07
CA GLU A 411 22.59 -21.68 -8.84
C GLU A 411 22.19 -20.25 -9.13
N TYR A 412 22.10 -19.92 -10.42
CA TYR A 412 21.67 -18.59 -10.83
C TYR A 412 20.15 -18.53 -10.83
N GLY A 413 19.61 -17.32 -11.00
CA GLY A 413 18.17 -17.13 -11.02
C GLY A 413 17.79 -15.68 -11.23
N LEU A 414 18.44 -15.03 -12.19
CA LEU A 414 18.16 -13.63 -12.47
C LEU A 414 16.93 -13.47 -13.35
N ALA A 415 16.94 -14.11 -14.52
CA ALA A 415 15.86 -13.96 -15.48
C ALA A 415 15.45 -15.28 -16.08
N ALA A 416 14.27 -15.28 -16.69
CA ALA A 416 13.76 -16.44 -17.39
C ALA A 416 12.63 -15.95 -18.29
N GLY A 417 12.37 -16.68 -19.37
CA GLY A 417 11.28 -16.30 -20.25
C GLY A 417 10.71 -17.48 -20.99
N VAL A 418 9.47 -17.33 -21.46
CA VAL A 418 8.86 -18.39 -22.27
C VAL A 418 8.22 -17.80 -23.51
N VAL A 419 8.22 -18.59 -24.58
CA VAL A 419 7.51 -18.19 -25.79
C VAL A 419 6.43 -19.21 -26.04
N THR A 420 5.19 -18.75 -26.08
CA THR A 420 4.06 -19.62 -26.29
C THR A 420 2.81 -18.81 -26.58
N GLN A 421 1.86 -19.39 -27.28
CA GLN A 421 0.60 -18.71 -27.54
C GLN A 421 -0.51 -19.17 -26.61
N ASP A 422 -0.25 -20.24 -25.86
CA ASP A 422 -1.27 -20.82 -24.99
C ASP A 422 -1.35 -20.07 -23.66
N LEU A 423 -2.55 -19.59 -23.32
CA LEU A 423 -2.74 -18.82 -22.09
C LEU A 423 -2.30 -19.58 -20.83
N ALA A 424 -2.77 -20.81 -20.68
CA ALA A 424 -2.49 -21.54 -19.45
C ALA A 424 -1.02 -21.88 -19.31
N ARG A 425 -0.39 -22.31 -20.40
CA ARG A 425 1.02 -22.69 -20.34
C ARG A 425 1.93 -21.50 -20.03
N ALA A 426 1.61 -20.33 -20.57
CA ALA A 426 2.47 -19.17 -20.36
C ALA A 426 2.59 -18.89 -18.87
N HIS A 427 1.46 -18.75 -18.21
CA HIS A 427 1.45 -18.36 -16.81
C HIS A 427 1.94 -19.50 -15.89
N ARG A 428 1.47 -20.73 -16.13
N ARG A 428 1.44 -20.69 -16.17
CA ARG A 428 1.85 -21.88 -15.27
CA ARG A 428 1.80 -21.88 -15.42
C ARG A 428 3.23 -22.52 -15.60
C ARG A 428 3.32 -22.00 -15.38
N ALA A 429 3.93 -21.95 -16.56
CA ALA A 429 5.36 -22.16 -16.70
C ALA A 429 6.16 -21.07 -15.99
N ILE A 430 5.76 -19.81 -16.18
CA ILE A 430 6.51 -18.70 -15.59
C ILE A 430 6.43 -18.81 -14.05
N HIS A 431 5.28 -19.22 -13.53
CA HIS A 431 5.13 -19.39 -12.08
C HIS A 431 6.08 -20.42 -11.47
N ARG A 432 6.47 -21.40 -12.28
CA ARG A 432 7.40 -22.44 -11.84
C ARG A 432 8.87 -22.10 -12.01
N LEU A 433 9.17 -21.08 -12.82
CA LEU A 433 10.57 -20.72 -13.08
C LEU A 433 11.16 -19.90 -11.94
N GLU A 434 12.35 -20.29 -11.47
CA GLU A 434 12.96 -19.67 -10.31
C GLU A 434 13.85 -18.49 -10.66
N ALA A 435 13.23 -17.40 -11.12
CA ALA A 435 13.96 -16.20 -11.50
C ALA A 435 13.16 -14.99 -11.09
N GLY A 436 13.85 -13.89 -10.84
CA GLY A 436 13.21 -12.66 -10.41
C GLY A 436 12.63 -11.84 -11.57
N ILE A 437 13.14 -12.07 -12.76
CA ILE A 437 12.76 -11.30 -13.94
C ILE A 437 12.26 -12.26 -15.00
N CYS A 438 10.95 -12.26 -15.23
CA CYS A 438 10.33 -13.24 -16.13
C CYS A 438 9.59 -12.58 -17.28
N TRP A 439 9.88 -13.03 -18.48
CA TRP A 439 9.29 -12.45 -19.67
C TRP A 439 8.42 -13.48 -20.39
N ILE A 440 7.23 -13.05 -20.80
CA ILE A 440 6.36 -13.88 -21.64
C ILE A 440 6.26 -13.31 -23.05
N ASN A 441 6.78 -14.05 -24.02
CA ASN A 441 6.71 -13.63 -25.43
C ASN A 441 7.48 -12.36 -25.75
N THR A 442 8.49 -12.09 -24.94
CA THR A 442 9.37 -10.95 -25.16
C THR A 442 10.65 -11.21 -24.39
N TRP A 443 11.59 -10.27 -24.48
CA TRP A 443 12.83 -10.34 -23.69
C TRP A 443 13.46 -8.97 -23.57
N GLY A 444 14.06 -8.71 -22.42
CA GLY A 444 14.97 -7.57 -22.31
C GLY A 444 14.40 -6.24 -21.85
N GLU A 445 13.10 -6.07 -21.92
CA GLU A 445 12.50 -4.80 -21.52
C GLU A 445 12.47 -4.71 -19.99
N SER A 446 12.85 -3.55 -19.48
CA SER A 446 12.96 -3.38 -18.03
C SER A 446 12.38 -2.04 -17.60
N PRO A 447 11.05 -1.91 -17.66
CA PRO A 447 10.37 -0.65 -17.34
C PRO A 447 10.80 -0.12 -15.97
N ALA A 448 10.81 1.19 -15.81
CA ALA A 448 11.16 1.82 -14.54
C ALA A 448 10.26 1.34 -13.40
N GLU A 449 9.03 0.95 -13.74
CA GLU A 449 8.04 0.53 -12.75
C GLU A 449 8.23 -0.92 -12.26
N MET A 450 9.07 -1.66 -12.95
CA MET A 450 9.17 -3.10 -12.69
C MET A 450 10.39 -3.46 -11.82
N PRO A 451 10.14 -3.94 -10.58
CA PRO A 451 11.25 -4.37 -9.72
C PRO A 451 12.02 -5.51 -10.39
N VAL A 452 13.34 -5.40 -10.43
CA VAL A 452 14.17 -6.40 -11.10
C VAL A 452 15.36 -6.77 -10.22
N GLY A 453 15.69 -8.05 -10.21
CA GLY A 453 16.80 -8.54 -9.43
C GLY A 453 16.69 -10.05 -9.39
N GLY A 454 17.63 -10.68 -8.71
CA GLY A 454 17.81 -12.11 -8.84
C GLY A 454 17.31 -12.98 -7.69
N TYR A 455 16.88 -14.18 -8.05
CA TYR A 455 16.68 -15.27 -7.09
C TYR A 455 18.04 -15.91 -6.82
N LYS A 456 18.15 -16.61 -5.69
CA LYS A 456 19.30 -17.46 -5.45
C LYS A 456 20.63 -16.67 -5.48
N GLN A 457 21.58 -17.12 -6.25
CA GLN A 457 22.87 -16.44 -6.23
C GLN A 457 23.02 -15.38 -7.32
N SER A 458 21.89 -14.97 -7.90
CA SER A 458 21.91 -13.93 -8.91
C SER A 458 21.68 -12.53 -8.33
N GLY A 459 21.46 -12.44 -7.03
CA GLY A 459 21.27 -11.14 -6.43
C GLY A 459 20.63 -11.12 -5.06
N VAL A 460 20.61 -9.94 -4.43
CA VAL A 460 19.93 -9.70 -3.17
C VAL A 460 19.28 -8.34 -3.35
N GLY A 461 18.03 -8.19 -2.93
CA GLY A 461 17.30 -6.94 -3.12
C GLY A 461 16.87 -6.71 -4.56
N ARG A 462 16.37 -5.52 -4.87
CA ARG A 462 15.87 -5.21 -6.21
C ARG A 462 16.23 -3.79 -6.62
N GLU A 463 16.03 -3.49 -7.90
CA GLU A 463 16.17 -2.12 -8.39
C GLU A 463 14.92 -1.77 -9.20
N ASN A 464 14.59 -0.49 -9.27
CA ASN A 464 13.40 -0.01 -9.97
C ASN A 464 12.10 -0.40 -9.23
N GLY A 465 10.97 0.15 -9.67
CA GLY A 465 9.70 -0.04 -8.98
C GLY A 465 9.61 0.72 -7.65
N LEU A 466 8.40 0.80 -7.10
CA LEU A 466 8.16 1.49 -5.83
C LEU A 466 8.93 0.88 -4.69
N THR A 467 9.12 -0.45 -4.72
CA THR A 467 9.77 -1.15 -3.62
C THR A 467 11.21 -0.71 -3.44
N THR A 468 11.91 -0.47 -4.54
CA THR A 468 13.30 -0.07 -4.45
C THR A 468 13.44 1.26 -3.69
N LEU A 469 12.53 2.20 -3.97
CA LEU A 469 12.59 3.50 -3.30
C LEU A 469 12.39 3.34 -1.79
N ALA A 470 11.55 2.40 -1.40
CA ALA A 470 11.31 2.15 0.01
C ALA A 470 12.57 1.64 0.72
N HIS A 471 13.36 0.86 0.01
CA HIS A 471 14.57 0.27 0.58
C HIS A 471 15.78 1.22 0.57
N TYR A 472 15.58 2.46 0.16
CA TYR A 472 16.60 3.47 0.40
C TYR A 472 16.22 4.39 1.57
N THR A 473 15.25 3.94 2.36
CA THR A 473 14.93 4.57 3.62
C THR A 473 15.03 3.54 4.75
N ARG A 474 15.09 4.01 5.99
CA ARG A 474 15.06 3.16 7.16
C ARG A 474 13.79 3.47 7.94
N ILE A 475 13.24 2.47 8.62
CA ILE A 475 11.99 2.66 9.34
C ILE A 475 12.25 3.00 10.81
N LYS A 476 11.65 4.09 11.27
CA LYS A 476 11.60 4.40 12.68
C LYS A 476 10.14 4.32 13.13
N SER A 477 9.87 3.51 14.16
CA SER A 477 8.57 3.49 14.79
C SER A 477 8.58 4.41 16.00
N VAL A 478 7.54 5.22 16.13
CA VAL A 478 7.38 6.12 17.26
C VAL A 478 6.08 5.76 17.94
N GLN A 479 6.18 5.27 19.17
CA GLN A 479 4.98 5.05 19.97
C GLN A 479 4.73 6.23 20.87
N VAL A 480 3.56 6.83 20.72
CA VAL A 480 3.15 7.95 21.56
C VAL A 480 2.24 7.45 22.67
N GLU A 481 2.71 7.56 23.92
CA GLU A 481 1.87 7.18 25.07
C GLU A 481 1.18 8.42 25.61
N LEU A 482 -0.16 8.44 25.55
CA LEU A 482 -0.93 9.62 25.90
C LEU A 482 -1.54 9.51 27.29
N GLY A 483 -1.52 8.31 27.85
CA GLY A 483 -2.11 8.07 29.15
C GLY A 483 -1.08 7.68 30.20
N ASP A 484 -1.49 6.83 31.13
CA ASP A 484 -0.63 6.46 32.27
C ASP A 484 0.49 5.50 31.89
N TYR A 485 1.54 5.48 32.71
CA TYR A 485 2.57 4.45 32.59
C TYR A 485 2.62 3.58 33.85
N ALA A 486 2.62 2.27 33.66
CA ALA A 486 2.65 1.36 34.79
C ALA A 486 3.98 0.62 34.85
N SER A 487 4.50 0.48 36.06
CA SER A 487 5.76 -0.21 36.31
C SER A 487 5.49 -1.34 37.29
N VAL A 488 6.08 -2.51 37.06
CA VAL A 488 5.89 -3.61 38.01
C VAL A 488 6.69 -3.37 39.30
N PHE A 489 7.56 -2.35 39.28
CA PHE A 489 8.50 -2.09 40.36
C PHE A 489 8.04 -0.95 41.30
N ALA B 1 19.42 -35.32 36.29
CA ALA B 1 18.83 -34.16 35.63
C ALA B 1 17.34 -34.17 35.89
N ARG B 2 16.72 -33.00 35.90
CA ARG B 2 15.28 -32.94 36.17
C ARG B 2 14.45 -33.63 35.09
N PHE B 3 14.83 -33.47 33.83
CA PHE B 3 14.06 -34.03 32.71
C PHE B 3 14.86 -35.05 31.93
N GLU B 4 14.17 -35.82 31.09
N GLU B 4 14.19 -35.84 31.10
CA GLU B 4 14.80 -36.75 30.14
CA GLU B 4 14.88 -36.80 30.24
C GLU B 4 15.74 -36.04 29.18
C GLU B 4 15.65 -36.08 29.13
N GLU B 5 16.60 -36.81 28.52
CA GLU B 5 17.46 -36.26 27.48
C GLU B 5 16.65 -35.68 26.31
N GLN B 6 16.93 -34.44 25.97
CA GLN B 6 16.21 -33.76 24.90
C GLN B 6 16.78 -34.12 23.53
N LYS B 7 15.92 -34.48 22.59
CA LYS B 7 16.33 -34.87 21.25
C LYS B 7 16.09 -33.75 20.23
N LEU B 8 16.55 -33.97 19.01
CA LEU B 8 16.30 -33.06 17.90
C LEU B 8 14.85 -33.20 17.46
N TYR B 9 14.32 -32.15 16.85
CA TYR B 9 12.97 -32.21 16.31
C TYR B 9 13.00 -32.01 14.79
N ILE B 10 12.80 -33.09 14.04
CA ILE B 10 12.82 -33.04 12.59
C ILE B 10 11.67 -33.86 12.00
N GLY B 11 10.89 -33.23 11.11
CA GLY B 11 9.80 -33.90 10.44
C GLY B 11 8.68 -34.36 11.37
N GLY B 12 8.24 -33.46 12.25
CA GLY B 12 7.04 -33.69 13.04
C GLY B 12 7.23 -34.62 14.22
N ARG B 13 8.46 -34.80 14.65
CA ARG B 13 8.78 -35.71 15.74
C ARG B 13 10.19 -35.56 16.23
N TYR B 14 10.47 -36.18 17.37
CA TYR B 14 11.83 -36.24 17.88
C TYR B 14 12.62 -37.33 17.19
N VAL B 15 13.85 -37.00 16.81
CA VAL B 15 14.76 -37.98 16.26
C VAL B 15 16.10 -37.87 16.97
N GLU B 16 16.85 -38.97 16.94
CA GLU B 16 18.17 -39.01 17.57
C GLU B 16 19.19 -38.26 16.73
N ALA B 17 19.96 -37.39 17.39
CA ALA B 17 21.10 -36.74 16.74
C ALA B 17 22.15 -37.78 16.39
N SER B 18 23.07 -37.39 15.51
CA SER B 18 24.12 -38.29 15.08
C SER B 18 25.50 -37.75 15.40
N SER B 19 25.60 -36.98 16.49
CA SER B 19 26.88 -36.35 16.84
C SER B 19 27.65 -37.14 17.88
N GLY B 20 26.93 -37.88 18.71
CA GLY B 20 27.53 -38.54 19.84
C GLY B 20 27.79 -37.59 21.00
N ALA B 21 27.21 -36.40 20.93
CA ALA B 21 27.48 -35.38 21.93
C ALA B 21 26.22 -34.79 22.56
N THR B 22 26.35 -34.38 23.81
CA THR B 22 25.26 -33.67 24.50
C THR B 22 25.86 -32.49 25.23
N PHE B 23 24.99 -31.61 25.69
CA PHE B 23 25.37 -30.48 26.53
C PHE B 23 24.29 -30.31 27.60
N GLU B 24 24.60 -29.60 28.67
CA GLU B 24 23.62 -29.47 29.73
C GLU B 24 22.95 -28.10 29.69
N THR B 25 21.72 -28.04 30.18
CA THR B 25 21.09 -26.75 30.41
C THR B 25 20.80 -26.67 31.91
N ILE B 26 21.11 -25.52 32.50
CA ILE B 26 21.15 -25.37 33.95
C ILE B 26 20.14 -24.36 34.50
N ASN B 27 19.43 -24.69 35.57
CA ASN B 27 18.61 -23.67 36.23
C ASN B 27 19.46 -22.61 36.95
N PRO B 28 19.46 -21.36 36.46
CA PRO B 28 20.35 -20.32 36.98
C PRO B 28 19.94 -19.84 38.38
N ALA B 29 18.77 -20.28 38.84
CA ALA B 29 18.31 -19.90 40.17
C ALA B 29 18.97 -20.75 41.25
N ASN B 30 19.46 -21.93 40.88
CA ASN B 30 19.95 -22.87 41.87
C ASN B 30 21.03 -23.82 41.36
N GLY B 31 21.48 -23.63 40.12
CA GLY B 31 22.54 -24.43 39.54
C GLY B 31 22.16 -25.88 39.23
N GLU B 32 20.89 -26.21 39.40
CA GLU B 32 20.40 -27.55 39.12
C GLU B 32 20.49 -27.87 37.62
N VAL B 33 20.84 -29.11 37.28
CA VAL B 33 20.86 -29.49 35.88
C VAL B 33 19.45 -29.86 35.42
N LEU B 34 18.93 -29.10 34.46
CA LEU B 34 17.57 -29.33 33.96
C LEU B 34 17.50 -30.55 33.03
N ALA B 35 18.49 -30.69 32.15
CA ALA B 35 18.49 -31.75 31.15
C ALA B 35 19.80 -31.84 30.36
N LYS B 36 20.11 -33.04 29.90
CA LYS B 36 21.07 -33.20 28.82
C LYS B 36 20.34 -32.97 27.49
N VAL B 37 21.03 -32.38 26.54
CA VAL B 37 20.43 -32.02 25.27
C VAL B 37 21.38 -32.46 24.17
N GLN B 38 20.86 -33.18 23.18
CA GLN B 38 21.73 -33.67 22.10
C GLN B 38 22.16 -32.53 21.21
N ARG B 39 23.38 -32.63 20.68
CA ARG B 39 23.91 -31.67 19.74
C ARG B 39 23.71 -32.18 18.31
N ALA B 40 23.08 -31.40 17.46
CA ALA B 40 23.02 -31.76 16.05
C ALA B 40 24.42 -31.91 15.45
N SER B 41 24.61 -32.95 14.64
CA SER B 41 25.78 -33.07 13.79
C SER B 41 25.54 -32.32 12.48
N ARG B 42 26.60 -32.15 11.69
CA ARG B 42 26.50 -31.56 10.37
C ARG B 42 25.54 -32.35 9.45
N GLU B 43 25.55 -33.67 9.59
CA GLU B 43 24.67 -34.51 8.82
C GLU B 43 23.22 -34.31 9.29
N ASP B 44 23.04 -33.97 10.56
CA ASP B 44 21.72 -33.65 11.10
C ASP B 44 21.18 -32.33 10.55
N VAL B 45 22.06 -31.36 10.32
CA VAL B 45 21.64 -30.13 9.67
C VAL B 45 21.13 -30.46 8.27
N GLU B 46 21.88 -31.29 7.56
CA GLU B 46 21.49 -31.68 6.21
C GLU B 46 20.12 -32.36 6.21
N ARG B 47 19.88 -33.17 7.24
CA ARG B 47 18.66 -33.92 7.33
C ARG B 47 17.49 -32.97 7.59
N ALA B 48 17.73 -31.95 8.40
CA ALA B 48 16.71 -30.95 8.70
C ALA B 48 16.42 -30.07 7.48
N VAL B 49 17.44 -29.83 6.66
CA VAL B 49 17.25 -29.04 5.45
C VAL B 49 16.39 -29.82 4.44
N GLN B 50 16.71 -31.09 4.21
CA GLN B 50 15.95 -31.88 3.25
C GLN B 50 14.49 -32.01 3.71
N SER B 51 14.31 -32.22 5.01
CA SER B 51 12.98 -32.28 5.59
C SER B 51 12.21 -30.96 5.38
N ALA B 52 12.89 -29.85 5.63
CA ALA B 52 12.29 -28.53 5.42
C ALA B 52 11.90 -28.31 3.95
N VAL B 53 12.75 -28.73 3.03
CA VAL B 53 12.49 -28.55 1.61
C VAL B 53 11.20 -29.27 1.20
N GLU B 54 10.99 -30.47 1.72
CA GLU B 54 9.81 -31.25 1.38
C GLU B 54 8.58 -30.74 2.11
N GLY B 55 8.75 -30.38 3.38
CA GLY B 55 7.66 -29.80 4.13
C GLY B 55 7.17 -28.50 3.52
N GLN B 56 8.10 -27.64 3.12
CA GLN B 56 7.73 -26.34 2.57
C GLN B 56 6.82 -26.48 1.36
N LYS B 57 7.04 -27.53 0.57
CA LYS B 57 6.21 -27.73 -0.63
C LYS B 57 4.79 -28.05 -0.25
N VAL B 58 4.62 -28.87 0.78
CA VAL B 58 3.28 -29.20 1.28
C VAL B 58 2.61 -27.94 1.83
N TRP B 59 3.34 -27.19 2.64
CA TRP B 59 2.83 -25.97 3.25
C TRP B 59 2.39 -24.97 2.18
N ALA B 60 3.28 -24.67 1.24
CA ALA B 60 3.01 -23.66 0.24
C ALA B 60 1.92 -24.08 -0.78
N ALA B 61 1.64 -25.38 -0.91
CA ALA B 61 0.58 -25.84 -1.81
C ALA B 61 -0.82 -25.75 -1.21
N MET B 62 -0.92 -25.43 0.08
CA MET B 62 -2.22 -25.16 0.68
C MET B 62 -2.72 -23.77 0.27
N THR B 63 -4.01 -23.52 0.43
CA THR B 63 -4.51 -22.16 0.25
C THR B 63 -4.05 -21.28 1.39
N ALA B 64 -4.10 -19.97 1.15
CA ALA B 64 -3.76 -19.02 2.18
C ALA B 64 -4.60 -19.25 3.45
N MET B 65 -5.91 -19.44 3.30
CA MET B 65 -6.77 -19.56 4.46
C MET B 65 -6.51 -20.85 5.26
N GLN B 66 -6.10 -21.91 4.56
CA GLN B 66 -5.70 -23.16 5.22
C GLN B 66 -4.49 -22.97 6.12
N ARG B 67 -3.50 -22.21 5.64
CA ARG B 67 -2.32 -21.90 6.45
C ARG B 67 -2.75 -21.03 7.64
N SER B 68 -3.57 -20.03 7.35
CA SER B 68 -4.10 -19.15 8.35
C SER B 68 -4.77 -19.91 9.53
N ARG B 69 -5.64 -20.86 9.21
CA ARG B 69 -6.39 -21.62 10.22
C ARG B 69 -5.49 -22.47 11.08
N ILE B 70 -4.51 -23.10 10.43
CA ILE B 70 -3.54 -23.91 11.13
C ILE B 70 -2.71 -23.05 12.12
N LEU B 71 -2.27 -21.87 11.69
CA LEU B 71 -1.52 -20.98 12.57
C LEU B 71 -2.41 -20.45 13.71
N ARG B 72 -3.69 -20.25 13.41
CA ARG B 72 -4.65 -19.81 14.41
C ARG B 72 -4.88 -20.91 15.45
N ARG B 73 -4.84 -22.16 15.01
CA ARG B 73 -4.96 -23.29 15.92
C ARG B 73 -3.74 -23.39 16.87
N ALA B 74 -2.55 -23.10 16.35
CA ALA B 74 -1.35 -23.07 17.18
C ALA B 74 -1.47 -21.96 18.23
N VAL B 75 -1.99 -20.81 17.85
CA VAL B 75 -2.28 -19.75 18.81
C VAL B 75 -3.21 -20.22 19.94
N ASP B 76 -4.29 -20.91 19.61
CA ASP B 76 -5.22 -21.41 20.65
C ASP B 76 -4.51 -22.32 21.67
N ILE B 77 -3.67 -23.22 21.18
CA ILE B 77 -2.95 -24.13 22.04
C ILE B 77 -2.00 -23.36 22.96
N LEU B 78 -1.32 -22.37 22.39
CA LEU B 78 -0.39 -21.53 23.15
C LEU B 78 -1.13 -20.79 24.25
N ARG B 79 -2.34 -20.32 23.96
CA ARG B 79 -3.16 -19.68 24.99
C ARG B 79 -3.49 -20.69 26.10
N GLU B 80 -3.85 -21.91 25.71
CA GLU B 80 -4.15 -22.96 26.69
C GLU B 80 -2.97 -23.27 27.59
N ARG B 81 -1.79 -23.38 26.99
CA ARG B 81 -0.63 -23.88 27.73
C ARG B 81 0.28 -22.76 28.22
N ASN B 82 -0.25 -21.54 28.21
CA ASN B 82 0.50 -20.37 28.65
C ASN B 82 1.24 -20.62 29.97
N ASP B 83 0.52 -21.04 31.00
CA ASP B 83 1.12 -21.21 32.32
C ASP B 83 2.15 -22.33 32.34
N GLU B 84 1.78 -23.47 31.79
CA GLU B 84 2.70 -24.60 31.68
C GLU B 84 4.01 -24.19 30.97
N LEU B 85 3.91 -23.50 29.84
CA LEU B 85 5.09 -23.06 29.11
C LEU B 85 5.86 -21.99 29.88
N ALA B 86 5.14 -21.12 30.56
CA ALA B 86 5.79 -20.06 31.33
C ALA B 86 6.65 -20.66 32.45
N ALA B 87 6.12 -21.69 33.10
CA ALA B 87 6.86 -22.35 34.16
C ALA B 87 8.15 -22.97 33.60
N LEU B 88 8.06 -23.54 32.41
CA LEU B 88 9.21 -24.19 31.81
C LEU B 88 10.27 -23.15 31.43
N GLU B 89 9.80 -21.99 30.98
CA GLU B 89 10.69 -20.91 30.56
C GLU B 89 11.37 -20.31 31.79
N THR B 90 10.65 -20.27 32.89
CA THR B 90 11.19 -19.76 34.14
C THR B 90 12.33 -20.63 34.64
N LEU B 91 12.16 -21.94 34.55
CA LEU B 91 13.21 -22.88 34.90
C LEU B 91 14.45 -22.63 34.05
N ASP B 92 14.24 -22.44 32.76
CA ASP B 92 15.33 -22.33 31.81
C ASP B 92 15.99 -20.95 31.83
N THR B 93 15.27 -19.90 32.19
CA THR B 93 15.87 -18.58 32.06
C THR B 93 16.11 -17.91 33.41
N GLY B 94 15.44 -18.42 34.43
CA GLY B 94 15.48 -17.79 35.74
C GLY B 94 14.59 -16.57 35.83
N LYS B 95 13.89 -16.25 34.75
CA LYS B 95 12.99 -15.11 34.80
C LYS B 95 11.77 -15.39 35.70
N PRO B 96 11.35 -14.38 36.47
CA PRO B 96 10.27 -14.57 37.43
C PRO B 96 9.00 -15.07 36.75
N LEU B 97 8.28 -15.96 37.43
CA LEU B 97 7.00 -16.44 36.95
C LEU B 97 6.07 -15.27 36.64
N ALA B 98 6.17 -14.19 37.39
CA ALA B 98 5.34 -13.02 37.13
C ALA B 98 5.56 -12.46 35.72
N GLU B 99 6.75 -12.67 35.18
CA GLU B 99 7.04 -12.19 33.83
C GLU B 99 6.64 -13.22 32.76
N THR B 100 7.11 -14.44 32.91
CA THR B 100 6.90 -15.44 31.89
C THR B 100 5.41 -15.73 31.70
N ARG B 101 4.62 -15.53 32.74
CA ARG B 101 3.19 -15.85 32.67
C ARG B 101 2.38 -14.79 31.94
N SER B 102 2.92 -13.57 31.88
CA SER B 102 2.16 -12.45 31.35
C SER B 102 2.82 -11.77 30.14
N VAL B 103 4.06 -12.15 29.85
CA VAL B 103 4.77 -11.52 28.76
C VAL B 103 5.20 -12.50 27.67
N ASP B 104 6.05 -13.46 28.03
CA ASP B 104 6.75 -14.28 27.06
C ASP B 104 5.85 -14.97 26.04
N ILE B 105 4.97 -15.86 26.52
CA ILE B 105 4.10 -16.60 25.62
C ILE B 105 2.95 -15.71 25.13
N VAL B 106 2.47 -14.82 26.00
CA VAL B 106 1.40 -13.91 25.60
C VAL B 106 1.81 -13.13 24.35
N THR B 107 2.96 -12.46 24.43
CA THR B 107 3.37 -11.58 23.33
C THR B 107 3.96 -12.36 22.16
N GLY B 108 4.44 -13.57 22.43
CA GLY B 108 4.88 -14.45 21.37
C GLY B 108 3.68 -14.87 20.55
N ALA B 109 2.66 -15.40 21.23
CA ALA B 109 1.40 -15.74 20.59
C ALA B 109 0.73 -14.53 19.93
N ASP B 110 0.86 -13.34 20.51
CA ASP B 110 0.26 -12.14 19.93
C ASP B 110 0.71 -11.95 18.48
N VAL B 111 2.00 -12.18 18.25
CA VAL B 111 2.60 -11.96 16.95
C VAL B 111 2.21 -13.05 15.95
N LEU B 112 2.17 -14.30 16.41
CA LEU B 112 1.71 -15.40 15.60
C LEU B 112 0.25 -15.21 15.21
N GLU B 113 -0.56 -14.76 16.17
CA GLU B 113 -1.97 -14.48 15.94
C GLU B 113 -2.13 -13.41 14.85
N TYR B 114 -1.37 -12.33 15.01
CA TYR B 114 -1.35 -11.22 14.06
C TYR B 114 -1.03 -11.71 12.63
N TYR B 115 0.09 -12.41 12.46
CA TYR B 115 0.47 -12.91 11.13
C TYR B 115 -0.49 -13.95 10.56
N ALA B 116 -1.04 -14.80 11.41
CA ALA B 116 -2.02 -15.79 10.98
C ALA B 116 -3.16 -15.11 10.24
N GLY B 117 -3.59 -13.97 10.77
CA GLY B 117 -4.69 -13.22 10.16
C GLY B 117 -4.33 -12.62 8.81
N LEU B 118 -3.03 -12.48 8.55
CA LEU B 118 -2.58 -11.75 7.36
C LEU B 118 -2.20 -12.62 6.15
N VAL B 119 -2.24 -13.93 6.31
CA VAL B 119 -1.83 -14.80 5.20
C VAL B 119 -2.57 -14.49 3.88
N PRO B 120 -3.90 -14.30 3.94
CA PRO B 120 -4.67 -14.01 2.71
C PRO B 120 -4.42 -12.62 2.12
N ALA B 121 -3.73 -11.75 2.84
CA ALA B 121 -3.48 -10.39 2.35
C ALA B 121 -2.13 -10.17 1.67
N ILE B 122 -1.30 -11.21 1.57
CA ILE B 122 -0.02 -11.06 0.89
C ILE B 122 -0.27 -10.92 -0.62
N GLU B 123 -0.09 -9.73 -1.15
CA GLU B 123 -0.42 -9.47 -2.54
C GLU B 123 0.77 -8.95 -3.33
N GLY B 124 0.76 -9.22 -4.64
CA GLY B 124 1.68 -8.56 -5.54
C GLY B 124 1.04 -7.34 -6.21
N GLU B 125 1.71 -6.83 -7.24
CA GLU B 125 1.27 -5.62 -7.94
C GLU B 125 0.93 -5.94 -9.40
N GLN B 126 0.17 -5.05 -10.02
CA GLN B 126 -0.06 -5.10 -11.45
C GLN B 126 0.16 -3.72 -12.02
N ILE B 127 0.93 -3.63 -13.10
CA ILE B 127 1.28 -2.36 -13.70
C ILE B 127 1.07 -2.40 -15.21
N PRO B 128 0.14 -1.58 -15.71
CA PRO B 128 -0.04 -1.47 -17.16
C PRO B 128 1.14 -0.72 -17.76
N LEU B 129 1.71 -1.22 -18.85
CA LEU B 129 2.77 -0.49 -19.56
C LEU B 129 2.18 0.22 -20.76
N ARG B 130 1.26 -0.46 -21.43
CA ARG B 130 0.62 0.07 -22.63
C ARG B 130 -0.49 -0.90 -22.97
N GLU B 131 -1.24 -0.62 -24.02
CA GLU B 131 -2.37 -1.47 -24.36
C GLU B 131 -1.93 -2.91 -24.56
N THR B 132 -0.78 -3.11 -25.21
CA THR B 132 -0.34 -4.46 -25.57
C THR B 132 0.62 -5.13 -24.56
N SER B 133 0.75 -4.58 -23.35
CA SER B 133 1.64 -5.19 -22.39
C SER B 133 1.42 -4.68 -20.97
N PHE B 134 1.51 -5.59 -20.02
CA PHE B 134 1.43 -5.26 -18.60
C PHE B 134 2.33 -6.17 -17.80
N VAL B 135 2.62 -5.78 -16.57
CA VAL B 135 3.36 -6.65 -15.68
C VAL B 135 2.60 -6.90 -14.39
N TYR B 136 2.86 -8.04 -13.77
CA TYR B 136 2.37 -8.32 -12.45
C TYR B 136 3.48 -8.96 -11.65
N THR B 137 3.45 -8.75 -10.34
CA THR B 137 4.48 -9.34 -9.49
C THR B 137 3.84 -10.39 -8.62
N ARG B 138 4.66 -11.36 -8.27
CA ARG B 138 4.29 -12.39 -7.33
C ARG B 138 5.18 -12.26 -6.12
N ARG B 139 4.58 -12.48 -4.95
CA ARG B 139 5.36 -12.54 -3.73
C ARG B 139 5.44 -13.99 -3.35
N GLU B 140 6.53 -14.62 -3.76
CA GLU B 140 6.70 -16.05 -3.62
C GLU B 140 7.48 -16.33 -2.35
N PRO B 141 7.25 -17.49 -1.74
CA PRO B 141 8.05 -17.84 -0.56
C PRO B 141 9.53 -17.92 -0.93
N LEU B 142 10.39 -17.59 0.03
CA LEU B 142 11.81 -17.81 -0.08
C LEU B 142 12.14 -19.30 -0.14
N GLY B 143 11.40 -20.10 0.62
CA GLY B 143 11.61 -21.54 0.66
C GLY B 143 11.98 -21.96 2.05
N VAL B 144 13.24 -22.32 2.25
CA VAL B 144 13.71 -22.74 3.57
C VAL B 144 14.51 -21.62 4.22
N VAL B 145 14.12 -21.23 5.43
CA VAL B 145 14.85 -20.20 6.14
C VAL B 145 15.34 -20.75 7.49
N ALA B 146 16.27 -20.03 8.11
CA ALA B 146 16.77 -20.41 9.42
C ALA B 146 16.62 -19.25 10.38
N GLY B 147 16.15 -19.56 11.58
CA GLY B 147 16.18 -18.62 12.68
C GLY B 147 17.15 -19.05 13.76
N ILE B 148 17.81 -18.07 14.35
CA ILE B 148 18.76 -18.32 15.41
C ILE B 148 18.34 -17.45 16.59
N GLY B 149 17.96 -18.08 17.69
CA GLY B 149 17.36 -17.35 18.80
C GLY B 149 18.36 -16.88 19.84
N ALA B 150 17.95 -15.92 20.65
CA ALA B 150 18.75 -15.47 21.78
C ALA B 150 18.21 -16.07 23.08
N TRP B 151 18.98 -15.96 24.16
CA TRP B 151 18.61 -16.63 25.40
C TRP B 151 17.72 -15.86 26.38
N ASN B 152 17.48 -14.58 26.11
CA ASN B 152 16.74 -13.77 27.08
C ASN B 152 15.21 -13.98 27.01
N TYR B 153 14.71 -14.25 25.81
CA TYR B 153 13.28 -14.49 25.59
C TYR B 153 13.10 -15.64 24.60
N PRO B 154 13.45 -16.85 25.02
CA PRO B 154 13.59 -17.98 24.09
C PRO B 154 12.35 -18.30 23.26
N VAL B 155 11.21 -18.49 23.89
CA VAL B 155 10.02 -18.90 23.15
C VAL B 155 9.41 -17.73 22.39
N GLN B 156 9.44 -16.54 22.98
CA GLN B 156 8.93 -15.34 22.31
C GLN B 156 9.68 -15.11 21.01
N ILE B 157 11.01 -15.15 21.09
CA ILE B 157 11.81 -14.96 19.88
C ILE B 157 11.56 -16.04 18.83
N ALA B 158 11.48 -17.31 19.26
CA ALA B 158 11.14 -18.38 18.32
C ALA B 158 9.82 -18.08 17.61
N LEU B 159 8.85 -17.56 18.37
CA LEU B 159 7.57 -17.19 17.79
C LEU B 159 7.65 -15.97 16.83
N TRP B 160 8.38 -14.94 17.24
CA TRP B 160 8.52 -13.73 16.44
C TRP B 160 9.21 -14.00 15.10
N LYS B 161 10.07 -15.01 15.08
CA LYS B 161 10.76 -15.36 13.86
C LYS B 161 9.93 -16.32 13.02
N SER B 162 9.49 -17.42 13.63
CA SER B 162 8.76 -18.44 12.88
C SER B 162 7.41 -17.95 12.34
N ALA B 163 6.76 -17.03 13.05
CA ALA B 163 5.40 -16.62 12.63
C ALA B 163 5.36 -15.95 11.24
N PRO B 164 6.17 -14.90 11.05
CA PRO B 164 6.15 -14.27 9.72
C PRO B 164 6.67 -15.25 8.66
N ALA B 165 7.68 -16.04 9.01
CA ALA B 165 8.26 -16.97 8.05
C ALA B 165 7.23 -17.97 7.55
N LEU B 166 6.54 -18.61 8.49
CA LEU B 166 5.53 -19.59 8.15
C LEU B 166 4.32 -18.94 7.48
N ALA B 167 3.89 -17.79 8.00
CA ALA B 167 2.77 -17.05 7.40
C ALA B 167 3.02 -16.78 5.91
N ALA B 168 4.28 -16.52 5.56
CA ALA B 168 4.64 -16.23 4.20
C ALA B 168 4.95 -17.48 3.39
N GLY B 169 4.65 -18.65 3.97
CA GLY B 169 4.72 -19.90 3.24
C GLY B 169 6.10 -20.55 3.18
N ASN B 170 6.99 -20.16 4.08
CA ASN B 170 8.32 -20.78 4.17
C ASN B 170 8.34 -21.85 5.25
N ALA B 171 9.38 -22.69 5.23
CA ALA B 171 9.66 -23.54 6.37
C ALA B 171 10.84 -22.90 7.07
N MET B 172 10.90 -23.08 8.38
CA MET B 172 11.99 -22.53 9.15
C MET B 172 12.67 -23.63 9.96
N ILE B 173 14.00 -23.67 9.88
CA ILE B 173 14.79 -24.46 10.82
C ILE B 173 15.26 -23.52 11.92
N PHE B 174 14.93 -23.85 13.16
CA PHE B 174 15.21 -22.96 14.28
C PHE B 174 16.27 -23.54 15.23
N LYS B 175 17.24 -22.71 15.60
CA LYS B 175 18.22 -23.09 16.62
C LYS B 175 18.10 -22.20 17.86
N PRO B 176 17.57 -22.75 18.96
CA PRO B 176 17.56 -21.94 20.18
C PRO B 176 18.98 -21.79 20.67
N SER B 177 19.22 -20.82 21.54
CA SER B 177 20.50 -20.74 22.24
C SER B 177 20.70 -21.99 23.07
N GLU B 178 21.93 -22.50 23.09
CA GLU B 178 22.29 -23.66 23.91
C GLU B 178 22.03 -23.36 25.38
N VAL B 179 22.07 -22.08 25.72
CA VAL B 179 21.74 -21.67 27.07
C VAL B 179 20.26 -21.86 27.36
N THR B 180 19.37 -21.88 26.38
CA THR B 180 17.94 -22.05 26.68
C THR B 180 17.18 -22.81 25.59
N PRO B 181 17.39 -24.13 25.53
CA PRO B 181 16.90 -24.97 24.44
C PRO B 181 15.49 -25.51 24.61
N LEU B 182 14.96 -25.45 25.83
CA LEU B 182 13.80 -26.27 26.16
C LEU B 182 12.49 -25.85 25.50
N THR B 183 12.12 -24.57 25.60
CA THR B 183 10.79 -24.20 25.13
C THR B 183 10.61 -24.26 23.61
N ALA B 184 11.69 -24.07 22.85
CA ALA B 184 11.60 -24.14 21.39
C ALA B 184 11.17 -25.54 20.94
N LEU B 185 11.60 -26.56 21.68
CA LEU B 185 11.19 -27.94 21.37
C LEU B 185 9.70 -28.09 21.63
N LYS B 186 9.20 -27.42 22.65
CA LYS B 186 7.78 -27.45 22.96
C LYS B 186 7.01 -26.77 21.86
N LEU B 187 7.51 -25.62 21.41
CA LEU B 187 6.85 -24.90 20.33
C LEU B 187 6.72 -25.79 19.08
N ALA B 188 7.76 -26.57 18.77
CA ALA B 188 7.75 -27.47 17.61
C ALA B 188 6.65 -28.53 17.72
N GLU B 189 6.48 -29.08 18.92
CA GLU B 189 5.43 -30.04 19.21
C GLU B 189 4.07 -29.42 18.95
N ILE B 190 3.92 -28.18 19.41
CA ILE B 190 2.65 -27.46 19.31
C ILE B 190 2.27 -27.20 17.85
N TYR B 191 3.23 -26.75 17.06
CA TYR B 191 2.97 -26.52 15.64
C TYR B 191 2.48 -27.81 14.99
N THR B 192 3.15 -28.91 15.30
CA THR B 192 2.77 -30.20 14.74
C THR B 192 1.34 -30.53 15.17
N GLU B 193 1.05 -30.31 16.45
CA GLU B 193 -0.27 -30.55 16.98
C GLU B 193 -1.35 -29.69 16.29
N ALA B 194 -0.97 -28.46 15.94
CA ALA B 194 -1.89 -27.54 15.28
C ALA B 194 -2.16 -27.90 13.81
N GLY B 195 -1.34 -28.78 13.26
CA GLY B 195 -1.51 -29.22 11.88
C GLY B 195 -0.44 -28.69 10.94
N VAL B 196 0.58 -28.02 11.47
CA VAL B 196 1.71 -27.61 10.63
C VAL B 196 2.37 -28.86 10.06
N PRO B 197 2.55 -28.91 8.74
CA PRO B 197 3.13 -30.09 8.09
C PRO B 197 4.53 -30.44 8.61
N ASP B 198 4.85 -31.73 8.60
CA ASP B 198 6.16 -32.20 9.02
C ASP B 198 7.25 -31.50 8.21
N GLY B 199 8.28 -31.04 8.92
CA GLY B 199 9.40 -30.38 8.27
C GLY B 199 9.28 -28.86 8.21
N VAL B 200 8.11 -28.33 8.52
CA VAL B 200 7.92 -26.89 8.31
C VAL B 200 8.52 -26.08 9.44
N PHE B 201 8.46 -26.63 10.65
CA PHE B 201 9.22 -26.05 11.75
C PHE B 201 10.05 -27.13 12.42
N ASN B 202 11.34 -27.18 12.07
CA ASN B 202 12.28 -28.10 12.71
C ASN B 202 13.17 -27.38 13.71
N VAL B 203 13.56 -28.06 14.78
CA VAL B 203 14.42 -27.47 15.78
C VAL B 203 15.74 -28.23 15.93
N LEU B 204 16.85 -27.53 15.73
CA LEU B 204 18.17 -28.13 15.90
C LEU B 204 18.85 -27.55 17.14
N THR B 205 19.26 -28.41 18.06
CA THR B 205 19.95 -27.96 19.27
C THR B 205 21.47 -28.04 19.10
N GLY B 206 22.17 -27.09 19.73
CA GLY B 206 23.61 -26.98 19.64
C GLY B 206 24.01 -25.55 20.00
N SER B 207 25.15 -25.08 19.50
CA SER B 207 25.61 -23.74 19.83
C SER B 207 26.06 -23.00 18.58
N GLY B 208 26.45 -21.74 18.76
CA GLY B 208 26.94 -20.96 17.64
C GLY B 208 28.31 -21.45 17.20
N ARG B 209 28.93 -22.31 18.00
CA ARG B 209 30.24 -22.84 17.68
C ARG B 209 30.16 -23.96 16.64
N GLU B 210 28.94 -24.37 16.32
CA GLU B 210 28.71 -25.42 15.35
C GLU B 210 27.38 -25.25 14.64
N VAL B 211 26.37 -25.96 15.08
CA VAL B 211 25.13 -25.93 14.35
C VAL B 211 24.73 -24.55 13.87
N GLY B 212 24.95 -23.54 14.68
CA GLY B 212 24.72 -22.17 14.24
C GLY B 212 25.42 -21.83 12.93
N GLN B 213 26.71 -22.14 12.87
N GLN B 213 26.72 -22.10 12.84
CA GLN B 213 27.54 -21.86 11.69
CA GLN B 213 27.44 -21.78 11.62
C GLN B 213 27.11 -22.71 10.51
C GLN B 213 27.16 -22.73 10.46
N TRP B 214 26.78 -23.96 10.78
CA TRP B 214 26.37 -24.89 9.72
C TRP B 214 25.10 -24.39 9.05
N LEU B 215 24.20 -23.82 9.84
CA LEU B 215 22.98 -23.20 9.33
C LEU B 215 23.24 -21.96 8.45
N THR B 216 24.05 -21.03 8.94
CA THR B 216 24.30 -19.80 8.18
C THR B 216 25.02 -20.07 6.86
N GLU B 217 25.74 -21.17 6.82
CA GLU B 217 26.52 -21.50 5.62
C GLU B 217 25.81 -22.39 4.61
N HIS B 218 24.69 -23.00 5.00
CA HIS B 218 24.09 -24.01 4.14
C HIS B 218 23.59 -23.38 2.83
N PRO B 219 23.98 -23.97 1.69
CA PRO B 219 23.62 -23.48 0.36
C PRO B 219 22.11 -23.46 0.08
N LEU B 220 21.33 -24.32 0.72
CA LEU B 220 19.91 -24.41 0.39
C LEU B 220 19.04 -23.54 1.29
N ILE B 221 19.64 -22.92 2.29
CA ILE B 221 18.92 -21.99 3.15
C ILE B 221 18.93 -20.60 2.51
N GLU B 222 17.75 -20.01 2.35
CA GLU B 222 17.61 -18.78 1.57
C GLU B 222 17.69 -17.51 2.41
N LYS B 223 17.44 -17.63 3.71
CA LYS B 223 17.43 -16.47 4.60
C LYS B 223 17.83 -16.84 6.02
N ILE B 224 18.52 -15.91 6.67
CA ILE B 224 18.87 -16.08 8.08
C ILE B 224 18.19 -14.98 8.87
N SER B 225 17.51 -15.36 9.95
CA SER B 225 17.01 -14.37 10.89
C SER B 225 17.71 -14.60 12.21
N PHE B 226 18.36 -13.56 12.70
CA PHE B 226 19.28 -13.69 13.82
C PHE B 226 18.98 -12.63 14.86
N THR B 227 18.96 -13.06 16.12
CA THR B 227 18.89 -12.16 17.25
C THR B 227 20.05 -12.49 18.19
N GLY B 228 20.81 -11.46 18.56
CA GLY B 228 21.98 -11.62 19.42
C GLY B 228 22.85 -10.37 19.44
N GLY B 229 24.07 -10.51 19.94
CA GLY B 229 24.98 -9.38 20.06
C GLY B 229 25.51 -8.90 18.73
N THR B 230 25.85 -7.61 18.66
CA THR B 230 26.33 -6.99 17.42
C THR B 230 27.57 -7.68 16.86
N SER B 231 28.46 -8.07 17.76
CA SER B 231 29.71 -8.70 17.36
C SER B 231 29.47 -10.06 16.70
N THR B 232 28.61 -10.88 17.30
CA THR B 232 28.20 -12.14 16.70
C THR B 232 27.46 -11.88 15.39
N GLY B 233 26.55 -10.91 15.39
CA GLY B 233 25.81 -10.56 14.19
C GLY B 233 26.69 -10.30 12.98
N LYS B 234 27.76 -9.54 13.19
CA LYS B 234 28.70 -9.26 12.10
C LYS B 234 29.28 -10.54 11.51
N LYS B 235 29.58 -11.51 12.36
CA LYS B 235 30.09 -12.80 11.91
C LYS B 235 29.01 -13.54 11.15
N VAL B 236 27.83 -13.62 11.75
CA VAL B 236 26.74 -14.36 11.14
C VAL B 236 26.46 -13.82 9.76
N MET B 237 26.22 -12.52 9.68
CA MET B 237 25.86 -11.90 8.41
C MET B 237 26.94 -12.07 7.34
N ALA B 238 28.21 -12.02 7.75
CA ALA B 238 29.31 -12.28 6.82
C ALA B 238 29.28 -13.69 6.26
N SER B 239 29.03 -14.66 7.13
CA SER B 239 28.99 -16.06 6.70
C SER B 239 27.77 -16.27 5.81
N ALA B 240 26.65 -15.66 6.19
CA ALA B 240 25.43 -15.76 5.41
C ALA B 240 25.61 -15.18 4.02
N SER B 241 26.37 -14.10 3.95
CA SER B 241 26.63 -13.38 2.70
C SER B 241 27.54 -14.18 1.79
N SER B 242 28.73 -14.50 2.29
CA SER B 242 29.78 -15.06 1.46
C SER B 242 29.48 -16.50 1.04
N SER B 243 28.72 -17.22 1.85
CA SER B 243 28.43 -18.62 1.55
C SER B 243 27.51 -18.81 0.34
N SER B 244 26.38 -18.09 0.32
CA SER B 244 25.40 -18.31 -0.74
C SER B 244 24.49 -17.10 -0.95
N LEU B 245 24.92 -15.94 -0.45
CA LEU B 245 24.19 -14.69 -0.63
C LEU B 245 22.80 -14.74 -0.05
N LYS B 246 22.66 -15.17 1.19
CA LYS B 246 21.35 -15.26 1.84
C LYS B 246 20.78 -13.88 2.12
N GLU B 247 19.47 -13.78 2.19
CA GLU B 247 18.83 -12.60 2.76
C GLU B 247 19.03 -12.71 4.28
N VAL B 248 19.07 -11.58 4.98
CA VAL B 248 19.22 -11.61 6.43
C VAL B 248 18.38 -10.56 7.15
N THR B 249 17.93 -10.92 8.35
CA THR B 249 17.40 -9.98 9.31
C THR B 249 18.26 -10.13 10.55
N MET B 250 18.73 -9.01 11.10
CA MET B 250 19.54 -9.00 12.31
C MET B 250 18.93 -8.10 13.37
N GLU B 251 18.53 -8.67 14.49
CA GLU B 251 18.19 -7.87 15.66
C GLU B 251 19.35 -7.99 16.64
N LEU B 252 20.10 -6.90 16.82
CA LEU B 252 21.34 -6.96 17.60
C LEU B 252 21.31 -6.14 18.90
N GLY B 253 22.47 -5.67 19.34
CA GLY B 253 22.57 -4.99 20.62
C GLY B 253 22.21 -3.52 20.59
N GLY B 254 22.18 -2.91 21.77
CA GLY B 254 21.95 -1.48 21.86
C GLY B 254 22.59 -0.85 23.07
N LYS B 255 22.71 0.48 23.04
CA LYS B 255 22.97 1.25 24.25
C LYS B 255 21.99 2.41 24.22
N SER B 256 20.70 2.08 24.32
CA SER B 256 19.64 3.03 24.01
C SER B 256 19.52 4.15 25.04
N PRO B 257 19.40 5.40 24.55
CA PRO B 257 19.25 6.60 25.38
C PRO B 257 17.81 6.86 25.80
N LEU B 258 17.61 7.17 27.07
CA LEU B 258 16.36 7.71 27.56
C LEU B 258 16.59 9.15 28.05
N ILE B 259 16.07 10.12 27.30
CA ILE B 259 16.24 11.52 27.69
C ILE B 259 15.06 12.02 28.50
N ILE B 260 15.33 12.40 29.75
N ILE B 260 15.32 12.40 29.75
CA ILE B 260 14.32 13.01 30.61
CA ILE B 260 14.29 13.00 30.58
C ILE B 260 14.45 14.52 30.52
C ILE B 260 14.42 14.51 30.55
N PHE B 261 13.48 15.16 29.89
CA PHE B 261 13.49 16.63 29.78
C PHE B 261 12.95 17.28 31.06
N PRO B 262 13.39 18.53 31.32
CA PRO B 262 13.09 19.24 32.58
C PRO B 262 11.59 19.39 32.92
N ASP B 263 10.71 19.21 31.95
CA ASP B 263 9.29 19.42 32.21
C ASP B 263 8.58 18.10 32.56
N ALA B 264 9.36 17.04 32.67
CA ALA B 264 8.80 15.70 32.87
C ALA B 264 8.32 15.47 34.29
N ASP B 265 7.27 14.68 34.43
CA ASP B 265 6.86 14.17 35.72
C ASP B 265 7.95 13.21 36.19
N LEU B 266 8.64 13.55 37.27
CA LEU B 266 9.77 12.73 37.73
C LEU B 266 9.36 11.36 38.26
N ASP B 267 8.14 11.24 38.75
CA ASP B 267 7.63 9.94 39.17
C ASP B 267 7.46 9.03 37.94
N ARG B 268 6.91 9.57 36.86
CA ARG B 268 6.79 8.82 35.61
C ARG B 268 8.17 8.51 35.04
N ALA B 269 9.01 9.53 34.98
CA ALA B 269 10.39 9.40 34.51
C ALA B 269 11.15 8.34 35.29
N ALA B 270 11.02 8.35 36.61
CA ALA B 270 11.64 7.33 37.45
C ALA B 270 11.09 5.94 37.10
N ASP B 271 9.76 5.85 37.01
CA ASP B 271 9.08 4.61 36.64
C ASP B 271 9.57 4.05 35.32
N ILE B 272 9.67 4.91 34.31
CA ILE B 272 10.16 4.53 33.00
C ILE B 272 11.61 4.05 33.07
N ALA B 273 12.44 4.78 33.81
CA ALA B 273 13.84 4.41 33.93
C ALA B 273 14.04 3.05 34.59
N VAL B 274 13.29 2.75 35.64
CA VAL B 274 13.47 1.46 36.31
C VAL B 274 12.99 0.33 35.42
N MET B 275 11.86 0.54 34.75
CA MET B 275 11.35 -0.45 33.81
C MET B 275 12.35 -0.66 32.68
N ALA B 276 12.95 0.43 32.22
CA ALA B 276 13.84 0.36 31.06
C ALA B 276 15.19 -0.24 31.43
N ASN B 277 15.39 -0.52 32.71
CA ASN B 277 16.66 -1.07 33.16
C ASN B 277 16.61 -2.41 33.89
N PHE B 278 15.51 -2.70 34.57
CA PHE B 278 15.50 -3.86 35.46
C PHE B 278 14.49 -4.97 35.16
N PHE B 279 13.59 -4.73 34.21
CA PHE B 279 12.70 -5.80 33.77
C PHE B 279 13.57 -6.94 33.22
N SER B 280 13.13 -8.18 33.43
CA SER B 280 13.95 -9.34 33.08
C SER B 280 15.41 -9.19 33.55
N SER B 281 15.58 -8.57 34.72
CA SER B 281 16.90 -8.40 35.34
C SER B 281 17.91 -7.74 34.39
N GLY B 282 17.42 -6.81 33.59
CA GLY B 282 18.27 -6.01 32.72
C GLY B 282 18.69 -6.72 31.46
N GLN B 283 18.08 -7.87 31.19
CA GLN B 283 18.42 -8.66 30.01
C GLN B 283 17.44 -8.40 28.84
N VAL B 284 17.31 -7.13 28.49
CA VAL B 284 16.48 -6.72 27.36
C VAL B 284 17.32 -5.86 26.40
N CYS B 285 17.33 -6.26 25.13
N CYS B 285 17.34 -6.24 25.13
CA CYS B 285 18.13 -5.59 24.10
CA CYS B 285 18.18 -5.56 24.15
C CYS B 285 17.80 -4.11 23.96
C CYS B 285 17.81 -4.08 24.01
N THR B 286 16.52 -3.78 24.11
CA THR B 286 16.04 -2.42 23.91
C THR B 286 16.11 -1.57 25.18
N ASN B 287 16.78 -2.09 26.20
CA ASN B 287 16.85 -1.38 27.48
C ASN B 287 17.45 0.02 27.40
N GLY B 288 16.89 0.93 28.18
CA GLY B 288 17.33 2.32 28.20
C GLY B 288 18.44 2.54 29.21
N THR B 289 19.64 2.07 28.86
CA THR B 289 20.73 1.97 29.82
C THR B 289 21.54 3.25 30.01
N ARG B 290 21.32 4.24 29.14
CA ARG B 290 21.90 5.56 29.35
C ARG B 290 20.75 6.52 29.64
N VAL B 291 20.64 6.92 30.89
CA VAL B 291 19.55 7.80 31.30
C VAL B 291 20.02 9.23 31.51
N PHE B 292 19.66 10.11 30.57
CA PHE B 292 20.01 11.52 30.65
C PHE B 292 19.02 12.31 31.50
N ILE B 293 19.53 12.97 32.53
CA ILE B 293 18.71 13.84 33.36
C ILE B 293 19.29 15.24 33.35
N HIS B 294 18.43 16.25 33.37
CA HIS B 294 18.94 17.61 33.42
C HIS B 294 19.56 17.92 34.79
N ARG B 295 20.62 18.71 34.78
CA ARG B 295 21.35 19.02 36.01
C ARG B 295 20.45 19.58 37.12
N SER B 296 19.48 20.41 36.74
CA SER B 296 18.58 21.01 37.72
C SER B 296 17.77 19.94 38.46
N GLN B 297 17.65 18.76 37.86
CA GLN B 297 16.74 17.75 38.39
C GLN B 297 17.44 16.50 38.89
N GLN B 298 18.77 16.49 38.80
CA GLN B 298 19.54 15.29 39.12
C GLN B 298 19.29 14.79 40.54
N ALA B 299 19.25 15.70 41.50
CA ALA B 299 19.08 15.31 42.89
C ALA B 299 17.73 14.63 43.11
N ARG B 300 16.70 15.27 42.62
CA ARG B 300 15.35 14.78 42.76
C ARG B 300 15.13 13.43 42.09
N PHE B 301 15.61 13.30 40.87
CA PHE B 301 15.46 12.09 40.07
C PHE B 301 16.18 10.90 40.70
N GLU B 302 17.37 11.14 41.22
CA GLU B 302 18.15 10.06 41.84
C GLU B 302 17.45 9.51 43.08
N ALA B 303 16.75 10.38 43.80
CA ALA B 303 16.00 9.95 44.98
C ALA B 303 14.79 9.10 44.58
N LYS B 304 14.05 9.54 43.58
CA LYS B 304 12.91 8.75 43.12
C LYS B 304 13.34 7.39 42.53
N VAL B 305 14.50 7.37 41.87
CA VAL B 305 15.03 6.13 41.33
C VAL B 305 15.41 5.19 42.47
N LEU B 306 16.20 5.74 43.40
CA LEU B 306 16.59 5.04 44.61
C LEU B 306 15.39 4.41 45.34
N GLU B 307 14.33 5.19 45.53
CA GLU B 307 13.14 4.71 46.24
C GLU B 307 12.50 3.50 45.56
N ARG B 308 12.42 3.54 44.23
CA ARG B 308 11.86 2.42 43.48
C ARG B 308 12.80 1.21 43.55
N VAL B 309 14.08 1.44 43.27
CA VAL B 309 15.05 0.35 43.27
C VAL B 309 15.06 -0.39 44.61
N GLN B 310 15.00 0.36 45.70
CA GLN B 310 15.03 -0.21 47.04
C GLN B 310 13.96 -1.22 47.25
N ARG B 311 12.81 -0.98 46.67
CA ARG B 311 11.66 -1.83 46.91
C ARG B 311 11.49 -2.90 45.83
N ILE B 312 12.51 -3.11 45.01
CA ILE B 312 12.50 -4.20 44.04
C ILE B 312 12.54 -5.52 44.79
N ARG B 313 11.72 -6.48 44.36
CA ARG B 313 11.63 -7.74 45.08
C ARG B 313 12.45 -8.86 44.44
N LEU B 314 13.76 -8.81 44.67
CA LEU B 314 14.66 -9.84 44.19
C LEU B 314 14.37 -11.14 44.94
N GLY B 315 14.35 -12.25 44.22
CA GLY B 315 14.05 -13.52 44.85
C GLY B 315 13.92 -14.71 43.91
N ASP B 316 13.54 -15.83 44.50
CA ASP B 316 13.27 -17.07 43.78
C ASP B 316 12.18 -16.85 42.70
N PRO B 317 12.53 -17.05 41.43
CA PRO B 317 11.65 -16.84 40.27
C PRO B 317 10.37 -17.65 40.36
N GLN B 318 10.36 -18.72 41.15
CA GLN B 318 9.18 -19.58 41.31
C GLN B 318 8.13 -18.92 42.20
N ASP B 319 8.54 -17.95 43.01
CA ASP B 319 7.62 -17.25 43.90
C ASP B 319 6.93 -16.13 43.13
N GLU B 320 5.59 -16.13 43.17
CA GLU B 320 4.79 -15.19 42.39
C GLU B 320 5.06 -13.75 42.76
N ASN B 321 5.53 -13.52 43.97
CA ASN B 321 5.82 -12.17 44.43
C ASN B 321 7.17 -11.63 43.95
N THR B 322 7.98 -12.49 43.35
CA THR B 322 9.27 -12.07 42.83
C THR B 322 9.06 -11.29 41.53
N ASN B 323 9.72 -10.15 41.42
CA ASN B 323 9.69 -9.38 40.19
C ASN B 323 11.09 -9.06 39.66
N PHE B 324 12.08 -9.78 40.18
CA PHE B 324 13.47 -9.62 39.75
C PHE B 324 14.24 -10.91 40.02
N GLY B 325 14.53 -11.66 38.96
CA GLY B 325 15.18 -12.96 39.11
C GLY B 325 16.69 -12.91 38.99
N PRO B 326 17.33 -14.08 38.99
CA PRO B 326 18.78 -14.14 38.75
C PRO B 326 19.05 -13.85 37.28
N LEU B 327 20.30 -13.93 36.85
CA LEU B 327 20.63 -13.79 35.44
C LEU B 327 20.47 -15.14 34.73
N VAL B 328 20.53 -15.13 33.40
CA VAL B 328 20.27 -16.34 32.63
C VAL B 328 21.29 -17.45 32.89
N SER B 329 22.52 -17.07 33.19
CA SER B 329 23.62 -18.02 33.38
C SER B 329 24.72 -17.45 34.25
N PHE B 330 25.49 -18.34 34.87
CA PHE B 330 26.60 -17.92 35.73
C PHE B 330 27.71 -17.20 34.95
N PRO B 331 28.07 -17.71 33.76
CA PRO B 331 29.04 -16.99 32.92
C PRO B 331 28.54 -15.60 32.56
N HIS B 332 27.24 -15.45 32.34
CA HIS B 332 26.73 -14.13 32.03
C HIS B 332 26.81 -13.20 33.24
N MET B 333 26.60 -13.77 34.43
CA MET B 333 26.78 -13.03 35.67
C MET B 333 28.21 -12.54 35.83
N GLU B 334 29.17 -13.39 35.49
CA GLU B 334 30.56 -13.01 35.59
C GLU B 334 30.85 -11.83 34.67
N SER B 335 30.27 -11.88 33.48
CA SER B 335 30.47 -10.80 32.52
C SER B 335 29.93 -9.48 33.07
N VAL B 336 28.75 -9.55 33.67
CA VAL B 336 28.09 -8.36 34.20
C VAL B 336 28.88 -7.76 35.37
N LEU B 337 29.28 -8.60 36.31
CA LEU B 337 30.07 -8.15 37.45
C LEU B 337 31.34 -7.46 36.98
N GLY B 338 31.96 -8.04 35.96
CA GLY B 338 33.10 -7.41 35.30
C GLY B 338 32.82 -5.97 34.96
N TYR B 339 31.70 -5.72 34.25
CA TYR B 339 31.33 -4.35 33.90
C TYR B 339 31.13 -3.49 35.12
N ILE B 340 30.46 -4.02 36.15
CA ILE B 340 30.23 -3.25 37.36
C ILE B 340 31.55 -2.86 38.02
N GLU B 341 32.53 -3.72 37.90
CA GLU B 341 33.85 -3.49 38.43
C GLU B 341 34.47 -2.37 37.68
N SER B 342 34.26 -2.37 36.38
CA SER B 342 34.76 -1.33 35.49
C SER B 342 34.19 0.00 35.91
N GLY B 343 32.90 0.00 36.25
CA GLY B 343 32.23 1.22 36.67
C GLY B 343 32.87 1.80 37.90
N LYS B 344 33.02 0.97 38.92
CA LYS B 344 33.68 1.40 40.14
C LYS B 344 35.07 1.91 39.80
N ALA B 345 35.84 1.10 39.05
CA ALA B 345 37.21 1.45 38.72
C ALA B 345 37.36 2.78 37.98
N GLN B 346 36.36 3.13 37.17
CA GLN B 346 36.42 4.39 36.44
C GLN B 346 35.73 5.52 37.20
N LYS B 347 35.45 5.29 38.47
CA LYS B 347 35.06 6.35 39.40
C LYS B 347 33.64 6.89 39.23
N ALA B 348 32.75 6.11 38.64
CA ALA B 348 31.36 6.50 38.60
C ALA B 348 30.79 6.31 40.00
N ARG B 349 29.84 7.14 40.40
CA ARG B 349 29.27 7.02 41.73
C ARG B 349 28.21 5.91 41.82
N LEU B 350 28.51 4.90 42.63
CA LEU B 350 27.58 3.80 42.85
C LEU B 350 26.43 4.25 43.76
N LEU B 351 25.23 4.26 43.20
CA LEU B 351 24.04 4.67 43.93
C LEU B 351 23.33 3.46 44.54
N CYS B 352 23.37 2.33 43.83
CA CYS B 352 22.57 1.15 44.18
C CYS B 352 23.26 -0.14 43.79
N GLY B 353 23.16 -1.14 44.66
CA GLY B 353 23.67 -2.47 44.37
C GLY B 353 25.14 -2.50 44.00
N GLY B 354 25.47 -3.14 42.90
CA GLY B 354 26.84 -3.19 42.44
C GLY B 354 27.55 -4.46 42.83
N GLU B 355 26.80 -5.46 43.29
CA GLU B 355 27.40 -6.72 43.67
C GLU B 355 26.50 -7.93 43.46
N ARG B 356 27.09 -9.11 43.58
CA ARG B 356 26.36 -10.36 43.56
C ARG B 356 25.63 -10.60 44.88
N VAL B 357 24.39 -11.07 44.81
CA VAL B 357 23.62 -11.36 46.00
C VAL B 357 23.81 -12.83 46.40
N THR B 358 24.40 -13.06 47.57
CA THR B 358 24.78 -14.40 47.99
C THR B 358 24.15 -14.89 49.30
N ASP B 359 23.37 -14.04 49.96
CA ASP B 359 22.69 -14.44 51.18
C ASP B 359 21.89 -15.71 50.99
N GLY B 360 21.93 -16.59 51.98
CA GLY B 360 21.12 -17.79 51.97
C GLY B 360 21.08 -18.50 50.64
N ALA B 361 19.88 -18.85 50.19
CA ALA B 361 19.73 -19.66 48.98
C ALA B 361 20.25 -18.98 47.71
N PHE B 362 20.40 -17.66 47.77
CA PHE B 362 20.83 -16.90 46.59
C PHE B 362 22.24 -17.26 46.14
N GLY B 363 23.08 -17.66 47.09
CA GLY B 363 24.43 -18.07 46.78
C GLY B 363 24.52 -19.23 45.79
N LYS B 364 23.43 -19.98 45.65
CA LYS B 364 23.41 -21.11 44.73
C LYS B 364 22.90 -20.69 43.34
N GLY B 365 22.44 -19.45 43.23
CA GLY B 365 21.97 -18.95 41.95
C GLY B 365 22.92 -17.91 41.41
N ALA B 366 22.56 -17.33 40.26
CA ALA B 366 23.37 -16.30 39.64
C ALA B 366 22.72 -14.93 39.80
N TYR B 367 22.60 -14.47 41.03
CA TYR B 367 21.93 -13.19 41.30
C TYR B 367 22.87 -11.99 41.35
N VAL B 368 22.53 -10.96 40.58
CA VAL B 368 23.23 -9.69 40.60
C VAL B 368 22.24 -8.61 41.04
N ALA B 369 22.60 -7.84 42.06
CA ALA B 369 21.72 -6.81 42.59
C ALA B 369 21.40 -5.75 41.55
N PRO B 370 20.19 -5.19 41.61
CA PRO B 370 19.87 -4.04 40.75
C PRO B 370 20.87 -2.91 41.00
N THR B 371 21.56 -2.51 39.94
CA THR B 371 22.68 -1.59 40.08
C THR B 371 22.42 -0.27 39.35
N VAL B 372 22.68 0.83 40.04
CA VAL B 372 22.57 2.15 39.45
C VAL B 372 23.85 2.97 39.66
N PHE B 373 24.43 3.41 38.54
CA PHE B 373 25.57 4.30 38.59
C PHE B 373 25.09 5.69 38.22
N THR B 374 25.67 6.70 38.85
CA THR B 374 25.41 8.07 38.45
C THR B 374 26.72 8.84 38.33
N ASP B 375 26.65 10.13 38.03
CA ASP B 375 27.85 10.91 37.74
C ASP B 375 28.68 10.27 36.64
N CYS B 376 28.02 9.61 35.70
CA CYS B 376 28.73 8.94 34.61
C CYS B 376 29.23 9.91 33.55
N ARG B 377 30.19 9.46 32.75
CA ARG B 377 30.69 10.25 31.63
C ARG B 377 30.70 9.40 30.38
N ASP B 378 30.65 10.04 29.22
CA ASP B 378 30.47 9.34 27.96
C ASP B 378 31.60 8.39 27.59
N ASP B 379 32.78 8.60 28.16
CA ASP B 379 33.93 7.77 27.82
C ASP B 379 34.11 6.57 28.75
N MET B 380 33.25 6.45 29.75
CA MET B 380 33.29 5.28 30.62
C MET B 380 32.87 4.02 29.85
N THR B 381 33.48 2.90 30.20
CA THR B 381 33.16 1.62 29.57
C THR B 381 31.71 1.24 29.81
N ILE B 382 31.22 1.43 31.02
CA ILE B 382 29.82 1.08 31.32
C ILE B 382 28.86 1.94 30.52
N VAL B 383 29.36 3.02 29.94
CA VAL B 383 28.50 3.93 29.20
C VAL B 383 28.55 3.65 27.70
N ARG B 384 29.70 3.22 27.20
CA ARG B 384 29.84 2.93 25.77
C ARG B 384 29.41 1.52 25.42
N GLU B 385 29.60 0.58 26.34
CA GLU B 385 29.40 -0.82 26.02
C GLU B 385 28.11 -1.37 26.61
N GLU B 386 27.48 -2.25 25.85
CA GLU B 386 26.28 -2.94 26.29
C GLU B 386 26.61 -3.90 27.39
N ILE B 387 25.90 -3.84 28.49
CA ILE B 387 26.16 -4.70 29.62
C ILE B 387 25.21 -5.88 29.62
N PHE B 388 23.96 -5.61 29.23
CA PHE B 388 22.94 -6.64 29.17
C PHE B 388 22.71 -7.26 30.54
N GLY B 389 22.70 -6.40 31.56
CA GLY B 389 22.40 -6.80 32.91
C GLY B 389 21.79 -5.62 33.64
N PRO B 390 21.55 -5.78 34.95
CA PRO B 390 20.87 -4.75 35.73
C PRO B 390 21.80 -3.56 36.04
N VAL B 391 22.17 -2.78 35.04
CA VAL B 391 23.06 -1.65 35.26
C VAL B 391 22.63 -0.38 34.51
N MET B 392 22.04 0.56 35.24
CA MET B 392 21.63 1.84 34.72
C MET B 392 22.73 2.88 34.90
N SER B 393 23.05 3.63 33.84
CA SER B 393 23.98 4.75 33.94
C SER B 393 23.25 6.07 33.82
N ILE B 394 23.31 6.89 34.86
CA ILE B 394 22.66 8.20 34.84
C ILE B 394 23.66 9.28 34.42
N LEU B 395 23.30 10.05 33.39
CA LEU B 395 24.17 11.09 32.84
C LEU B 395 23.49 12.46 32.90
N VAL B 396 24.19 13.43 33.47
CA VAL B 396 23.69 14.79 33.58
C VAL B 396 23.92 15.53 32.26
N TYR B 397 22.99 16.40 31.88
CA TYR B 397 23.19 17.29 30.75
C TYR B 397 22.64 18.68 31.05
N ASP B 398 22.91 19.65 30.18
CA ASP B 398 22.54 21.03 30.45
C ASP B 398 21.51 21.61 29.48
N ASP B 399 21.65 21.32 28.20
CA ASP B 399 20.65 21.76 27.23
C ASP B 399 20.17 20.65 26.29
N GLU B 400 19.06 20.90 25.62
CA GLU B 400 18.38 19.90 24.80
C GLU B 400 19.27 19.39 23.67
N ASP B 401 19.93 20.30 22.95
CA ASP B 401 20.74 19.89 21.80
C ASP B 401 21.90 18.98 22.20
N GLU B 402 22.48 19.27 23.36
CA GLU B 402 23.60 18.48 23.88
C GLU B 402 23.14 17.06 24.19
N ALA B 403 22.04 16.93 24.92
CA ALA B 403 21.51 15.62 25.25
C ALA B 403 21.29 14.76 24.01
N ILE B 404 20.71 15.35 22.98
CA ILE B 404 20.41 14.64 21.74
C ILE B 404 21.69 14.26 21.01
N ARG B 405 22.62 15.22 20.92
CA ARG B 405 23.91 14.97 20.31
C ARG B 405 24.62 13.78 20.98
N ARG B 406 24.57 13.74 22.31
CA ARG B 406 25.20 12.66 23.06
C ARG B 406 24.43 11.36 22.93
N ALA B 407 23.10 11.45 22.97
CA ALA B 407 22.27 10.28 22.80
C ALA B 407 22.63 9.58 21.49
N ASN B 408 22.90 10.38 20.45
CA ASN B 408 23.20 9.85 19.13
C ASN B 408 24.63 9.38 18.94
N ASP B 409 25.53 9.80 19.83
CA ASP B 409 26.95 9.53 19.71
C ASP B 409 27.29 8.10 20.15
N THR B 410 26.99 7.15 19.27
CA THR B 410 27.17 5.72 19.56
C THR B 410 27.07 5.00 18.23
N GLU B 411 27.70 3.83 18.15
CA GLU B 411 27.57 3.00 16.94
C GLU B 411 26.26 2.23 17.00
N TYR B 412 25.65 2.21 18.17
CA TYR B 412 24.35 1.57 18.37
C TYR B 412 23.19 2.44 17.89
N GLY B 413 22.01 1.84 17.74
CA GLY B 413 20.81 2.56 17.33
C GLY B 413 19.54 1.73 17.39
N LEU B 414 19.40 0.94 18.46
CA LEU B 414 18.23 0.08 18.59
C LEU B 414 16.99 0.87 19.02
N ALA B 415 17.03 1.46 20.20
CA ALA B 415 15.88 2.23 20.69
C ALA B 415 16.28 3.60 21.21
N ALA B 416 15.28 4.40 21.52
CA ALA B 416 15.49 5.68 22.18
C ALA B 416 14.14 6.14 22.69
N GLY B 417 14.16 6.91 23.76
CA GLY B 417 12.92 7.40 24.34
C GLY B 417 13.10 8.80 24.89
N VAL B 418 12.00 9.55 24.95
CA VAL B 418 12.02 10.85 25.60
C VAL B 418 10.83 10.94 26.54
N VAL B 419 11.03 11.60 27.67
CA VAL B 419 9.96 11.86 28.62
C VAL B 419 9.76 13.36 28.72
N THR B 420 8.56 13.80 28.36
CA THR B 420 8.24 15.23 28.30
C THR B 420 6.76 15.43 28.04
N GLN B 421 6.19 16.49 28.62
CA GLN B 421 4.77 16.79 28.44
C GLN B 421 4.52 17.76 27.29
N ASP B 422 5.61 18.32 26.76
CA ASP B 422 5.48 19.32 25.70
C ASP B 422 5.28 18.69 24.33
N LEU B 423 4.20 19.06 23.65
CA LEU B 423 3.86 18.49 22.34
C LEU B 423 4.99 18.62 21.33
N ALA B 424 5.52 19.84 21.20
CA ALA B 424 6.54 20.13 20.19
C ALA B 424 7.83 19.38 20.45
N ARG B 425 8.32 19.48 21.69
CA ARG B 425 9.60 18.86 22.06
C ARG B 425 9.61 17.35 21.92
N ALA B 426 8.49 16.72 22.26
CA ALA B 426 8.37 15.27 22.16
C ALA B 426 8.67 14.80 20.74
N HIS B 427 7.98 15.38 19.76
CA HIS B 427 8.16 14.95 18.36
C HIS B 427 9.48 15.45 17.77
N ARG B 428 9.83 16.70 18.04
N ARG B 428 9.82 16.70 18.05
CA ARG B 428 11.04 17.31 17.50
CA ARG B 428 11.03 17.33 17.55
C ARG B 428 12.26 16.46 17.87
C ARG B 428 12.26 16.51 17.89
N ALA B 429 12.32 16.07 19.14
CA ALA B 429 13.44 15.32 19.67
C ALA B 429 13.46 13.90 19.15
N ILE B 430 12.31 13.25 19.14
CA ILE B 430 12.21 11.86 18.70
C ILE B 430 12.60 11.76 17.23
N HIS B 431 12.31 12.79 16.45
CA HIS B 431 12.65 12.74 15.03
C HIS B 431 14.16 12.88 14.79
N ARG B 432 14.87 13.40 15.78
CA ARG B 432 16.29 13.64 15.65
C ARG B 432 17.12 12.53 16.27
N LEU B 433 16.46 11.59 16.96
CA LEU B 433 17.15 10.48 17.59
C LEU B 433 17.34 9.33 16.61
N GLU B 434 18.58 8.90 16.43
CA GLU B 434 18.90 7.90 15.43
C GLU B 434 18.70 6.47 15.93
N ALA B 435 17.44 6.07 16.06
CA ALA B 435 17.10 4.74 16.52
C ALA B 435 15.84 4.26 15.83
N GLY B 436 15.72 2.95 15.66
CA GLY B 436 14.60 2.38 14.94
C GLY B 436 13.35 2.21 15.79
N ILE B 437 13.51 2.24 17.10
CA ILE B 437 12.40 2.05 18.04
C ILE B 437 12.35 3.21 19.01
N CYS B 438 11.33 4.06 18.88
CA CYS B 438 11.28 5.30 19.65
C CYS B 438 10.03 5.40 20.52
N TRP B 439 10.24 5.71 21.80
CA TRP B 439 9.14 5.78 22.74
C TRP B 439 9.01 7.17 23.31
N ILE B 440 7.78 7.69 23.31
CA ILE B 440 7.45 8.95 23.99
C ILE B 440 6.61 8.70 25.24
N ASN B 441 7.21 8.96 26.40
CA ASN B 441 6.51 8.87 27.67
C ASN B 441 6.17 7.46 28.08
N THR B 442 6.96 6.51 27.61
CA THR B 442 6.75 5.11 27.95
C THR B 442 8.02 4.34 27.60
N TRP B 443 8.00 3.04 27.81
CA TRP B 443 9.14 2.21 27.43
C TRP B 443 8.79 0.75 27.36
N GLY B 444 9.35 0.07 26.37
CA GLY B 444 9.37 -1.38 26.31
C GLY B 444 8.20 -2.06 25.62
N GLU B 445 7.10 -1.35 25.42
CA GLU B 445 5.95 -1.95 24.74
C GLU B 445 6.26 -2.14 23.26
N SER B 446 5.98 -3.34 22.76
CA SER B 446 6.36 -3.71 21.40
C SER B 446 5.23 -4.46 20.71
N PRO B 447 4.19 -3.72 20.29
CA PRO B 447 2.98 -4.30 19.68
C PRO B 447 3.27 -5.07 18.40
N ALA B 448 2.42 -6.04 18.07
CA ALA B 448 2.68 -6.89 16.92
C ALA B 448 2.61 -6.07 15.62
N GLU B 449 1.91 -4.95 15.67
CA GLU B 449 1.71 -4.06 14.53
C GLU B 449 2.91 -3.14 14.26
N MET B 450 3.82 -3.04 15.23
CA MET B 450 4.90 -2.04 15.15
C MET B 450 6.24 -2.63 14.70
N PRO B 451 6.69 -2.25 13.50
CA PRO B 451 7.98 -2.75 12.99
C PRO B 451 9.10 -2.39 13.96
N VAL B 452 9.91 -3.35 14.38
CA VAL B 452 11.00 -3.05 15.30
C VAL B 452 12.35 -3.61 14.83
N GLY B 453 13.39 -2.80 15.00
CA GLY B 453 14.74 -3.20 14.64
C GLY B 453 15.65 -1.99 14.73
N GLY B 454 16.93 -2.19 14.45
CA GLY B 454 17.93 -1.18 14.75
C GLY B 454 18.47 -0.35 13.61
N TYR B 455 18.79 0.90 13.92
CA TYR B 455 19.64 1.73 13.08
C TYR B 455 21.09 1.30 13.26
N LYS B 456 21.95 1.67 12.30
CA LYS B 456 23.39 1.47 12.41
C LYS B 456 23.78 0.01 12.70
N GLN B 457 24.58 -0.20 13.75
CA GLN B 457 25.10 -1.53 14.03
C GLN B 457 24.20 -2.30 14.98
N SER B 458 23.01 -1.75 15.23
CA SER B 458 22.03 -2.42 16.09
C SER B 458 21.10 -3.34 15.30
N GLY B 459 21.22 -3.36 13.98
CA GLY B 459 20.44 -4.30 13.20
C GLY B 459 20.38 -4.12 11.69
N VAL B 460 19.74 -5.08 11.04
CA VAL B 460 19.47 -5.03 9.61
C VAL B 460 18.07 -5.62 9.46
N GLY B 461 17.19 -4.89 8.81
CA GLY B 461 15.81 -5.33 8.66
C GLY B 461 14.97 -5.11 9.90
N ARG B 462 13.77 -5.65 9.89
CA ARG B 462 12.81 -5.40 10.96
C ARG B 462 12.05 -6.68 11.29
N GLU B 463 11.44 -6.69 12.48
CA GLU B 463 10.53 -7.75 12.90
C GLU B 463 9.19 -7.12 13.29
N ASN B 464 8.12 -7.88 13.17
CA ASN B 464 6.76 -7.40 13.42
C ASN B 464 6.26 -6.38 12.38
N GLY B 465 4.98 -6.03 12.46
CA GLY B 465 4.36 -5.12 11.52
C GLY B 465 4.14 -5.74 10.14
N LEU B 466 3.47 -5.02 9.26
CA LEU B 466 3.22 -5.47 7.89
C LEU B 466 4.52 -5.68 7.09
N THR B 467 5.46 -4.75 7.22
CA THR B 467 6.63 -4.78 6.39
C THR B 467 7.43 -6.09 6.53
N THR B 468 7.45 -6.64 7.72
CA THR B 468 8.26 -7.82 7.99
C THR B 468 7.73 -9.02 7.21
N LEU B 469 6.40 -9.10 7.07
CA LEU B 469 5.76 -10.20 6.35
C LEU B 469 6.20 -10.19 4.89
N ALA B 470 6.27 -8.98 4.33
CA ALA B 470 6.72 -8.84 2.94
C ALA B 470 8.14 -9.38 2.77
N HIS B 471 8.99 -9.11 3.77
CA HIS B 471 10.39 -9.53 3.71
C HIS B 471 10.62 -11.04 3.91
N TYR B 472 9.56 -11.81 4.11
CA TYR B 472 9.71 -13.26 4.06
C TYR B 472 9.20 -13.82 2.73
N THR B 473 9.13 -12.96 1.71
CA THR B 473 8.84 -13.39 0.35
C THR B 473 9.89 -12.75 -0.56
N ARG B 474 10.05 -13.31 -1.75
CA ARG B 474 10.88 -12.71 -2.80
C ARG B 474 9.95 -12.27 -3.91
N ILE B 475 10.31 -11.19 -4.57
CA ILE B 475 9.52 -10.66 -5.66
C ILE B 475 9.91 -11.26 -7.01
N LYS B 476 8.93 -11.79 -7.73
CA LYS B 476 9.13 -12.14 -9.13
C LYS B 476 8.30 -11.17 -9.96
N SER B 477 8.92 -10.49 -10.93
CA SER B 477 8.16 -9.67 -11.88
C SER B 477 7.91 -10.43 -13.18
N VAL B 478 6.67 -10.41 -13.63
CA VAL B 478 6.27 -11.05 -14.88
C VAL B 478 5.82 -10.00 -15.87
N GLN B 479 6.50 -9.89 -17.01
CA GLN B 479 6.01 -9.02 -18.06
C GLN B 479 5.33 -9.86 -19.11
N VAL B 480 4.06 -9.56 -19.35
CA VAL B 480 3.28 -10.20 -20.38
C VAL B 480 3.26 -9.31 -21.62
N GLU B 481 3.79 -9.81 -22.72
CA GLU B 481 3.74 -9.10 -23.99
C GLU B 481 2.62 -9.67 -24.85
N LEU B 482 1.60 -8.85 -25.12
CA LEU B 482 0.43 -9.27 -25.92
C LEU B 482 0.52 -8.84 -27.38
N GLY B 483 1.48 -7.98 -27.71
CA GLY B 483 1.59 -7.44 -29.05
C GLY B 483 2.79 -7.97 -29.81
N ASP B 484 3.30 -7.20 -30.76
CA ASP B 484 4.44 -7.63 -31.56
C ASP B 484 5.75 -7.55 -30.81
N TYR B 485 6.74 -8.30 -31.26
CA TYR B 485 8.08 -8.17 -30.70
C TYR B 485 9.05 -7.67 -31.75
N ALA B 486 9.84 -6.67 -31.40
CA ALA B 486 10.73 -6.04 -32.36
C ALA B 486 12.18 -6.40 -32.07
N SER B 487 12.89 -6.86 -33.09
CA SER B 487 14.31 -7.14 -33.00
C SER B 487 15.08 -6.15 -33.87
N VAL B 488 16.27 -5.75 -33.42
CA VAL B 488 17.11 -4.86 -34.21
C VAL B 488 17.90 -5.65 -35.25
N PHE B 489 17.93 -6.96 -35.10
CA PHE B 489 18.74 -7.82 -35.96
C PHE B 489 17.92 -8.46 -37.09
N ALA C 1 -48.25 -21.46 10.69
CA ALA C 1 -46.94 -21.33 10.06
C ALA C 1 -45.99 -22.41 10.58
N ARG C 2 -44.95 -22.68 9.81
CA ARG C 2 -43.99 -23.69 10.23
C ARG C 2 -43.24 -23.24 11.48
N PHE C 3 -42.88 -21.97 11.54
CA PHE C 3 -42.14 -21.43 12.69
C PHE C 3 -42.97 -20.41 13.46
N GLU C 4 -42.57 -20.14 14.69
CA GLU C 4 -43.20 -19.13 15.50
C GLU C 4 -42.93 -17.75 14.90
N GLU C 5 -43.70 -16.76 15.34
CA GLU C 5 -43.58 -15.41 14.80
C GLU C 5 -42.19 -14.81 15.00
N GLN C 6 -41.64 -14.24 13.94
CA GLN C 6 -40.29 -13.66 13.98
C GLN C 6 -40.33 -12.18 14.37
N LYS C 7 -39.58 -11.85 15.41
CA LYS C 7 -39.56 -10.50 15.96
C LYS C 7 -38.31 -9.76 15.51
N LEU C 8 -38.26 -8.47 15.82
CA LEU C 8 -37.09 -7.65 15.51
C LEU C 8 -35.93 -8.08 16.40
N TYR C 9 -34.70 -7.84 15.94
CA TYR C 9 -33.54 -8.14 16.76
C TYR C 9 -32.76 -6.85 17.04
N ILE C 10 -32.89 -6.33 18.26
CA ILE C 10 -32.24 -5.09 18.66
C ILE C 10 -31.55 -5.25 20.01
N GLY C 11 -30.30 -4.82 20.08
CA GLY C 11 -29.57 -4.84 21.32
C GLY C 11 -29.37 -6.22 21.94
N GLY C 12 -29.06 -7.20 21.10
CA GLY C 12 -28.59 -8.47 21.61
C GLY C 12 -29.69 -9.44 21.94
N ARG C 13 -30.89 -9.16 21.46
CA ARG C 13 -32.04 -9.99 21.74
C ARG C 13 -33.21 -9.65 20.85
N TYR C 14 -34.24 -10.46 20.86
CA TYR C 14 -35.47 -10.22 20.13
C TYR C 14 -36.38 -9.24 20.87
N VAL C 15 -36.92 -8.25 20.17
CA VAL C 15 -37.89 -7.32 20.77
C VAL C 15 -39.12 -7.15 19.89
N GLU C 16 -40.26 -6.90 20.52
CA GLU C 16 -41.51 -6.70 19.80
C GLU C 16 -41.48 -5.41 19.00
N ALA C 17 -41.89 -5.49 17.75
CA ALA C 17 -42.04 -4.29 16.93
C ALA C 17 -43.18 -3.47 17.49
N SER C 18 -43.30 -2.24 17.04
CA SER C 18 -44.36 -1.37 17.52
C SER C 18 -45.20 -0.87 16.36
N SER C 19 -45.39 -1.72 15.37
CA SER C 19 -46.11 -1.33 14.17
C SER C 19 -47.54 -1.85 14.19
N GLY C 20 -47.76 -2.93 14.93
CA GLY C 20 -49.04 -3.62 14.91
C GLY C 20 -49.23 -4.46 13.65
N ALA C 21 -48.18 -4.59 12.86
CA ALA C 21 -48.30 -5.31 11.59
C ALA C 21 -47.25 -6.41 11.39
N THR C 22 -47.62 -7.40 10.58
CA THR C 22 -46.73 -8.49 10.19
C THR C 22 -46.88 -8.81 8.70
N PHE C 23 -45.96 -9.60 8.16
CA PHE C 23 -46.13 -10.18 6.83
C PHE C 23 -45.76 -11.65 6.92
N GLU C 24 -46.01 -12.40 5.85
CA GLU C 24 -45.65 -13.81 5.85
C GLU C 24 -44.49 -14.08 4.91
N THR C 25 -43.65 -15.03 5.26
CA THR C 25 -42.64 -15.52 4.34
C THR C 25 -43.04 -16.93 3.87
N ILE C 26 -42.93 -17.18 2.57
CA ILE C 26 -43.51 -18.37 1.95
C ILE C 26 -42.46 -19.28 1.40
N ASN C 27 -42.58 -20.57 1.61
CA ASN C 27 -41.70 -21.49 0.89
C ASN C 27 -42.13 -21.58 -0.57
N PRO C 28 -41.25 -21.15 -1.50
CA PRO C 28 -41.56 -21.15 -2.95
C PRO C 28 -41.72 -22.55 -3.54
N ALA C 29 -41.26 -23.57 -2.83
CA ALA C 29 -41.31 -24.93 -3.35
C ALA C 29 -42.73 -25.47 -3.25
N ASN C 30 -43.49 -25.05 -2.24
CA ASN C 30 -44.82 -25.62 -2.01
C ASN C 30 -45.88 -24.61 -1.55
N GLY C 31 -45.51 -23.34 -1.48
CA GLY C 31 -46.42 -22.28 -1.06
C GLY C 31 -46.74 -22.25 0.43
N GLU C 32 -46.06 -23.10 1.18
CA GLU C 32 -46.22 -23.17 2.62
C GLU C 32 -45.84 -21.87 3.34
N VAL C 33 -46.60 -21.51 4.38
CA VAL C 33 -46.30 -20.35 5.21
C VAL C 33 -45.21 -20.70 6.23
N LEU C 34 -44.02 -20.15 6.06
CA LEU C 34 -42.93 -20.45 6.99
C LEU C 34 -43.06 -19.70 8.30
N ALA C 35 -43.43 -18.43 8.26
CA ALA C 35 -43.51 -17.64 9.48
C ALA C 35 -44.24 -16.33 9.28
N LYS C 36 -44.91 -15.87 10.33
CA LYS C 36 -45.33 -14.47 10.43
C LYS C 36 -44.08 -13.71 10.85
N VAL C 37 -43.91 -12.52 10.29
CA VAL C 37 -42.73 -11.73 10.57
C VAL C 37 -43.17 -10.31 10.86
N GLN C 38 -42.62 -9.71 11.90
CA GLN C 38 -43.02 -8.36 12.31
C GLN C 38 -42.49 -7.26 11.39
N ARG C 39 -43.29 -6.22 11.19
CA ARG C 39 -42.85 -5.05 10.42
C ARG C 39 -42.33 -3.99 11.38
N ALA C 40 -41.12 -3.52 11.15
CA ALA C 40 -40.57 -2.47 11.99
C ALA C 40 -41.29 -1.16 11.71
N SER C 41 -41.62 -0.43 12.77
CA SER C 41 -42.19 0.91 12.63
C SER C 41 -41.06 1.93 12.55
N ARG C 42 -41.39 3.17 12.28
CA ARG C 42 -40.49 4.29 12.33
C ARG C 42 -39.80 4.46 13.69
N GLU C 43 -40.52 4.18 14.72
N GLU C 43 -40.53 4.18 14.70
CA GLU C 43 -39.96 4.29 16.06
CA GLU C 43 -40.01 4.28 16.05
C GLU C 43 -39.02 3.12 16.36
C GLU C 43 -39.02 3.14 16.34
N ASP C 44 -39.30 1.96 15.79
CA ASP C 44 -38.41 0.81 15.93
C ASP C 44 -37.07 1.12 15.27
N VAL C 45 -37.12 1.82 14.13
CA VAL C 45 -35.91 2.26 13.45
C VAL C 45 -35.12 3.16 14.37
N GLU C 46 -35.80 4.13 14.96
CA GLU C 46 -35.16 5.05 15.90
C GLU C 46 -34.58 4.26 17.07
N ARG C 47 -35.30 3.23 17.50
CA ARG C 47 -34.80 2.42 18.61
C ARG C 47 -33.52 1.68 18.21
N ALA C 48 -33.50 1.16 16.97
CA ALA C 48 -32.34 0.40 16.50
C ALA C 48 -31.12 1.30 16.26
N VAL C 49 -31.37 2.54 15.84
CA VAL C 49 -30.27 3.48 15.67
C VAL C 49 -29.63 3.82 17.02
N GLN C 50 -30.44 4.10 18.02
CA GLN C 50 -29.89 4.47 19.34
C GLN C 50 -29.11 3.29 19.91
N SER C 51 -29.66 2.08 19.73
CA SER C 51 -28.98 0.87 20.14
C SER C 51 -27.62 0.75 19.45
N ALA C 52 -27.62 0.96 18.13
CA ALA C 52 -26.40 0.85 17.34
C ALA C 52 -25.38 1.89 17.77
N VAL C 53 -25.83 3.10 18.05
CA VAL C 53 -24.92 4.17 18.45
C VAL C 53 -24.18 3.76 19.71
N GLU C 54 -24.91 3.19 20.67
CA GLU C 54 -24.28 2.81 21.93
C GLU C 54 -23.38 1.58 21.78
N GLY C 55 -23.85 0.58 21.03
CA GLY C 55 -23.08 -0.62 20.80
C GLY C 55 -21.79 -0.31 20.06
N GLN C 56 -21.86 0.59 19.09
CA GLN C 56 -20.68 0.96 18.32
C GLN C 56 -19.57 1.49 19.24
N LYS C 57 -19.96 2.27 20.24
CA LYS C 57 -18.97 2.80 21.19
C LYS C 57 -18.23 1.68 21.93
N VAL C 58 -18.97 0.69 22.42
CA VAL C 58 -18.36 -0.46 23.08
C VAL C 58 -17.44 -1.22 22.13
N TRP C 59 -17.93 -1.46 20.91
CA TRP C 59 -17.20 -2.22 19.89
C TRP C 59 -15.89 -1.52 19.52
N ALA C 60 -15.94 -0.21 19.31
CA ALA C 60 -14.76 0.53 18.88
C ALA C 60 -13.76 0.70 20.01
N ALA C 61 -14.20 0.56 21.26
CA ALA C 61 -13.31 0.77 22.38
C ALA C 61 -12.42 -0.45 22.65
N MET C 62 -12.90 -1.60 22.23
CA MET C 62 -12.15 -2.81 22.27
C MET C 62 -10.95 -2.54 21.45
N THR C 63 -9.96 -3.34 21.63
CA THR C 63 -8.80 -3.32 20.72
C THR C 63 -9.04 -4.04 19.36
N ALA C 64 -8.09 -3.94 18.42
CA ALA C 64 -8.23 -4.60 17.13
C ALA C 64 -8.29 -6.13 17.28
N MET C 65 -7.38 -6.70 18.07
CA MET C 65 -7.33 -8.15 18.23
C MET C 65 -8.56 -8.71 18.98
N GLN C 66 -9.10 -7.94 19.91
CA GLN C 66 -10.36 -8.34 20.56
C GLN C 66 -11.52 -8.48 19.58
N ARG C 67 -11.67 -7.52 18.68
CA ARG C 67 -12.69 -7.57 17.65
C ARG C 67 -12.42 -8.75 16.71
N SER C 68 -11.17 -8.89 16.29
CA SER C 68 -10.76 -9.99 15.43
C SER C 68 -11.14 -11.36 16.04
N ARG C 69 -10.91 -11.52 17.34
CA ARG C 69 -11.23 -12.78 18.01
C ARG C 69 -12.73 -13.06 18.06
N ILE C 70 -13.52 -12.03 18.27
CA ILE C 70 -14.95 -12.21 18.33
C ILE C 70 -15.51 -12.59 16.96
N LEU C 71 -15.04 -11.90 15.92
CA LEU C 71 -15.45 -12.25 14.57
C LEU C 71 -15.03 -13.68 14.19
N ARG C 72 -13.85 -14.11 14.64
CA ARG C 72 -13.36 -15.46 14.36
C ARG C 72 -14.25 -16.52 15.05
N ARG C 73 -14.71 -16.20 16.26
CA ARG C 73 -15.61 -17.05 17.00
C ARG C 73 -16.95 -17.18 16.23
N ALA C 74 -17.39 -16.08 15.63
CA ALA C 74 -18.59 -16.10 14.81
C ALA C 74 -18.40 -17.03 13.60
N VAL C 75 -17.22 -16.97 13.00
CA VAL C 75 -16.90 -17.88 11.91
C VAL C 75 -17.03 -19.33 12.37
N ASP C 76 -16.42 -19.65 13.52
CA ASP C 76 -16.47 -21.03 14.05
C ASP C 76 -17.92 -21.53 14.23
N ILE C 77 -18.80 -20.67 14.74
CA ILE C 77 -20.19 -21.05 14.94
C ILE C 77 -20.86 -21.31 13.59
N LEU C 78 -20.58 -20.44 12.62
CA LEU C 78 -21.11 -20.59 11.26
C LEU C 78 -20.67 -21.92 10.62
N ARG C 79 -19.41 -22.30 10.78
CA ARG C 79 -18.94 -23.57 10.24
C ARG C 79 -19.69 -24.72 10.90
N GLU C 80 -19.89 -24.64 12.22
CA GLU C 80 -20.60 -25.68 12.96
C GLU C 80 -22.03 -25.81 12.44
N ARG C 81 -22.68 -24.68 12.19
CA ARG C 81 -24.11 -24.70 11.91
C ARG C 81 -24.43 -24.61 10.41
N ASN C 82 -23.41 -24.75 9.59
CA ASN C 82 -23.54 -24.69 8.14
C ASN C 82 -24.81 -25.37 7.59
N ASP C 83 -24.97 -26.65 7.92
CA ASP C 83 -26.05 -27.48 7.42
C ASP C 83 -27.43 -27.04 7.90
N GLU C 84 -27.50 -26.70 9.18
CA GLU C 84 -28.75 -26.24 9.77
C GLU C 84 -29.13 -24.90 9.12
N LEU C 85 -28.14 -24.03 8.89
CA LEU C 85 -28.41 -22.75 8.26
C LEU C 85 -28.78 -22.92 6.79
N ALA C 86 -28.10 -23.83 6.10
CA ALA C 86 -28.41 -24.13 4.70
C ALA C 86 -29.87 -24.58 4.57
N ALA C 87 -30.29 -25.49 5.46
CA ALA C 87 -31.66 -26.00 5.45
C ALA C 87 -32.66 -24.86 5.55
N LEU C 88 -32.36 -23.89 6.40
CA LEU C 88 -33.26 -22.77 6.60
C LEU C 88 -33.26 -21.88 5.36
N GLU C 89 -32.09 -21.66 4.77
CA GLU C 89 -31.97 -20.86 3.56
C GLU C 89 -32.72 -21.50 2.38
N THR C 90 -32.60 -22.83 2.23
CA THR C 90 -33.37 -23.57 1.25
C THR C 90 -34.91 -23.40 1.41
N LEU C 91 -35.41 -23.53 2.64
CA LEU C 91 -36.82 -23.29 2.89
C LEU C 91 -37.20 -21.88 2.42
N ASP C 92 -36.38 -20.91 2.78
CA ASP C 92 -36.71 -19.51 2.56
C ASP C 92 -36.50 -19.08 1.10
N THR C 93 -35.62 -19.72 0.36
CA THR C 93 -35.31 -19.22 -0.99
C THR C 93 -35.75 -20.18 -2.05
N GLY C 94 -35.88 -21.45 -1.70
CA GLY C 94 -36.16 -22.48 -2.68
C GLY C 94 -34.91 -23.05 -3.34
N LYS C 95 -33.76 -22.47 -3.03
CA LYS C 95 -32.52 -22.96 -3.62
C LYS C 95 -32.21 -24.37 -3.11
N PRO C 96 -31.67 -25.21 -4.00
CA PRO C 96 -31.33 -26.58 -3.61
C PRO C 96 -30.36 -26.64 -2.44
N LEU C 97 -30.60 -27.61 -1.55
CA LEU C 97 -29.71 -27.94 -0.44
C LEU C 97 -28.28 -28.11 -0.96
N ALA C 98 -28.14 -28.76 -2.12
CA ALA C 98 -26.81 -29.00 -2.67
C ALA C 98 -26.06 -27.68 -2.89
N GLU C 99 -26.80 -26.59 -3.10
CA GLU C 99 -26.17 -25.27 -3.22
C GLU C 99 -26.00 -24.61 -1.85
N THR C 100 -27.06 -24.58 -1.06
CA THR C 100 -27.00 -23.89 0.21
C THR C 100 -25.98 -24.49 1.20
N ARG C 101 -25.75 -25.80 1.15
CA ARG C 101 -24.83 -26.44 2.09
C ARG C 101 -23.38 -26.18 1.73
N SER C 102 -23.13 -25.78 0.49
CA SER C 102 -21.76 -25.72 -0.02
C SER C 102 -21.33 -24.34 -0.50
N VAL C 103 -22.29 -23.45 -0.71
CA VAL C 103 -22.00 -22.09 -1.18
C VAL C 103 -22.39 -20.98 -0.20
N ASP C 104 -23.67 -20.85 0.09
CA ASP C 104 -24.19 -19.67 0.81
C ASP C 104 -23.50 -19.36 2.14
N ILE C 105 -23.47 -20.33 3.04
CA ILE C 105 -22.87 -20.07 4.33
C ILE C 105 -21.35 -20.22 4.22
N VAL C 106 -20.90 -21.17 3.41
CA VAL C 106 -19.47 -21.37 3.23
C VAL C 106 -18.77 -20.09 2.79
N THR C 107 -19.33 -19.44 1.77
CA THR C 107 -18.67 -18.28 1.17
C THR C 107 -19.01 -17.00 1.90
N GLY C 108 -20.15 -16.99 2.58
CA GLY C 108 -20.47 -15.89 3.50
C GLY C 108 -19.47 -15.90 4.65
N ALA C 109 -19.29 -17.06 5.26
CA ALA C 109 -18.34 -17.21 6.34
C ALA C 109 -16.88 -16.99 5.86
N ASP C 110 -16.55 -17.44 4.66
CA ASP C 110 -15.21 -17.15 4.08
C ASP C 110 -14.85 -15.66 4.16
N VAL C 111 -15.83 -14.80 3.91
CA VAL C 111 -15.59 -13.37 3.83
C VAL C 111 -15.45 -12.80 5.23
N LEU C 112 -16.26 -13.31 6.17
CA LEU C 112 -16.17 -12.86 7.56
C LEU C 112 -14.81 -13.27 8.11
N GLU C 113 -14.37 -14.49 7.76
CA GLU C 113 -13.09 -15.02 8.20
C GLU C 113 -11.93 -14.18 7.67
N TYR C 114 -12.01 -13.80 6.41
CA TYR C 114 -11.02 -12.92 5.78
C TYR C 114 -10.89 -11.60 6.53
N TYR C 115 -12.01 -10.92 6.74
CA TYR C 115 -11.96 -9.62 7.40
C TYR C 115 -11.60 -9.72 8.89
N ALA C 116 -12.07 -10.75 9.57
CA ALA C 116 -11.68 -10.98 10.96
C ALA C 116 -10.16 -10.90 11.08
N GLY C 117 -9.46 -11.56 10.17
CA GLY C 117 -8.02 -11.55 10.19
C GLY C 117 -7.38 -10.21 9.92
N LEU C 118 -8.11 -9.30 9.26
CA LEU C 118 -7.50 -8.06 8.83
C LEU C 118 -7.72 -6.89 9.78
N VAL C 119 -8.49 -7.10 10.85
CA VAL C 119 -8.79 -5.96 11.73
C VAL C 119 -7.52 -5.22 12.23
N PRO C 120 -6.46 -5.96 12.59
CA PRO C 120 -5.27 -5.27 13.10
C PRO C 120 -4.43 -4.61 12.00
N ALA C 121 -4.80 -4.82 10.74
CA ALA C 121 -4.03 -4.28 9.62
C ALA C 121 -4.59 -2.97 9.08
N ILE C 122 -5.66 -2.46 9.66
CA ILE C 122 -6.22 -1.18 9.19
C ILE C 122 -5.36 -0.02 9.70
N GLU C 123 -4.70 0.68 8.79
CA GLU C 123 -3.74 1.68 9.20
C GLU C 123 -3.94 2.98 8.43
N GLY C 124 -3.58 4.09 9.06
CA GLY C 124 -3.50 5.35 8.36
C GLY C 124 -2.11 5.61 7.82
N GLU C 125 -1.85 6.85 7.38
CA GLU C 125 -0.58 7.26 6.78
C GLU C 125 0.14 8.31 7.62
N GLN C 126 1.42 8.49 7.35
CA GLN C 126 2.20 9.54 8.00
C GLN C 126 3.02 10.25 6.95
N ILE C 127 2.92 11.57 6.90
CA ILE C 127 3.60 12.35 5.89
C ILE C 127 4.35 13.53 6.50
N PRO C 128 5.68 13.54 6.35
CA PRO C 128 6.47 14.67 6.83
C PRO C 128 6.33 15.83 5.85
N LEU C 129 6.10 17.03 6.36
CA LEU C 129 6.03 18.19 5.48
C LEU C 129 7.36 18.94 5.53
N ARG C 130 7.88 19.10 6.73
CA ARG C 130 9.12 19.85 6.95
C ARG C 130 9.57 19.52 8.37
N GLU C 131 10.72 20.03 8.78
CA GLU C 131 11.24 19.61 10.08
C GLU C 131 10.26 19.96 11.19
N THR C 132 9.50 21.03 11.02
CA THR C 132 8.62 21.50 12.08
C THR C 132 7.14 21.10 11.90
N SER C 133 6.87 20.18 10.99
CA SER C 133 5.49 19.73 10.82
C SER C 133 5.35 18.41 10.07
N PHE C 134 4.39 17.59 10.50
CA PHE C 134 4.05 16.38 9.79
C PHE C 134 2.55 16.11 9.93
N VAL C 135 2.01 15.26 9.05
CA VAL C 135 0.63 14.85 9.20
C VAL C 135 0.52 13.33 9.34
N TYR C 136 -0.51 12.89 10.04
CA TYR C 136 -0.86 11.49 10.07
C TYR C 136 -2.36 11.38 9.84
N THR C 137 -2.79 10.29 9.24
CA THR C 137 -4.21 10.10 9.03
C THR C 137 -4.69 9.02 9.94
N ARG C 138 -5.96 9.09 10.29
CA ARG C 138 -6.63 8.02 11.00
C ARG C 138 -7.71 7.49 10.10
N ARG C 139 -7.88 6.18 10.11
CA ARG C 139 -9.02 5.58 9.45
C ARG C 139 -9.98 5.19 10.54
N GLU C 140 -10.92 6.09 10.83
CA GLU C 140 -11.85 5.89 11.93
C GLU C 140 -13.13 5.20 11.46
N PRO C 141 -13.84 4.53 12.38
CA PRO C 141 -15.12 3.94 11.99
C PRO C 141 -16.07 5.03 11.52
N LEU C 142 -16.90 4.70 10.53
CA LEU C 142 -17.96 5.61 10.11
C LEU C 142 -18.93 5.85 11.27
N GLY C 143 -19.20 4.79 12.03
CA GLY C 143 -20.17 4.84 13.12
C GLY C 143 -21.27 3.80 12.95
N VAL C 144 -22.48 4.27 12.70
CA VAL C 144 -23.60 3.39 12.42
C VAL C 144 -23.84 3.36 10.92
N VAL C 145 -23.89 2.16 10.35
CA VAL C 145 -24.14 1.99 8.93
C VAL C 145 -25.33 1.04 8.74
N ALA C 146 -25.95 1.07 7.57
CA ALA C 146 -27.08 0.18 7.31
C ALA C 146 -26.83 -0.68 6.10
N GLY C 147 -27.24 -1.95 6.20
CA GLY C 147 -27.20 -2.87 5.08
C GLY C 147 -28.61 -3.24 4.63
N ILE C 148 -28.85 -3.15 3.33
CA ILE C 148 -30.12 -3.56 2.77
C ILE C 148 -29.86 -4.73 1.81
N GLY C 149 -30.44 -5.88 2.12
CA GLY C 149 -30.12 -7.11 1.42
C GLY C 149 -31.11 -7.53 0.33
N ALA C 150 -30.73 -8.56 -0.42
CA ALA C 150 -31.57 -9.06 -1.49
C ALA C 150 -31.98 -10.50 -1.22
N TRP C 151 -32.87 -11.02 -2.03
CA TRP C 151 -33.50 -12.28 -1.65
C TRP C 151 -32.81 -13.52 -2.24
N ASN C 152 -31.85 -13.33 -3.13
CA ASN C 152 -31.27 -14.48 -3.81
C ASN C 152 -30.17 -15.21 -3.01
N TYR C 153 -29.35 -14.45 -2.29
CA TYR C 153 -28.38 -15.05 -1.37
C TYR C 153 -28.48 -14.34 -0.02
N PRO C 154 -29.57 -14.60 0.71
CA PRO C 154 -29.88 -13.77 1.89
C PRO C 154 -28.78 -13.72 2.94
N VAL C 155 -28.34 -14.86 3.44
CA VAL C 155 -27.37 -14.81 4.54
C VAL C 155 -25.98 -14.46 4.01
N GLN C 156 -25.70 -14.90 2.80
CA GLN C 156 -24.38 -14.61 2.22
C GLN C 156 -24.22 -13.10 2.09
N ILE C 157 -25.27 -12.42 1.62
CA ILE C 157 -25.23 -10.97 1.48
C ILE C 157 -25.14 -10.29 2.84
N ALA C 158 -25.89 -10.78 3.81
CA ALA C 158 -25.82 -10.23 5.14
C ALA C 158 -24.37 -10.29 5.69
N LEU C 159 -23.69 -11.40 5.41
CA LEU C 159 -22.31 -11.57 5.84
C LEU C 159 -21.34 -10.69 5.05
N TRP C 160 -21.51 -10.63 3.72
CA TRP C 160 -20.60 -9.84 2.89
C TRP C 160 -20.69 -8.33 3.22
N LYS C 161 -21.81 -7.89 3.78
CA LYS C 161 -21.95 -6.48 4.15
C LYS C 161 -21.51 -6.23 5.59
N SER C 162 -21.93 -7.10 6.52
CA SER C 162 -21.65 -6.92 7.94
C SER C 162 -20.17 -7.24 8.32
N ALA C 163 -19.52 -8.12 7.57
CA ALA C 163 -18.12 -8.47 7.86
C ALA C 163 -17.17 -7.27 7.76
N PRO C 164 -17.13 -6.62 6.58
CA PRO C 164 -16.25 -5.45 6.54
C PRO C 164 -16.73 -4.32 7.48
N ALA C 165 -18.04 -4.13 7.59
CA ALA C 165 -18.55 -3.06 8.44
C ALA C 165 -18.09 -3.23 9.89
N LEU C 166 -18.31 -4.42 10.44
CA LEU C 166 -17.95 -4.71 11.82
C LEU C 166 -16.44 -4.75 11.97
N ALA C 167 -15.75 -5.30 10.98
CA ALA C 167 -14.30 -5.39 11.04
C ALA C 167 -13.69 -4.00 11.12
N ALA C 168 -14.32 -3.02 10.47
CA ALA C 168 -13.83 -1.65 10.48
C ALA C 168 -14.31 -0.89 11.71
N GLY C 169 -15.00 -1.58 12.63
CA GLY C 169 -15.40 -0.98 13.89
C GLY C 169 -16.75 -0.28 13.90
N ASN C 170 -17.55 -0.54 12.88
CA ASN C 170 -18.89 0.05 12.79
C ASN C 170 -19.94 -0.82 13.45
N ALA C 171 -21.12 -0.23 13.64
CA ALA C 171 -22.31 -1.01 13.96
C ALA C 171 -23.14 -1.04 12.68
N MET C 172 -23.75 -2.19 12.39
CA MET C 172 -24.66 -2.25 11.24
C MET C 172 -26.09 -2.60 11.62
N ILE C 173 -27.03 -1.81 11.10
CA ILE C 173 -28.43 -2.18 11.12
C ILE C 173 -28.73 -2.79 9.75
N PHE C 174 -29.19 -4.04 9.75
CA PHE C 174 -29.42 -4.76 8.50
C PHE C 174 -30.91 -5.01 8.27
N LYS C 175 -31.37 -4.70 7.06
CA LYS C 175 -32.74 -5.01 6.65
C LYS C 175 -32.74 -6.07 5.55
N PRO C 176 -33.09 -7.31 5.90
CA PRO C 176 -33.15 -8.32 4.84
C PRO C 176 -34.36 -8.10 3.96
N SER C 177 -34.37 -8.70 2.79
CA SER C 177 -35.51 -8.64 1.92
C SER C 177 -36.76 -9.19 2.59
N GLU C 178 -37.87 -8.51 2.42
CA GLU C 178 -39.16 -8.96 2.95
C GLU C 178 -39.41 -10.38 2.44
N VAL C 179 -38.89 -10.66 1.26
CA VAL C 179 -39.04 -11.96 0.69
C VAL C 179 -38.25 -13.04 1.43
N THR C 180 -37.14 -12.71 2.10
CA THR C 180 -36.31 -13.74 2.72
C THR C 180 -35.64 -13.28 4.02
N PRO C 181 -36.44 -13.10 5.09
CA PRO C 181 -35.98 -12.55 6.37
C PRO C 181 -35.34 -13.56 7.34
N LEU C 182 -35.49 -14.85 7.11
CA LEU C 182 -35.22 -15.81 8.18
C LEU C 182 -33.74 -15.94 8.62
N THR C 183 -32.83 -16.08 7.67
CA THR C 183 -31.42 -16.32 8.04
C THR C 183 -30.72 -15.10 8.63
N ALA C 184 -31.14 -13.90 8.24
CA ALA C 184 -30.55 -12.70 8.80
C ALA C 184 -30.71 -12.69 10.32
N LEU C 185 -31.86 -13.15 10.81
CA LEU C 185 -32.12 -13.17 12.27
C LEU C 185 -31.22 -14.20 12.97
N LYS C 186 -31.00 -15.34 12.33
CA LYS C 186 -30.09 -16.33 12.87
C LYS C 186 -28.67 -15.78 12.97
N LEU C 187 -28.23 -15.04 11.96
CA LEU C 187 -26.90 -14.43 11.98
C LEU C 187 -26.77 -13.50 13.18
N ALA C 188 -27.81 -12.71 13.43
CA ALA C 188 -27.79 -11.77 14.55
C ALA C 188 -27.64 -12.50 15.88
N GLU C 189 -28.30 -13.64 16.01
CA GLU C 189 -28.16 -14.51 17.19
C GLU C 189 -26.72 -15.00 17.31
N ILE C 190 -26.15 -15.39 16.19
CA ILE C 190 -24.80 -15.96 16.15
C ILE C 190 -23.74 -14.93 16.51
N TYR C 191 -23.88 -13.74 15.95
CA TYR C 191 -23.01 -12.63 16.32
C TYR C 191 -23.00 -12.42 17.84
N THR C 192 -24.20 -12.38 18.43
CA THR C 192 -24.33 -12.17 19.87
C THR C 192 -23.63 -13.28 20.66
N GLU C 193 -23.87 -14.52 20.25
CA GLU C 193 -23.24 -15.66 20.90
C GLU C 193 -21.71 -15.63 20.79
N ALA C 194 -21.19 -15.09 19.70
CA ALA C 194 -19.76 -14.97 19.51
C ALA C 194 -19.17 -13.87 20.39
N GLY C 195 -20.01 -12.98 20.89
CA GLY C 195 -19.52 -11.91 21.75
C GLY C 195 -19.57 -10.52 21.14
N VAL C 196 -20.26 -10.37 20.03
CA VAL C 196 -20.46 -9.04 19.45
C VAL C 196 -21.34 -8.26 20.43
N PRO C 197 -20.86 -7.09 20.88
CA PRO C 197 -21.63 -6.29 21.84
C PRO C 197 -23.06 -6.00 21.36
N ASP C 198 -23.97 -5.88 22.32
CA ASP C 198 -25.36 -5.61 22.03
C ASP C 198 -25.46 -4.32 21.21
N GLY C 199 -26.28 -4.33 20.17
CA GLY C 199 -26.44 -3.14 19.35
C GLY C 199 -25.58 -3.08 18.10
N VAL C 200 -24.54 -3.91 18.04
CA VAL C 200 -23.59 -3.81 16.94
C VAL C 200 -24.09 -4.44 15.63
N PHE C 201 -24.90 -5.50 15.74
CA PHE C 201 -25.62 -5.99 14.55
C PHE C 201 -27.10 -6.17 14.88
N ASN C 202 -27.90 -5.21 14.43
CA ASN C 202 -29.35 -5.21 14.66
C ASN C 202 -30.05 -5.54 13.36
N VAL C 203 -31.18 -6.24 13.45
CA VAL C 203 -31.92 -6.62 12.25
C VAL C 203 -33.36 -6.12 12.32
N LEU C 204 -33.74 -5.35 11.30
CA LEU C 204 -35.10 -4.87 11.15
C LEU C 204 -35.74 -5.51 9.94
N THR C 205 -36.90 -6.13 10.14
CA THR C 205 -37.64 -6.71 9.04
C THR C 205 -38.79 -5.79 8.64
N GLY C 206 -39.25 -5.96 7.40
CA GLY C 206 -40.28 -5.12 6.82
C GLY C 206 -39.98 -4.90 5.35
N SER C 207 -40.61 -3.91 4.75
CA SER C 207 -40.45 -3.69 3.31
C SER C 207 -39.40 -2.62 3.02
N GLY C 208 -38.96 -2.56 1.76
CA GLY C 208 -38.02 -1.53 1.33
C GLY C 208 -38.68 -0.16 1.25
N ARG C 209 -39.91 -0.12 0.81
CA ARG C 209 -40.66 1.11 0.73
C ARG C 209 -40.69 1.85 2.04
N GLU C 210 -40.79 1.11 3.13
CA GLU C 210 -40.96 1.74 4.44
C GLU C 210 -39.67 1.72 5.26
N VAL C 211 -39.33 0.58 5.84
CA VAL C 211 -38.19 0.52 6.73
C VAL C 211 -36.86 0.75 6.01
N GLY C 212 -36.72 0.20 4.80
CA GLY C 212 -35.54 0.49 3.99
C GLY C 212 -35.36 1.98 3.83
N GLN C 213 -36.43 2.66 3.45
CA GLN C 213 -36.36 4.09 3.23
C GLN C 213 -36.11 4.85 4.52
N TRP C 214 -36.70 4.39 5.61
CA TRP C 214 -36.47 5.07 6.88
C TRP C 214 -34.99 4.96 7.24
N LEU C 215 -34.38 3.83 6.88
CA LEU C 215 -32.95 3.67 7.11
C LEU C 215 -32.13 4.63 6.25
N THR C 216 -32.48 4.72 4.98
CA THR C 216 -31.69 5.52 4.05
C THR C 216 -31.84 7.01 4.35
N GLU C 217 -32.90 7.36 5.07
CA GLU C 217 -33.17 8.77 5.36
C GLU C 217 -32.64 9.19 6.73
N HIS C 218 -32.34 8.23 7.60
CA HIS C 218 -32.00 8.59 8.97
C HIS C 218 -30.68 9.34 9.06
N PRO C 219 -30.71 10.48 9.75
CA PRO C 219 -29.62 11.47 9.86
C PRO C 219 -28.39 10.96 10.61
N LEU C 220 -28.54 9.90 11.41
CA LEU C 220 -27.44 9.38 12.20
C LEU C 220 -26.74 8.20 11.54
N ILE C 221 -27.31 7.69 10.46
CA ILE C 221 -26.68 6.61 9.73
C ILE C 221 -25.70 7.21 8.73
N GLU C 222 -24.45 6.74 8.77
CA GLU C 222 -23.39 7.37 7.99
C GLU C 222 -23.14 6.73 6.63
N LYS C 223 -23.63 5.51 6.43
CA LYS C 223 -23.41 4.78 5.18
C LYS C 223 -24.53 3.81 4.89
N ILE C 224 -24.88 3.71 3.61
CA ILE C 224 -25.81 2.69 3.15
C ILE C 224 -25.11 1.76 2.16
N SER C 225 -25.28 0.47 2.38
CA SER C 225 -24.79 -0.51 1.44
C SER C 225 -25.98 -1.34 0.99
N PHE C 226 -26.24 -1.31 -0.32
CA PHE C 226 -27.46 -1.90 -0.89
C PHE C 226 -27.13 -2.92 -1.97
N THR C 227 -27.88 -4.01 -1.98
CA THR C 227 -27.80 -4.98 -3.06
C THR C 227 -29.21 -5.21 -3.60
N GLY C 228 -29.39 -5.07 -4.91
CA GLY C 228 -30.71 -5.20 -5.52
C GLY C 228 -30.69 -4.76 -6.98
N GLY C 229 -31.87 -4.46 -7.52
CA GLY C 229 -31.98 -4.03 -8.90
C GLY C 229 -31.52 -2.60 -9.14
N THR C 230 -31.06 -2.35 -10.36
CA THR C 230 -30.54 -1.05 -10.75
C THR C 230 -31.57 0.05 -10.53
N SER C 231 -32.80 -0.23 -10.93
CA SER C 231 -33.88 0.74 -10.79
C SER C 231 -34.09 1.12 -9.32
N THR C 232 -34.12 0.12 -8.45
CA THR C 232 -34.28 0.39 -7.03
C THR C 232 -33.04 1.11 -6.45
N GLY C 233 -31.87 0.70 -6.91
CA GLY C 233 -30.62 1.29 -6.45
C GLY C 233 -30.57 2.80 -6.67
N LYS C 234 -31.07 3.26 -7.81
CA LYS C 234 -31.13 4.69 -8.09
C LYS C 234 -31.93 5.45 -7.05
N LYS C 235 -33.10 4.92 -6.70
CA LYS C 235 -33.94 5.49 -5.66
C LYS C 235 -33.24 5.50 -4.30
N VAL C 236 -32.68 4.35 -3.92
CA VAL C 236 -32.02 4.24 -2.64
C VAL C 236 -30.84 5.21 -2.54
N MET C 237 -30.04 5.29 -3.60
CA MET C 237 -28.88 6.18 -3.59
C MET C 237 -29.30 7.65 -3.54
N ALA C 238 -30.33 8.01 -4.29
CA ALA C 238 -30.85 9.36 -4.24
C ALA C 238 -31.28 9.72 -2.81
N SER C 239 -31.94 8.78 -2.14
CA SER C 239 -32.49 9.05 -0.83
C SER C 239 -31.39 9.21 0.23
N ALA C 240 -30.41 8.31 0.17
CA ALA C 240 -29.26 8.37 1.07
C ALA C 240 -28.47 9.67 0.89
N SER C 241 -28.49 10.20 -0.33
CA SER C 241 -27.76 11.41 -0.71
C SER C 241 -28.44 12.67 -0.21
N SER C 242 -29.71 12.81 -0.56
CA SER C 242 -30.43 14.04 -0.30
C SER C 242 -30.81 14.20 1.18
N SER C 243 -30.93 13.10 1.89
CA SER C 243 -31.28 13.18 3.31
C SER C 243 -30.12 13.75 4.13
N SER C 244 -28.94 13.14 4.04
CA SER C 244 -27.85 13.54 4.91
C SER C 244 -26.49 13.27 4.29
N LEU C 245 -26.46 13.10 2.97
CA LEU C 245 -25.21 12.88 2.25
C LEU C 245 -24.47 11.65 2.73
N LYS C 246 -25.13 10.50 2.80
CA LYS C 246 -24.45 9.30 3.26
C LYS C 246 -23.45 8.77 2.23
N GLU C 247 -22.42 8.07 2.70
CA GLU C 247 -21.61 7.22 1.83
C GLU C 247 -22.49 6.07 1.33
N VAL C 248 -22.22 5.54 0.14
CA VAL C 248 -22.99 4.43 -0.40
C VAL C 248 -22.16 3.36 -1.09
N THR C 249 -22.61 2.12 -0.97
CA THR C 249 -22.18 1.03 -1.83
C THR C 249 -23.43 0.46 -2.49
N MET C 250 -23.39 0.28 -3.80
CA MET C 250 -24.50 -0.30 -4.53
C MET C 250 -24.00 -1.49 -5.35
N GLU C 251 -24.56 -2.68 -5.08
CA GLU C 251 -24.32 -3.86 -5.89
C GLU C 251 -25.61 -4.16 -6.66
N LEU C 252 -25.62 -3.91 -7.96
CA LEU C 252 -26.88 -3.96 -8.68
C LEU C 252 -26.94 -5.06 -9.73
N GLY C 253 -27.85 -4.91 -10.69
CA GLY C 253 -28.05 -5.95 -11.68
C GLY C 253 -27.09 -5.87 -12.85
N GLY C 254 -27.32 -6.74 -13.84
CA GLY C 254 -26.49 -6.72 -15.03
C GLY C 254 -27.06 -7.56 -16.14
N LYS C 255 -26.38 -7.51 -17.28
CA LYS C 255 -26.68 -8.35 -18.42
C LYS C 255 -25.33 -8.77 -18.96
N SER C 256 -24.62 -9.54 -18.15
CA SER C 256 -23.20 -9.77 -18.38
C SER C 256 -22.94 -10.67 -19.60
N PRO C 257 -22.00 -10.26 -20.46
CA PRO C 257 -21.62 -10.97 -21.69
C PRO C 257 -20.62 -12.10 -21.45
N LEU C 258 -20.88 -13.26 -22.03
CA LEU C 258 -19.87 -14.31 -22.09
C LEU C 258 -19.46 -14.50 -23.55
N ILE C 259 -18.19 -14.24 -23.87
CA ILE C 259 -17.72 -14.39 -25.24
C ILE C 259 -16.88 -15.66 -25.43
N ILE C 260 -17.38 -16.55 -26.27
CA ILE C 260 -16.68 -17.78 -26.59
C ILE C 260 -15.94 -17.59 -27.91
N PHE C 261 -14.61 -17.46 -27.87
CA PHE C 261 -13.83 -17.32 -29.09
C PHE C 261 -13.64 -18.67 -29.79
N PRO C 262 -13.38 -18.63 -31.11
CA PRO C 262 -13.34 -19.81 -31.98
C PRO C 262 -12.29 -20.85 -31.60
N ASP C 263 -11.28 -20.50 -30.83
CA ASP C 263 -10.28 -21.49 -30.42
C ASP C 263 -10.64 -22.13 -29.07
N ALA C 264 -11.87 -21.92 -28.61
CA ALA C 264 -12.28 -22.46 -27.33
C ALA C 264 -12.64 -23.94 -27.42
N ASP C 265 -12.28 -24.68 -26.39
CA ASP C 265 -12.81 -26.01 -26.16
C ASP C 265 -14.31 -25.81 -25.90
N LEU C 266 -15.15 -26.42 -26.72
CA LEU C 266 -16.59 -26.20 -26.63
C LEU C 266 -17.25 -26.93 -25.46
N ASP C 267 -16.62 -28.00 -24.97
CA ASP C 267 -17.11 -28.63 -23.75
C ASP C 267 -16.91 -27.68 -22.58
N ARG C 268 -15.72 -27.10 -22.44
CA ARG C 268 -15.51 -26.15 -21.35
C ARG C 268 -16.43 -24.93 -21.55
N ALA C 269 -16.56 -24.47 -22.80
CA ALA C 269 -17.43 -23.32 -23.08
C ALA C 269 -18.87 -23.62 -22.69
N ALA C 270 -19.35 -24.83 -22.99
CA ALA C 270 -20.72 -25.18 -22.66
C ALA C 270 -20.91 -25.32 -21.14
N ASP C 271 -19.95 -25.95 -20.47
CA ASP C 271 -19.99 -26.03 -19.01
C ASP C 271 -20.06 -24.64 -18.42
N ILE C 272 -19.21 -23.73 -18.90
CA ILE C 272 -19.18 -22.38 -18.38
C ILE C 272 -20.52 -21.68 -18.64
N ALA C 273 -21.03 -21.76 -19.86
CA ALA C 273 -22.27 -21.10 -20.21
C ALA C 273 -23.45 -21.58 -19.35
N VAL C 274 -23.54 -22.88 -19.10
CA VAL C 274 -24.66 -23.38 -18.31
C VAL C 274 -24.54 -23.02 -16.83
N MET C 275 -23.33 -23.12 -16.29
CA MET C 275 -23.07 -22.63 -14.92
C MET C 275 -23.39 -21.14 -14.81
N ALA C 276 -23.08 -20.38 -15.86
CA ALA C 276 -23.27 -18.93 -15.84
C ALA C 276 -24.73 -18.51 -16.06
N ASN C 277 -25.61 -19.48 -16.28
CA ASN C 277 -27.02 -19.18 -16.54
C ASN C 277 -28.03 -19.87 -15.64
N PHE C 278 -27.66 -21.02 -15.10
CA PHE C 278 -28.65 -21.86 -14.44
C PHE C 278 -28.38 -22.16 -12.97
N PHE C 279 -27.22 -21.75 -12.46
CA PHE C 279 -26.97 -21.85 -11.03
C PHE C 279 -28.00 -21.00 -10.25
N SER C 280 -28.43 -21.48 -9.09
CA SER C 280 -29.51 -20.85 -8.34
C SER C 280 -30.73 -20.52 -9.20
N SER C 281 -30.99 -21.39 -10.17
CA SER C 281 -32.13 -21.22 -11.07
C SER C 281 -32.10 -19.91 -11.86
N GLY C 282 -30.90 -19.45 -12.18
CA GLY C 282 -30.73 -18.22 -12.93
C GLY C 282 -30.89 -16.96 -12.09
N GLN C 283 -30.87 -17.12 -10.77
CA GLN C 283 -31.08 -15.96 -9.90
C GLN C 283 -29.77 -15.48 -9.30
N VAL C 284 -28.81 -15.19 -10.18
CA VAL C 284 -27.51 -14.68 -9.77
C VAL C 284 -27.26 -13.41 -10.58
N CYS C 285 -26.90 -12.34 -9.87
N CYS C 285 -26.94 -12.34 -9.86
CA CYS C 285 -26.70 -11.03 -10.48
CA CYS C 285 -26.66 -11.04 -10.45
C CYS C 285 -25.62 -11.01 -11.56
C CYS C 285 -25.69 -11.14 -11.61
N THR C 286 -24.54 -11.74 -11.33
CA THR C 286 -23.41 -11.75 -12.25
C THR C 286 -23.58 -12.75 -13.39
N ASN C 287 -24.74 -13.37 -13.52
CA ASN C 287 -24.94 -14.33 -14.60
C ASN C 287 -24.63 -13.85 -16.01
N GLY C 288 -24.06 -14.74 -16.81
CA GLY C 288 -23.63 -14.43 -18.17
C GLY C 288 -24.75 -14.76 -19.11
N THR C 289 -25.74 -13.88 -19.15
CA THR C 289 -27.01 -14.18 -19.80
C THR C 289 -27.01 -13.85 -21.29
N ARG C 290 -25.97 -13.18 -21.76
CA ARG C 290 -25.76 -12.99 -23.20
C ARG C 290 -24.51 -13.73 -23.59
N VAL C 291 -24.68 -14.80 -24.35
CA VAL C 291 -23.59 -15.69 -24.68
C VAL C 291 -23.27 -15.60 -26.17
N PHE C 292 -22.08 -15.09 -26.48
CA PHE C 292 -21.66 -14.86 -27.84
C PHE C 292 -20.87 -16.06 -28.36
N ILE C 293 -21.34 -16.63 -29.46
CA ILE C 293 -20.64 -17.76 -30.08
C ILE C 293 -20.31 -17.39 -31.52
N HIS C 294 -19.13 -17.77 -31.99
CA HIS C 294 -18.79 -17.52 -33.40
C HIS C 294 -19.70 -18.31 -34.33
N ARG C 295 -20.05 -17.69 -35.45
CA ARG C 295 -20.96 -18.28 -36.43
C ARG C 295 -20.53 -19.68 -36.85
N SER C 296 -19.22 -19.87 -36.97
CA SER C 296 -18.69 -21.15 -37.42
C SER C 296 -18.86 -22.26 -36.37
N GLN C 297 -19.16 -21.88 -35.12
CA GLN C 297 -19.24 -22.84 -34.03
C GLN C 297 -20.66 -22.96 -33.45
N GLN C 298 -21.58 -22.17 -33.99
CA GLN C 298 -22.92 -22.09 -33.43
C GLN C 298 -23.62 -23.44 -33.24
N ALA C 299 -23.62 -24.25 -34.29
CA ALA C 299 -24.34 -25.52 -34.27
C ALA C 299 -23.76 -26.48 -33.27
N ARG C 300 -22.44 -26.58 -33.23
CA ARG C 300 -21.77 -27.49 -32.30
C ARG C 300 -21.97 -27.05 -30.87
N PHE C 301 -21.91 -25.74 -30.63
CA PHE C 301 -22.09 -25.18 -29.30
C PHE C 301 -23.51 -25.44 -28.79
N GLU C 302 -24.50 -25.23 -29.63
CA GLU C 302 -25.88 -25.44 -29.24
C GLU C 302 -26.12 -26.89 -28.84
N ALA C 303 -25.54 -27.81 -29.62
CA ALA C 303 -25.65 -29.23 -29.31
C ALA C 303 -25.05 -29.55 -27.94
N LYS C 304 -23.93 -28.93 -27.62
CA LYS C 304 -23.26 -29.19 -26.35
C LYS C 304 -24.02 -28.60 -25.15
N VAL C 305 -24.62 -27.41 -25.36
CA VAL C 305 -25.42 -26.75 -24.33
C VAL C 305 -26.68 -27.54 -24.08
N LEU C 306 -27.34 -27.91 -25.17
N LEU C 306 -27.35 -27.83 -25.11
CA LEU C 306 -28.55 -28.71 -25.14
CA LEU C 306 -28.56 -28.63 -25.08
C LEU C 306 -28.33 -30.01 -24.36
C LEU C 306 -28.34 -29.93 -24.30
N GLU C 307 -27.22 -30.68 -24.63
CA GLU C 307 -26.92 -31.94 -23.95
C GLU C 307 -26.81 -31.77 -22.45
N ARG C 308 -26.20 -30.67 -22.01
CA ARG C 308 -26.06 -30.40 -20.58
C ARG C 308 -27.38 -29.96 -19.95
N VAL C 309 -28.13 -29.13 -20.67
CA VAL C 309 -29.40 -28.63 -20.17
C VAL C 309 -30.39 -29.78 -20.02
N GLN C 310 -30.41 -30.69 -20.98
CA GLN C 310 -31.29 -31.85 -20.90
C GLN C 310 -31.13 -32.67 -19.61
N ARG C 311 -29.93 -32.67 -19.04
CA ARG C 311 -29.68 -33.50 -17.88
C ARG C 311 -29.69 -32.73 -16.56
N ILE C 312 -30.14 -31.48 -16.61
CA ILE C 312 -30.26 -30.69 -15.39
C ILE C 312 -31.36 -31.31 -14.52
N ARG C 313 -31.10 -31.43 -13.22
CA ARG C 313 -32.04 -32.13 -12.34
C ARG C 313 -32.94 -31.18 -11.57
N LEU C 314 -33.99 -30.74 -12.24
CA LEU C 314 -35.00 -29.86 -11.65
C LEU C 314 -35.78 -30.69 -10.67
N GLY C 315 -35.99 -30.19 -9.47
CA GLY C 315 -36.64 -30.99 -8.47
C GLY C 315 -36.83 -30.34 -7.12
N ASP C 316 -37.39 -31.12 -6.21
CA ASP C 316 -37.58 -30.71 -4.83
C ASP C 316 -36.23 -30.28 -4.24
N PRO C 317 -36.15 -29.03 -3.76
CA PRO C 317 -34.88 -28.52 -3.19
C PRO C 317 -34.41 -29.28 -1.95
N GLN C 318 -35.29 -30.02 -1.30
CA GLN C 318 -34.92 -30.75 -0.08
C GLN C 318 -34.20 -32.01 -0.45
N ASP C 319 -34.42 -32.46 -1.68
CA ASP C 319 -33.73 -33.65 -2.19
C ASP C 319 -32.30 -33.31 -2.58
N GLU C 320 -31.34 -33.99 -1.95
CA GLU C 320 -29.92 -33.74 -2.19
C GLU C 320 -29.53 -33.86 -3.65
N ASN C 321 -30.22 -34.69 -4.41
CA ASN C 321 -29.89 -34.88 -5.81
C ASN C 321 -30.36 -33.77 -6.73
N THR C 322 -31.16 -32.85 -6.20
CA THR C 322 -31.63 -31.74 -7.00
C THR C 322 -30.51 -30.75 -7.20
N ASN C 323 -30.36 -30.24 -8.42
CA ASN C 323 -29.39 -29.17 -8.67
C ASN C 323 -30.04 -27.96 -9.35
N PHE C 324 -31.37 -27.94 -9.38
CA PHE C 324 -32.10 -26.83 -9.97
C PHE C 324 -33.46 -26.75 -9.31
N GLY C 325 -33.71 -25.68 -8.57
CA GLY C 325 -34.92 -25.60 -7.80
C GLY C 325 -35.95 -24.67 -8.41
N PRO C 326 -37.01 -24.38 -7.64
CA PRO C 326 -38.00 -23.40 -8.07
C PRO C 326 -37.42 -21.99 -7.96
N LEU C 327 -38.08 -21.01 -8.58
CA LEU C 327 -37.70 -19.61 -8.38
C LEU C 327 -38.11 -19.15 -6.98
N VAL C 328 -37.65 -17.98 -6.58
CA VAL C 328 -37.85 -17.53 -5.21
C VAL C 328 -39.31 -17.26 -4.83
N SER C 329 -40.17 -16.98 -5.82
CA SER C 329 -41.53 -16.55 -5.51
C SER C 329 -42.44 -16.67 -6.71
N PHE C 330 -43.74 -16.75 -6.46
CA PHE C 330 -44.71 -16.85 -7.54
C PHE C 330 -44.75 -15.61 -8.42
N PRO C 331 -44.71 -14.43 -7.81
CA PRO C 331 -44.63 -13.21 -8.62
C PRO C 331 -43.35 -13.13 -9.46
N HIS C 332 -42.21 -13.54 -8.91
CA HIS C 332 -40.99 -13.51 -9.71
C HIS C 332 -41.08 -14.48 -10.89
N MET C 333 -41.72 -15.62 -10.66
CA MET C 333 -41.97 -16.56 -11.75
C MET C 333 -42.83 -15.92 -12.84
N GLU C 334 -43.86 -15.19 -12.44
CA GLU C 334 -44.71 -14.56 -13.44
C GLU C 334 -43.89 -13.60 -14.30
N SER C 335 -43.02 -12.83 -13.66
CA SER C 335 -42.14 -11.92 -14.37
C SER C 335 -41.25 -12.69 -15.37
N VAL C 336 -40.65 -13.78 -14.91
CA VAL C 336 -39.77 -14.55 -15.78
C VAL C 336 -40.53 -15.15 -16.96
N LEU C 337 -41.70 -15.70 -16.71
CA LEU C 337 -42.53 -16.24 -17.78
C LEU C 337 -42.92 -15.17 -18.78
N GLY C 338 -43.10 -13.94 -18.31
CA GLY C 338 -43.39 -12.83 -19.20
C GLY C 338 -42.25 -12.57 -20.18
N TYR C 339 -41.02 -12.62 -19.69
CA TYR C 339 -39.83 -12.44 -20.54
C TYR C 339 -39.72 -13.57 -21.54
N ILE C 340 -39.95 -14.79 -21.06
CA ILE C 340 -39.91 -15.94 -21.94
C ILE C 340 -40.90 -15.74 -23.07
N GLU C 341 -42.10 -15.27 -22.74
CA GLU C 341 -43.12 -15.00 -23.76
C GLU C 341 -42.62 -13.97 -24.76
N SER C 342 -42.05 -12.89 -24.24
CA SER C 342 -41.46 -11.85 -25.07
C SER C 342 -40.51 -12.46 -26.11
N GLY C 343 -39.65 -13.39 -25.66
CA GLY C 343 -38.67 -14.04 -26.52
C GLY C 343 -39.30 -14.82 -27.65
N LYS C 344 -40.37 -15.55 -27.33
CA LYS C 344 -41.14 -16.23 -28.36
C LYS C 344 -41.80 -15.22 -29.30
N ALA C 345 -42.47 -14.21 -28.75
CA ALA C 345 -43.15 -13.21 -29.57
C ALA C 345 -42.17 -12.49 -30.51
N GLN C 346 -40.94 -12.28 -30.07
CA GLN C 346 -39.97 -11.56 -30.90
C GLN C 346 -39.14 -12.48 -31.79
N LYS C 347 -39.47 -13.77 -31.76
CA LYS C 347 -38.96 -14.73 -32.73
C LYS C 347 -37.53 -15.23 -32.50
N ALA C 348 -37.04 -15.13 -31.27
CA ALA C 348 -35.87 -15.90 -30.88
C ALA C 348 -36.24 -17.38 -31.00
N ARG C 349 -35.30 -18.22 -31.39
CA ARG C 349 -35.57 -19.64 -31.56
C ARG C 349 -35.44 -20.38 -30.23
N LEU C 350 -36.50 -21.04 -29.80
CA LEU C 350 -36.48 -21.76 -28.54
C LEU C 350 -35.76 -23.11 -28.67
N LEU C 351 -34.63 -23.23 -27.98
CA LEU C 351 -33.81 -24.42 -27.98
C LEU C 351 -34.16 -25.37 -26.85
N CYS C 352 -34.45 -24.82 -25.67
CA CYS C 352 -34.72 -25.63 -24.49
C CYS C 352 -35.71 -24.91 -23.62
N GLY C 353 -36.60 -25.66 -22.97
CA GLY C 353 -37.44 -25.14 -21.91
C GLY C 353 -38.51 -24.18 -22.40
N GLY C 354 -38.66 -23.06 -21.72
CA GLY C 354 -39.57 -22.03 -22.16
C GLY C 354 -40.94 -22.14 -21.55
N GLU C 355 -41.06 -22.90 -20.46
CA GLU C 355 -42.35 -22.97 -19.79
C GLU C 355 -42.28 -23.36 -18.31
N ARG C 356 -43.36 -23.07 -17.58
CA ARG C 356 -43.52 -23.53 -16.22
C ARG C 356 -43.61 -25.07 -16.21
N VAL C 357 -43.08 -25.69 -15.16
CA VAL C 357 -43.18 -27.14 -14.97
C VAL C 357 -44.20 -27.38 -13.86
N THR C 358 -45.31 -28.06 -14.18
CA THR C 358 -46.39 -28.23 -13.21
C THR C 358 -46.69 -29.69 -12.87
N ASP C 359 -46.00 -30.60 -13.55
CA ASP C 359 -46.16 -32.05 -13.37
C ASP C 359 -46.03 -32.44 -11.91
N GLY C 360 -46.86 -33.40 -11.48
CA GLY C 360 -46.77 -33.92 -10.13
C GLY C 360 -46.83 -32.85 -9.06
N ALA C 361 -45.90 -32.92 -8.10
CA ALA C 361 -45.82 -31.98 -6.99
C ALA C 361 -45.36 -30.57 -7.39
N PHE C 362 -44.88 -30.42 -8.62
CA PHE C 362 -44.30 -29.15 -9.03
C PHE C 362 -45.35 -28.05 -9.20
N GLY C 363 -46.61 -28.45 -9.42
CA GLY C 363 -47.71 -27.50 -9.49
C GLY C 363 -47.91 -26.68 -8.22
N LYS C 364 -47.43 -27.19 -7.10
CA LYS C 364 -47.55 -26.48 -5.84
C LYS C 364 -46.57 -25.31 -5.73
N GLY C 365 -45.51 -25.35 -6.53
CA GLY C 365 -44.44 -24.37 -6.42
C GLY C 365 -44.22 -23.57 -7.69
N ALA C 366 -43.19 -22.72 -7.67
CA ALA C 366 -42.90 -21.82 -8.79
C ALA C 366 -41.70 -22.26 -9.66
N TYR C 367 -41.91 -23.31 -10.44
CA TYR C 367 -40.82 -23.97 -11.17
C TYR C 367 -40.82 -23.57 -12.64
N VAL C 368 -39.71 -22.97 -13.07
CA VAL C 368 -39.53 -22.65 -14.48
C VAL C 368 -38.37 -23.47 -15.05
N ALA C 369 -38.64 -24.18 -16.14
CA ALA C 369 -37.64 -25.02 -16.79
C ALA C 369 -36.41 -24.21 -17.23
N PRO C 370 -35.22 -24.81 -17.14
CA PRO C 370 -34.06 -24.11 -17.69
C PRO C 370 -34.32 -23.83 -19.17
N THR C 371 -34.15 -22.57 -19.59
CA THR C 371 -34.57 -22.12 -20.90
C THR C 371 -33.43 -21.53 -21.74
N VAL C 372 -33.35 -21.97 -22.99
CA VAL C 372 -32.32 -21.47 -23.89
C VAL C 372 -32.95 -20.94 -25.19
N PHE C 373 -32.69 -19.67 -25.49
CA PHE C 373 -33.10 -19.09 -26.75
C PHE C 373 -31.83 -18.94 -27.58
N THR C 374 -31.93 -19.18 -28.88
CA THR C 374 -30.81 -18.91 -29.76
C THR C 374 -31.28 -18.10 -30.98
N ASP C 375 -30.36 -17.77 -31.89
CA ASP C 375 -30.69 -16.86 -32.99
C ASP C 375 -31.19 -15.50 -32.46
N CYS C 376 -30.66 -15.07 -31.32
CA CYS C 376 -31.10 -13.82 -30.73
C CYS C 376 -30.51 -12.60 -31.41
N ARG C 377 -31.12 -11.45 -31.19
CA ARG C 377 -30.62 -10.21 -31.73
C ARG C 377 -30.49 -9.17 -30.62
N ASP C 378 -29.59 -8.20 -30.82
CA ASP C 378 -29.27 -7.25 -29.76
C ASP C 378 -30.47 -6.43 -29.29
N ASP C 379 -31.43 -6.22 -30.18
CA ASP C 379 -32.57 -5.37 -29.86
C ASP C 379 -33.73 -6.11 -29.15
N MET C 380 -33.64 -7.43 -29.04
CA MET C 380 -34.67 -8.19 -28.34
C MET C 380 -34.75 -7.80 -26.86
N THR C 381 -35.97 -7.76 -26.34
CA THR C 381 -36.20 -7.53 -24.91
C THR C 381 -35.40 -8.49 -24.02
N ILE C 382 -35.38 -9.77 -24.36
CA ILE C 382 -34.69 -10.74 -23.51
C ILE C 382 -33.18 -10.53 -23.51
N VAL C 383 -32.66 -9.88 -24.54
CA VAL C 383 -31.23 -9.62 -24.64
C VAL C 383 -30.83 -8.31 -23.96
N ARG C 384 -31.73 -7.33 -24.00
CA ARG C 384 -31.46 -6.02 -23.43
C ARG C 384 -31.71 -5.97 -21.92
N GLU C 385 -32.65 -6.77 -21.43
CA GLU C 385 -33.15 -6.57 -20.07
C GLU C 385 -32.77 -7.70 -19.15
N GLU C 386 -32.37 -7.35 -17.93
CA GLU C 386 -32.11 -8.38 -16.93
C GLU C 386 -33.39 -9.17 -16.63
N ILE C 387 -33.33 -10.48 -16.80
CA ILE C 387 -34.47 -11.34 -16.53
C ILE C 387 -34.42 -11.91 -15.11
N PHE C 388 -33.21 -12.23 -14.65
CA PHE C 388 -33.02 -12.81 -13.32
C PHE C 388 -33.75 -14.14 -13.15
N GLY C 389 -33.75 -14.94 -14.21
CA GLY C 389 -34.32 -16.27 -14.18
C GLY C 389 -33.51 -17.15 -15.11
N PRO C 390 -33.91 -18.41 -15.27
CA PRO C 390 -33.09 -19.35 -16.04
C PRO C 390 -33.29 -19.18 -17.54
N VAL C 391 -32.80 -18.07 -18.10
CA VAL C 391 -32.97 -17.80 -19.51
C VAL C 391 -31.66 -17.37 -20.19
N MET C 392 -31.08 -18.27 -20.96
CA MET C 392 -29.86 -17.99 -21.69
C MET C 392 -30.19 -17.44 -23.08
N SER C 393 -29.52 -16.37 -23.49
CA SER C 393 -29.61 -15.89 -24.87
C SER C 393 -28.29 -16.13 -25.61
N ILE C 394 -28.34 -16.97 -26.63
CA ILE C 394 -27.19 -17.21 -27.48
C ILE C 394 -27.21 -16.26 -28.68
N LEU C 395 -26.09 -15.59 -28.89
CA LEU C 395 -25.95 -14.59 -29.95
C LEU C 395 -24.76 -14.95 -30.83
N VAL C 396 -24.96 -14.89 -32.14
CA VAL C 396 -23.91 -15.23 -33.09
C VAL C 396 -23.11 -13.98 -33.47
N TYR C 397 -21.78 -14.11 -33.55
CA TYR C 397 -20.98 -12.99 -34.05
C TYR C 397 -20.05 -13.46 -35.16
N ASP C 398 -19.48 -12.52 -35.90
CA ASP C 398 -18.53 -12.88 -36.95
C ASP C 398 -17.08 -12.53 -36.65
N ASP C 399 -16.84 -11.42 -35.96
CA ASP C 399 -15.46 -11.09 -35.59
C ASP C 399 -15.25 -10.53 -34.17
N GLU C 400 -14.03 -10.66 -33.67
CA GLU C 400 -13.68 -10.36 -32.29
C GLU C 400 -14.10 -8.96 -31.87
N ASP C 401 -13.82 -7.99 -32.72
CA ASP C 401 -14.09 -6.60 -32.37
C ASP C 401 -15.59 -6.37 -32.28
N GLU C 402 -16.32 -7.00 -33.20
CA GLU C 402 -17.77 -6.95 -33.19
C GLU C 402 -18.30 -7.49 -31.86
N ALA C 403 -17.84 -8.69 -31.49
CA ALA C 403 -18.27 -9.32 -30.25
C ALA C 403 -18.05 -8.41 -29.04
N ILE C 404 -16.87 -7.81 -28.95
CA ILE C 404 -16.53 -6.93 -27.84
C ILE C 404 -17.40 -5.66 -27.83
N ARG C 405 -17.58 -5.04 -28.99
N ARG C 405 -17.57 -5.04 -28.99
CA ARG C 405 -18.40 -3.85 -29.12
CA ARG C 405 -18.40 -3.85 -29.12
C ARG C 405 -19.83 -4.12 -28.64
C ARG C 405 -19.83 -4.13 -28.61
N ARG C 406 -20.37 -5.27 -29.03
CA ARG C 406 -21.73 -5.64 -28.65
C ARG C 406 -21.82 -5.99 -27.17
N ALA C 407 -20.79 -6.67 -26.66
CA ALA C 407 -20.75 -7.04 -25.26
C ALA C 407 -20.80 -5.78 -24.40
N ASN C 408 -20.14 -4.72 -24.88
CA ASN C 408 -20.10 -3.44 -24.17
C ASN C 408 -21.30 -2.53 -24.39
N ASP C 409 -22.13 -2.88 -25.37
CA ASP C 409 -23.26 -2.04 -25.74
C ASP C 409 -24.47 -2.26 -24.80
N THR C 410 -24.37 -1.68 -23.62
CA THR C 410 -25.36 -1.91 -22.57
C THR C 410 -25.08 -0.90 -21.50
N GLU C 411 -26.12 -0.52 -20.77
CA GLU C 411 -25.94 0.38 -19.63
C GLU C 411 -25.41 -0.38 -18.42
N TYR C 412 -25.47 -1.71 -18.49
CA TYR C 412 -24.96 -2.53 -17.41
C TYR C 412 -23.44 -2.67 -17.52
N GLY C 413 -22.82 -3.26 -16.49
CA GLY C 413 -21.37 -3.40 -16.47
C GLY C 413 -20.88 -4.19 -15.26
N LEU C 414 -21.62 -5.23 -14.88
CA LEU C 414 -21.29 -5.95 -13.65
C LEU C 414 -20.19 -6.98 -13.92
N ALA C 415 -20.48 -7.95 -14.78
CA ALA C 415 -19.52 -9.00 -15.07
C ALA C 415 -19.32 -9.18 -16.56
N ALA C 416 -18.30 -9.94 -16.90
CA ALA C 416 -17.99 -10.26 -18.27
C ALA C 416 -16.99 -11.38 -18.22
N GLY C 417 -16.93 -12.19 -19.27
CA GLY C 417 -15.96 -13.27 -19.31
C GLY C 417 -15.66 -13.70 -20.73
N VAL C 418 -14.48 -14.27 -20.92
CA VAL C 418 -14.14 -14.83 -22.22
C VAL C 418 -13.66 -16.27 -22.08
N VAL C 419 -13.91 -17.09 -23.08
CA VAL C 419 -13.36 -18.43 -23.16
C VAL C 419 -12.44 -18.49 -24.37
N THR C 420 -11.15 -18.70 -24.11
CA THR C 420 -10.16 -18.77 -25.17
C THR C 420 -8.88 -19.45 -24.64
N GLN C 421 -8.13 -20.09 -25.52
CA GLN C 421 -6.89 -20.74 -25.13
C GLN C 421 -5.70 -19.88 -25.49
N ASP C 422 -5.98 -18.77 -26.18
CA ASP C 422 -4.94 -17.88 -26.65
C ASP C 422 -4.55 -16.84 -25.61
N LEU C 423 -3.25 -16.78 -25.29
CA LEU C 423 -2.73 -15.83 -24.31
C LEU C 423 -3.08 -14.37 -24.64
N ALA C 424 -2.70 -13.93 -25.83
CA ALA C 424 -2.91 -12.53 -26.22
C ALA C 424 -4.39 -12.13 -26.26
N ARG C 425 -5.21 -12.94 -26.93
CA ARG C 425 -6.66 -12.69 -26.96
C ARG C 425 -7.34 -12.63 -25.58
N ALA C 426 -6.98 -13.54 -24.70
CA ALA C 426 -7.60 -13.58 -23.38
C ALA C 426 -7.44 -12.25 -22.65
N HIS C 427 -6.21 -11.75 -22.55
CA HIS C 427 -5.98 -10.50 -21.83
C HIS C 427 -6.47 -9.27 -22.61
N ARG C 428 -6.19 -9.25 -23.90
CA ARG C 428 -6.58 -8.14 -24.77
C ARG C 428 -8.09 -7.92 -24.68
N ALA C 429 -8.85 -8.99 -24.81
CA ALA C 429 -10.31 -8.90 -24.79
C ALA C 429 -10.83 -8.45 -23.44
N ILE C 430 -10.39 -9.10 -22.38
CA ILE C 430 -10.85 -8.77 -21.04
C ILE C 430 -10.56 -7.30 -20.73
N HIS C 431 -9.40 -6.80 -21.16
CA HIS C 431 -9.02 -5.43 -20.85
C HIS C 431 -9.94 -4.42 -21.51
N ARG C 432 -10.60 -4.84 -22.59
CA ARG C 432 -11.48 -3.96 -23.34
C ARG C 432 -12.94 -4.06 -22.90
N LEU C 433 -13.25 -5.07 -22.08
CA LEU C 433 -14.62 -5.27 -21.63
C LEU C 433 -14.94 -4.38 -20.44
N GLU C 434 -16.07 -3.70 -20.50
CA GLU C 434 -16.43 -2.69 -19.52
C GLU C 434 -17.26 -3.26 -18.39
N ALA C 435 -16.63 -4.06 -17.55
CA ALA C 435 -17.27 -4.66 -16.39
C ALA C 435 -16.27 -4.76 -15.23
N GLY C 436 -16.79 -4.77 -14.01
CA GLY C 436 -15.94 -4.81 -12.83
C GLY C 436 -15.46 -6.20 -12.47
N ILE C 437 -16.20 -7.22 -12.93
CA ILE C 437 -15.93 -8.59 -12.56
C ILE C 437 -15.70 -9.40 -13.83
N CYS C 438 -14.45 -9.76 -14.07
CA CYS C 438 -14.06 -10.39 -15.34
C CYS C 438 -13.42 -11.75 -15.14
N TRP C 439 -13.94 -12.73 -15.87
CA TRP C 439 -13.48 -14.11 -15.79
C TRP C 439 -12.88 -14.60 -17.10
N ILE C 440 -11.71 -15.23 -16.99
CA ILE C 440 -11.10 -15.87 -18.13
C ILE C 440 -11.16 -17.38 -17.95
N ASN C 441 -11.94 -18.05 -18.81
CA ASN C 441 -12.01 -19.50 -18.83
C ASN C 441 -12.66 -20.13 -17.60
N THR C 442 -13.51 -19.35 -16.93
CA THR C 442 -14.23 -19.81 -15.77
C THR C 442 -15.40 -18.85 -15.61
N TRP C 443 -16.23 -19.07 -14.60
CA TRP C 443 -17.33 -18.15 -14.32
C TRP C 443 -17.80 -18.36 -12.91
N GLY C 444 -18.11 -17.25 -12.22
CA GLY C 444 -18.90 -17.36 -11.01
C GLY C 444 -18.16 -17.37 -9.69
N GLU C 445 -16.89 -17.74 -9.71
CA GLU C 445 -16.10 -17.78 -8.48
C GLU C 445 -15.83 -16.36 -7.99
N SER C 446 -15.97 -16.16 -6.69
CA SER C 446 -15.84 -14.83 -6.12
C SER C 446 -15.07 -14.87 -4.81
N PRO C 447 -13.74 -15.09 -4.90
CA PRO C 447 -12.88 -15.21 -3.71
C PRO C 447 -13.01 -14.01 -2.76
N ALA C 448 -12.85 -14.26 -1.47
CA ALA C 448 -12.90 -13.18 -0.47
C ALA C 448 -11.91 -12.05 -0.75
N GLU C 449 -10.77 -12.39 -1.37
CA GLU C 449 -9.73 -11.42 -1.71
C GLU C 449 -10.06 -10.51 -2.91
N MET C 450 -11.08 -10.85 -3.67
CA MET C 450 -11.31 -10.22 -4.95
C MET C 450 -12.42 -9.17 -4.90
N PRO C 451 -12.05 -7.90 -5.04
CA PRO C 451 -13.03 -6.81 -5.04
C PRO C 451 -14.06 -7.04 -6.16
N VAL C 452 -15.34 -7.02 -5.83
CA VAL C 452 -16.36 -7.21 -6.84
C VAL C 452 -17.42 -6.10 -6.79
N GLY C 453 -17.84 -5.66 -7.96
CA GLY C 453 -18.79 -4.57 -8.07
C GLY C 453 -18.92 -4.16 -9.52
N GLY C 454 -19.83 -3.23 -9.81
CA GLY C 454 -20.18 -2.93 -11.18
C GLY C 454 -19.57 -1.66 -11.75
N TYR C 455 -19.29 -1.69 -13.05
CA TYR C 455 -19.12 -0.49 -13.84
C TYR C 455 -20.50 0.06 -14.22
N LYS C 456 -20.57 1.35 -14.57
CA LYS C 456 -21.77 1.90 -15.20
C LYS C 456 -22.98 1.75 -14.29
N GLN C 457 -24.12 1.37 -14.84
CA GLN C 457 -25.31 1.34 -14.01
C GLN C 457 -25.46 0.06 -13.17
N SER C 458 -24.39 -0.73 -13.11
CA SER C 458 -24.40 -1.98 -12.34
C SER C 458 -23.89 -1.83 -10.89
N GLY C 459 -23.37 -0.66 -10.52
CA GLY C 459 -22.97 -0.51 -9.13
C GLY C 459 -22.21 0.74 -8.77
N VAL C 460 -21.93 0.92 -7.49
CA VAL C 460 -21.09 2.01 -7.02
C VAL C 460 -20.30 1.40 -5.88
N GLY C 461 -18.99 1.65 -5.82
CA GLY C 461 -18.17 1.00 -4.82
C GLY C 461 -18.01 -0.51 -5.06
N ARG C 462 -17.46 -1.21 -4.08
CA ARG C 462 -17.14 -2.63 -4.25
C ARG C 462 -17.40 -3.42 -2.97
N GLU C 463 -17.35 -4.74 -3.07
CA GLU C 463 -17.39 -5.59 -1.89
C GLU C 463 -16.23 -6.58 -1.96
N ASN C 464 -15.81 -7.07 -0.80
CA ASN C 464 -14.70 -8.02 -0.72
C ASN C 464 -13.36 -7.38 -1.06
N GLY C 465 -12.27 -8.07 -0.74
CA GLY C 465 -10.94 -7.53 -0.99
C GLY C 465 -10.53 -6.45 0.03
N LEU C 466 -9.26 -6.05 -0.04
CA LEU C 466 -8.71 -5.04 0.86
C LEU C 466 -9.41 -3.70 0.74
N THR C 467 -9.71 -3.31 -0.48
CA THR C 467 -10.27 -1.99 -0.76
C THR C 467 -11.57 -1.77 0.04
N THR C 468 -12.40 -2.79 0.10
CA THR C 468 -13.70 -2.65 0.73
C THR C 468 -13.59 -2.33 2.22
N LEU C 469 -12.69 -3.00 2.92
CA LEU C 469 -12.46 -2.74 4.32
C LEU C 469 -12.15 -1.27 4.49
N ALA C 470 -11.33 -0.73 3.60
CA ALA C 470 -10.95 0.66 3.72
C ALA C 470 -12.19 1.57 3.59
N HIS C 471 -13.12 1.17 2.73
CA HIS C 471 -14.31 2.01 2.48
C HIS C 471 -15.36 1.98 3.60
N TYR C 472 -15.09 1.24 4.66
CA TYR C 472 -15.94 1.27 5.83
C TYR C 472 -15.27 2.06 6.98
N THR C 473 -14.24 2.81 6.63
CA THR C 473 -13.64 3.79 7.53
C THR C 473 -13.73 5.15 6.85
N ARG C 474 -13.56 6.22 7.63
CA ARG C 474 -13.49 7.59 7.10
C ARG C 474 -12.10 8.13 7.44
N ILE C 475 -11.53 8.91 6.54
CA ILE C 475 -10.17 9.39 6.75
C ILE C 475 -10.19 10.68 7.54
N LYS C 476 -9.46 10.73 8.65
CA LYS C 476 -9.21 11.99 9.30
C LYS C 476 -7.75 12.35 9.09
N SER C 477 -7.48 13.53 8.53
CA SER C 477 -6.12 14.01 8.43
C SER C 477 -5.80 14.91 9.63
N VAL C 478 -4.66 14.65 10.27
CA VAL C 478 -4.23 15.44 11.40
C VAL C 478 -2.90 16.09 11.09
N GLN C 479 -2.84 17.42 11.04
CA GLN C 479 -1.59 18.12 10.90
C GLN C 479 -1.09 18.61 12.24
N VAL C 480 0.12 18.21 12.55
CA VAL C 480 0.78 18.68 13.76
C VAL C 480 1.80 19.76 13.41
N GLU C 481 1.55 20.98 13.88
CA GLU C 481 2.53 22.06 13.77
C GLU C 481 3.43 22.10 15.01
N LEU C 482 4.73 21.91 14.81
CA LEU C 482 5.70 21.85 15.90
C LEU C 482 6.47 23.14 16.02
N GLY C 483 6.29 24.03 15.06
CA GLY C 483 7.08 25.25 15.00
C GLY C 483 6.21 26.48 15.14
N ASP C 484 6.68 27.59 14.56
CA ASP C 484 5.97 28.86 14.64
C ASP C 484 4.77 28.91 13.69
N TYR C 485 3.73 29.63 14.11
CA TYR C 485 2.60 29.93 13.23
C TYR C 485 2.65 31.38 12.78
N ALA C 486 2.44 31.60 11.48
CA ALA C 486 2.50 32.94 10.91
C ALA C 486 1.13 33.45 10.47
N SER C 487 0.84 34.70 10.77
CA SER C 487 -0.41 35.33 10.38
C SER C 487 -0.14 36.53 9.47
N VAL C 488 -0.96 36.70 8.45
CA VAL C 488 -0.80 37.84 7.58
C VAL C 488 -1.40 39.08 8.22
N PHE C 489 -2.02 38.88 9.40
CA PHE C 489 -2.77 39.96 10.04
C PHE C 489 -2.06 40.57 11.24
N ALA D 1 -17.44 45.99 -21.92
CA ALA D 1 -16.93 45.35 -20.72
C ALA D 1 -15.41 45.38 -20.75
N ARG D 2 -14.77 45.14 -19.60
CA ARG D 2 -13.32 45.19 -19.54
C ARG D 2 -12.67 44.16 -20.47
N PHE D 3 -13.28 42.98 -20.53
CA PHE D 3 -12.82 41.92 -21.43
C PHE D 3 -13.84 41.63 -22.50
N GLU D 4 -13.40 41.01 -23.59
CA GLU D 4 -14.29 40.52 -24.63
C GLU D 4 -15.20 39.39 -24.13
N GLU D 5 -16.28 39.14 -24.86
CA GLU D 5 -17.20 38.08 -24.54
C GLU D 5 -16.51 36.71 -24.43
N GLN D 6 -16.76 36.01 -23.33
CA GLN D 6 -16.16 34.71 -23.08
C GLN D 6 -16.97 33.59 -23.71
N LYS D 7 -16.31 32.72 -24.48
CA LYS D 7 -16.99 31.61 -25.14
C LYS D 7 -16.77 30.28 -24.40
N LEU D 8 -17.41 29.22 -24.88
CA LEU D 8 -17.19 27.89 -24.32
C LEU D 8 -15.85 27.36 -24.76
N TYR D 9 -15.27 26.45 -23.98
CA TYR D 9 -14.03 25.82 -24.38
C TYR D 9 -14.22 24.32 -24.57
N ILE D 10 -14.31 23.91 -25.83
CA ILE D 10 -14.57 22.52 -26.19
C ILE D 10 -13.63 22.11 -27.31
N GLY D 11 -12.91 21.01 -27.12
CA GLY D 11 -12.01 20.51 -28.14
C GLY D 11 -10.74 21.31 -28.32
N GLY D 12 -10.19 21.84 -27.24
CA GLY D 12 -8.91 22.55 -27.31
C GLY D 12 -8.99 23.89 -28.02
N ARG D 13 -10.17 24.51 -27.97
CA ARG D 13 -10.36 25.85 -28.53
C ARG D 13 -11.69 26.41 -28.05
N TYR D 14 -11.90 27.71 -28.28
CA TYR D 14 -13.18 28.33 -27.97
C TYR D 14 -14.20 28.09 -29.08
N VAL D 15 -15.43 27.77 -28.68
CA VAL D 15 -16.50 27.62 -29.65
C VAL D 15 -17.72 28.43 -29.20
N GLU D 16 -18.52 28.85 -30.17
CA GLU D 16 -19.75 29.59 -29.87
C GLU D 16 -20.76 28.68 -29.18
N ALA D 17 -21.36 29.18 -28.10
CA ALA D 17 -22.45 28.46 -27.45
C ALA D 17 -23.64 28.47 -28.38
N SER D 18 -24.64 27.65 -28.10
CA SER D 18 -25.84 27.66 -28.91
C SER D 18 -27.10 27.94 -28.11
N SER D 19 -26.98 28.71 -27.04
CA SER D 19 -28.12 29.07 -26.21
C SER D 19 -28.70 30.42 -26.63
N GLY D 20 -27.86 31.26 -27.23
CA GLY D 20 -28.27 32.62 -27.58
C GLY D 20 -28.35 33.51 -26.36
N ALA D 21 -27.75 33.08 -25.25
CA ALA D 21 -27.87 33.77 -23.99
C ALA D 21 -26.51 33.98 -23.34
N THR D 22 -26.38 35.08 -22.60
CA THR D 22 -25.18 35.39 -21.85
C THR D 22 -25.54 35.81 -20.44
N PHE D 23 -24.51 35.86 -19.59
CA PHE D 23 -24.65 36.45 -18.26
C PHE D 23 -23.44 37.31 -18.01
N GLU D 24 -23.49 38.14 -16.98
CA GLU D 24 -22.38 39.02 -16.68
C GLU D 24 -21.60 38.56 -15.47
N THR D 25 -20.31 38.78 -15.50
CA THR D 25 -19.48 38.59 -14.32
C THR D 25 -18.99 39.98 -13.86
N ILE D 26 -19.09 40.23 -12.56
CA ILE D 26 -18.95 41.58 -12.00
C ILE D 26 -17.77 41.77 -11.05
N ASN D 27 -16.90 42.73 -11.29
CA ASN D 27 -15.86 43.04 -10.29
C ASN D 27 -16.51 43.50 -8.98
N PRO D 28 -16.37 42.71 -7.91
CA PRO D 28 -17.06 43.05 -6.66
C PRO D 28 -16.42 44.24 -5.94
N ALA D 29 -15.25 44.67 -6.42
CA ALA D 29 -14.57 45.80 -5.79
C ALA D 29 -15.16 47.13 -6.24
N ASN D 30 -15.92 47.12 -7.34
CA ASN D 30 -16.43 48.37 -7.88
C ASN D 30 -17.75 48.28 -8.64
N GLY D 31 -18.32 47.08 -8.72
CA GLY D 31 -19.60 46.86 -9.38
C GLY D 31 -19.53 46.81 -10.89
N GLU D 32 -18.36 46.97 -11.45
CA GLU D 32 -18.24 47.01 -12.88
C GLU D 32 -18.28 45.64 -13.55
N VAL D 33 -18.78 45.60 -14.76
CA VAL D 33 -18.87 44.38 -15.55
C VAL D 33 -17.52 43.97 -16.13
N LEU D 34 -17.03 42.79 -15.77
CA LEU D 34 -15.75 42.32 -16.28
C LEU D 34 -15.91 41.76 -17.69
N ALA D 35 -16.99 41.02 -17.90
CA ALA D 35 -17.17 40.33 -19.17
C ALA D 35 -18.59 39.84 -19.30
N LYS D 36 -19.08 39.81 -20.54
CA LYS D 36 -20.21 38.94 -20.85
C LYS D 36 -19.72 37.51 -21.09
N VAL D 37 -20.51 36.54 -20.63
CA VAL D 37 -20.10 35.14 -20.68
C VAL D 37 -21.24 34.29 -21.23
N GLN D 38 -20.92 33.40 -22.15
CA GLN D 38 -21.95 32.61 -22.82
C GLN D 38 -22.51 31.51 -21.94
N ARG D 39 -23.79 31.20 -22.14
CA ARG D 39 -24.44 30.12 -21.45
C ARG D 39 -24.42 28.89 -22.33
N ALA D 40 -23.90 27.80 -21.82
CA ALA D 40 -23.96 26.54 -22.54
C ALA D 40 -25.41 26.07 -22.65
N SER D 41 -25.75 25.51 -23.80
CA SER D 41 -27.06 24.91 -23.98
C SER D 41 -26.98 23.42 -23.69
N ARG D 42 -28.13 22.76 -23.70
CA ARG D 42 -28.20 21.33 -23.49
C ARG D 42 -27.38 20.66 -24.58
N GLU D 43 -27.50 21.15 -25.81
N GLU D 43 -27.51 21.17 -25.80
CA GLU D 43 -26.76 20.57 -26.93
CA GLU D 43 -26.78 20.62 -26.93
C GLU D 43 -25.26 20.87 -26.83
C GLU D 43 -25.27 20.86 -26.79
N ASP D 44 -24.90 21.95 -26.13
CA ASP D 44 -23.50 22.24 -25.87
C ASP D 44 -22.92 21.24 -24.88
N VAL D 45 -23.72 20.85 -23.89
CA VAL D 45 -23.28 19.81 -22.97
C VAL D 45 -22.98 18.51 -23.75
N GLU D 46 -23.93 18.12 -24.59
CA GLU D 46 -23.76 16.93 -25.41
C GLU D 46 -22.49 17.04 -26.23
N ARG D 47 -22.26 18.20 -26.82
CA ARG D 47 -21.07 18.42 -27.65
C ARG D 47 -19.81 18.25 -26.82
N ALA D 48 -19.83 18.77 -25.60
CA ALA D 48 -18.66 18.69 -24.74
C ALA D 48 -18.40 17.24 -24.31
N VAL D 49 -19.47 16.46 -24.14
CA VAL D 49 -19.35 15.06 -23.74
C VAL D 49 -18.76 14.22 -24.87
N GLN D 50 -19.24 14.44 -26.10
CA GLN D 50 -18.69 13.70 -27.23
C GLN D 50 -17.22 14.05 -27.42
N SER D 51 -16.92 15.34 -27.32
CA SER D 51 -15.53 15.80 -27.38
C SER D 51 -14.68 15.10 -26.32
N ALA D 52 -15.19 15.03 -25.11
CA ALA D 52 -14.47 14.39 -24.01
C ALA D 52 -14.27 12.88 -24.23
N VAL D 53 -15.31 12.21 -24.75
CA VAL D 53 -15.19 10.77 -25.01
C VAL D 53 -14.02 10.49 -25.96
N GLU D 54 -13.88 11.26 -27.02
CA GLU D 54 -12.81 11.03 -27.98
C GLU D 54 -11.45 11.48 -27.45
N GLY D 55 -11.44 12.62 -26.78
CA GLY D 55 -10.24 13.10 -26.13
C GLY D 55 -9.70 12.09 -25.14
N GLN D 56 -10.58 11.53 -24.31
CA GLN D 56 -10.16 10.61 -23.26
C GLN D 56 -9.43 9.41 -23.83
N LYS D 57 -9.87 8.95 -25.00
CA LYS D 57 -9.23 7.80 -25.62
C LYS D 57 -7.79 8.12 -26.05
N VAL D 58 -7.58 9.32 -26.58
CA VAL D 58 -6.23 9.73 -26.96
C VAL D 58 -5.35 9.79 -25.71
N TRP D 59 -5.87 10.45 -24.67
CA TRP D 59 -5.17 10.64 -23.41
C TRP D 59 -4.78 9.30 -22.77
N ALA D 60 -5.74 8.39 -22.68
CA ALA D 60 -5.51 7.12 -22.00
C ALA D 60 -4.59 6.19 -22.79
N ALA D 61 -4.51 6.40 -24.11
CA ALA D 61 -3.70 5.54 -24.95
C ALA D 61 -2.21 5.91 -24.84
N MET D 62 -1.90 7.12 -24.42
CA MET D 62 -0.51 7.49 -24.15
C MET D 62 0.04 6.67 -22.98
N THR D 63 1.36 6.67 -22.80
CA THR D 63 1.96 6.01 -21.65
C THR D 63 1.85 6.88 -20.42
N ALA D 64 1.99 6.27 -19.25
CA ALA D 64 1.91 7.00 -17.99
C ALA D 64 2.87 8.20 -17.99
N MET D 65 4.11 7.98 -18.42
CA MET D 65 5.11 9.04 -18.39
C MET D 65 4.80 10.17 -19.39
N GLN D 66 4.23 9.81 -20.54
CA GLN D 66 3.78 10.83 -21.49
C GLN D 66 2.72 11.74 -20.85
N ARG D 67 1.80 11.16 -20.09
CA ARG D 67 0.79 11.97 -19.42
C ARG D 67 1.49 12.85 -18.38
N SER D 68 2.36 12.23 -17.59
CA SER D 68 3.12 12.93 -16.57
C SER D 68 3.86 14.17 -17.09
N ARG D 69 4.51 14.03 -18.24
CA ARG D 69 5.30 15.10 -18.83
C ARG D 69 4.43 16.26 -19.26
N ILE D 70 3.26 15.93 -19.81
CA ILE D 70 2.33 16.93 -20.27
C ILE D 70 1.81 17.75 -19.08
N LEU D 71 1.42 17.08 -18.02
CA LEU D 71 0.94 17.78 -16.82
C LEU D 71 2.05 18.61 -16.14
N ARG D 72 3.27 18.10 -16.15
CA ARG D 72 4.41 18.84 -15.59
C ARG D 72 4.65 20.13 -16.37
N ARG D 73 4.44 20.05 -17.68
CA ARG D 73 4.59 21.22 -18.53
C ARG D 73 3.50 22.25 -18.20
N ALA D 74 2.29 21.76 -17.94
CA ALA D 74 1.22 22.67 -17.56
C ALA D 74 1.63 23.38 -16.29
N VAL D 75 2.22 22.65 -15.37
CA VAL D 75 2.70 23.21 -14.12
C VAL D 75 3.71 24.34 -14.39
N ASP D 76 4.64 24.08 -15.31
CA ASP D 76 5.65 25.08 -15.66
C ASP D 76 5.02 26.37 -16.19
N ILE D 77 4.01 26.23 -17.03
CA ILE D 77 3.31 27.39 -17.55
C ILE D 77 2.60 28.15 -16.44
N LEU D 78 1.91 27.41 -15.57
CA LEU D 78 1.21 28.04 -14.45
C LEU D 78 2.15 28.83 -13.53
N ARG D 79 3.38 28.34 -13.34
CA ARG D 79 4.37 29.08 -12.55
C ARG D 79 4.79 30.36 -13.25
N GLU D 80 5.05 30.26 -14.55
CA GLU D 80 5.41 31.41 -15.37
C GLU D 80 4.35 32.49 -15.25
N ARG D 81 3.09 32.09 -15.31
CA ARG D 81 1.98 33.04 -15.42
C ARG D 81 1.25 33.26 -14.10
N ASN D 82 1.92 32.91 -13.01
CA ASN D 82 1.32 33.03 -11.69
C ASN D 82 0.72 34.42 -11.41
N ASP D 83 1.53 35.47 -11.58
CA ASP D 83 1.08 36.83 -11.31
C ASP D 83 -0.08 37.28 -12.19
N GLU D 84 0.04 37.04 -13.50
CA GLU D 84 -1.02 37.32 -14.45
C GLU D 84 -2.35 36.63 -14.08
N LEU D 85 -2.29 35.33 -13.81
CA LEU D 85 -3.49 34.60 -13.39
C LEU D 85 -4.02 35.11 -12.04
N ALA D 86 -3.11 35.50 -11.15
CA ALA D 86 -3.50 36.02 -9.85
C ALA D 86 -4.26 37.33 -10.01
N ALA D 87 -3.82 38.14 -10.97
CA ALA D 87 -4.46 39.43 -11.23
C ALA D 87 -5.89 39.21 -11.74
N LEU D 88 -6.06 38.23 -12.62
CA LEU D 88 -7.40 37.92 -13.14
C LEU D 88 -8.30 37.41 -12.03
N GLU D 89 -7.75 36.57 -11.15
CA GLU D 89 -8.53 36.02 -10.04
C GLU D 89 -8.95 37.13 -9.06
N THR D 90 -8.07 38.09 -8.86
CA THR D 90 -8.39 39.25 -8.03
C THR D 90 -9.53 40.05 -8.61
N LEU D 91 -9.49 40.30 -9.92
CA LEU D 91 -10.61 40.98 -10.57
C LEU D 91 -11.88 40.20 -10.35
N ASP D 92 -11.81 38.89 -10.58
CA ASP D 92 -13.00 38.07 -10.57
C ASP D 92 -13.53 37.81 -9.16
N THR D 93 -12.68 37.81 -8.13
CA THR D 93 -13.16 37.40 -6.82
C THR D 93 -13.17 38.52 -5.78
N GLY D 94 -12.38 39.56 -6.03
CA GLY D 94 -12.25 40.66 -5.08
C GLY D 94 -11.20 40.35 -4.03
N LYS D 95 -10.62 39.15 -4.06
CA LYS D 95 -9.58 38.80 -3.11
C LYS D 95 -8.29 39.60 -3.35
N PRO D 96 -7.62 39.99 -2.26
CA PRO D 96 -6.41 40.80 -2.35
C PRO D 96 -5.35 40.15 -3.20
N LEU D 97 -4.62 40.96 -3.94
CA LEU D 97 -3.52 40.52 -4.78
C LEU D 97 -2.50 39.75 -3.92
N ALA D 98 -2.34 40.20 -2.67
CA ALA D 98 -1.41 39.58 -1.74
C ALA D 98 -1.79 38.13 -1.47
N GLU D 99 -3.07 37.81 -1.58
CA GLU D 99 -3.51 36.43 -1.42
C GLU D 99 -3.35 35.64 -2.73
N THR D 100 -3.89 36.18 -3.81
CA THR D 100 -3.93 35.44 -5.06
C THR D 100 -2.54 35.17 -5.64
N ARG D 101 -1.61 36.09 -5.40
CA ARG D 101 -0.26 35.95 -5.93
C ARG D 101 0.53 34.84 -5.23
N SER D 102 0.12 34.50 -4.02
CA SER D 102 0.92 33.59 -3.21
C SER D 102 0.18 32.30 -2.85
N VAL D 103 -1.14 32.30 -3.00
CA VAL D 103 -1.93 31.16 -2.61
C VAL D 103 -2.62 30.46 -3.79
N ASP D 104 -3.55 31.16 -4.42
CA ASP D 104 -4.46 30.53 -5.37
C ASP D 104 -3.78 29.67 -6.43
N ILE D 105 -2.97 30.28 -7.30
CA ILE D 105 -2.27 29.49 -8.30
C ILE D 105 -1.13 28.66 -7.69
N VAL D 106 -0.41 29.21 -6.73
CA VAL D 106 0.68 28.47 -6.11
C VAL D 106 0.22 27.09 -5.65
N THR D 107 -0.87 27.04 -4.90
CA THR D 107 -1.34 25.79 -4.31
C THR D 107 -2.17 24.96 -5.28
N GLY D 108 -2.73 25.62 -6.30
CA GLY D 108 -3.37 24.92 -7.40
C GLY D 108 -2.33 24.12 -8.16
N ALA D 109 -1.28 24.81 -8.61
CA ALA D 109 -0.18 24.16 -9.31
C ALA D 109 0.52 23.09 -8.44
N ASP D 110 0.60 23.32 -7.13
CA ASP D 110 1.24 22.34 -6.24
C ASP D 110 0.56 20.98 -6.40
N VAL D 111 -0.76 20.99 -6.44
CA VAL D 111 -1.53 19.75 -6.44
C VAL D 111 -1.37 19.06 -7.79
N LEU D 112 -1.44 19.84 -8.86
CA LEU D 112 -1.18 19.33 -10.20
C LEU D 112 0.22 18.74 -10.30
N GLU D 113 1.20 19.47 -9.78
CA GLU D 113 2.59 19.02 -9.79
C GLU D 113 2.70 17.69 -9.02
N TYR D 114 2.02 17.60 -7.89
CA TYR D 114 2.02 16.39 -7.08
C TYR D 114 1.50 15.20 -7.88
N TYR D 115 0.31 15.33 -8.46
CA TYR D 115 -0.28 14.22 -9.20
C TYR D 115 0.48 13.89 -10.48
N ALA D 116 1.01 14.90 -11.14
CA ALA D 116 1.76 14.65 -12.38
C ALA D 116 2.86 13.64 -12.11
N GLY D 117 3.46 13.72 -10.93
CA GLY D 117 4.56 12.84 -10.57
C GLY D 117 4.09 11.44 -10.22
N LEU D 118 2.80 11.29 -9.95
CA LEU D 118 2.28 10.00 -9.49
C LEU D 118 1.65 9.12 -10.57
N VAL D 119 1.49 9.66 -11.78
CA VAL D 119 0.86 8.90 -12.87
C VAL D 119 1.43 7.46 -13.03
N PRO D 120 2.77 7.32 -13.04
CA PRO D 120 3.36 5.99 -13.22
C PRO D 120 3.20 5.08 -12.02
N ALA D 121 2.70 5.61 -10.91
CA ALA D 121 2.62 4.82 -9.70
C ALA D 121 1.22 4.27 -9.47
N ILE D 122 0.30 4.53 -10.39
CA ILE D 122 -1.04 3.96 -10.27
C ILE D 122 -0.99 2.47 -10.61
N GLU D 123 -1.17 1.63 -9.60
CA GLU D 123 -1.02 0.19 -9.79
C GLU D 123 -2.25 -0.56 -9.33
N GLY D 124 -2.43 -1.75 -9.88
CA GLY D 124 -3.39 -2.71 -9.34
C GLY D 124 -2.74 -3.75 -8.45
N GLU D 125 -3.48 -4.78 -8.11
CA GLU D 125 -3.04 -5.83 -7.20
C GLU D 125 -2.94 -7.15 -7.94
N GLN D 126 -2.19 -8.08 -7.36
CA GLN D 126 -2.17 -9.45 -7.85
C GLN D 126 -2.34 -10.41 -6.68
N ILE D 127 -3.27 -11.35 -6.81
CA ILE D 127 -3.63 -12.26 -5.74
C ILE D 127 -3.63 -13.71 -6.23
N PRO D 128 -2.73 -14.54 -5.69
CA PRO D 128 -2.78 -15.96 -6.07
C PRO D 128 -3.90 -16.66 -5.29
N LEU D 129 -4.66 -17.51 -5.96
CA LEU D 129 -5.75 -18.22 -5.28
C LEU D 129 -5.26 -19.62 -5.00
N ARG D 130 -4.64 -20.20 -6.02
CA ARG D 130 -4.14 -21.57 -5.96
C ARG D 130 -3.19 -21.71 -7.15
N GLU D 131 -2.58 -22.84 -7.31
CA GLU D 131 -1.62 -23.04 -8.35
C GLU D 131 -2.17 -22.79 -9.73
N THR D 132 -3.41 -23.15 -9.92
CA THR D 132 -4.05 -23.07 -11.23
C THR D 132 -4.88 -21.81 -11.44
N SER D 133 -4.77 -20.84 -10.55
CA SER D 133 -5.58 -19.64 -10.73
C SER D 133 -5.09 -18.47 -9.90
N PHE D 134 -5.19 -17.28 -10.48
CA PHE D 134 -4.81 -16.04 -9.81
C PHE D 134 -5.67 -14.90 -10.32
N VAL D 135 -5.74 -13.83 -9.53
CA VAL D 135 -6.39 -12.63 -9.99
C VAL D 135 -5.46 -11.44 -10.01
N TYR D 136 -5.75 -10.53 -10.93
CA TYR D 136 -5.12 -9.23 -10.90
C TYR D 136 -6.19 -8.18 -11.07
N THR D 137 -5.97 -7.03 -10.46
CA THR D 137 -6.88 -5.93 -10.67
C THR D 137 -6.22 -4.89 -11.54
N ARG D 138 -7.07 -4.16 -12.24
CA ARG D 138 -6.64 -3.02 -13.03
C ARG D 138 -7.35 -1.82 -12.45
N ARG D 139 -6.65 -0.71 -12.41
CA ARG D 139 -7.29 0.55 -12.05
C ARG D 139 -7.47 1.36 -13.32
N GLU D 140 -8.64 1.22 -13.93
CA GLU D 140 -8.91 1.81 -15.23
C GLU D 140 -9.45 3.23 -15.03
N PRO D 141 -9.28 4.09 -16.03
CA PRO D 141 -9.91 5.42 -15.95
C PRO D 141 -11.43 5.27 -15.89
N LEU D 142 -12.09 6.22 -15.23
CA LEU D 142 -13.55 6.20 -15.22
C LEU D 142 -14.04 6.55 -16.61
N GLY D 143 -13.29 7.41 -17.29
CA GLY D 143 -13.67 7.87 -18.61
C GLY D 143 -13.89 9.37 -18.59
N VAL D 144 -15.14 9.78 -18.79
CA VAL D 144 -15.45 11.20 -18.74
C VAL D 144 -16.04 11.54 -17.38
N VAL D 145 -15.50 12.56 -16.74
CA VAL D 145 -16.02 13.02 -15.45
C VAL D 145 -16.32 14.52 -15.51
N ALA D 146 -17.01 15.03 -14.50
CA ALA D 146 -17.39 16.43 -14.49
C ALA D 146 -17.06 17.07 -13.15
N GLY D 147 -16.45 18.24 -13.21
CA GLY D 147 -16.18 19.01 -12.03
C GLY D 147 -17.04 20.27 -12.01
N ILE D 148 -17.56 20.61 -10.84
CA ILE D 148 -18.40 21.77 -10.67
C ILE D 148 -17.80 22.66 -9.57
N GLY D 149 -17.35 23.86 -9.95
CA GLY D 149 -16.57 24.69 -9.04
C GLY D 149 -17.34 25.65 -8.15
N ALA D 150 -16.67 26.14 -7.10
CA ALA D 150 -17.23 27.20 -6.25
C ALA D 150 -16.57 28.53 -6.60
N TRP D 151 -17.06 29.61 -5.99
CA TRP D 151 -16.58 30.94 -6.36
C TRP D 151 -15.48 31.54 -5.47
N ASN D 152 -15.20 30.94 -4.33
CA ASN D 152 -14.17 31.51 -3.45
C ASN D 152 -12.73 31.26 -3.91
N TYR D 153 -12.48 30.08 -4.48
CA TYR D 153 -11.14 29.75 -4.99
C TYR D 153 -11.22 29.09 -6.37
N PRO D 154 -11.65 29.86 -7.38
CA PRO D 154 -12.02 29.32 -8.70
C PRO D 154 -10.92 28.50 -9.38
N VAL D 155 -9.74 29.06 -9.56
CA VAL D 155 -8.74 28.33 -10.33
C VAL D 155 -8.09 27.21 -9.51
N GLN D 156 -8.01 27.41 -8.20
CA GLN D 156 -7.45 26.40 -7.32
C GLN D 156 -8.36 25.17 -7.27
N ILE D 157 -9.66 25.39 -7.22
CA ILE D 157 -10.61 24.29 -7.19
C ILE D 157 -10.60 23.56 -8.53
N ALA D 158 -10.52 24.33 -9.61
CA ALA D 158 -10.48 23.75 -10.94
C ALA D 158 -9.23 22.87 -11.06
N LEU D 159 -8.15 23.30 -10.44
CA LEU D 159 -6.93 22.51 -10.46
C LEU D 159 -7.01 21.29 -9.54
N TRP D 160 -7.55 21.46 -8.33
CA TRP D 160 -7.60 20.34 -7.38
C TRP D 160 -8.51 19.21 -7.87
N LYS D 161 -9.46 19.55 -8.74
CA LYS D 161 -10.39 18.57 -9.28
C LYS D 161 -9.84 17.99 -10.57
N SER D 162 -9.30 18.84 -11.44
CA SER D 162 -8.85 18.35 -12.74
C SER D 162 -7.54 17.56 -12.64
N ALA D 163 -6.68 17.89 -11.68
CA ALA D 163 -5.36 17.25 -11.61
C ALA D 163 -5.42 15.73 -11.38
N PRO D 164 -6.07 15.30 -10.28
CA PRO D 164 -6.19 13.85 -10.09
C PRO D 164 -7.01 13.20 -11.22
N ALA D 165 -8.07 13.88 -11.66
CA ALA D 165 -8.88 13.34 -12.75
C ALA D 165 -8.04 13.04 -14.01
N LEU D 166 -7.28 14.02 -14.48
CA LEU D 166 -6.44 13.82 -15.65
C LEU D 166 -5.29 12.85 -15.38
N ALA D 167 -4.69 12.96 -14.20
CA ALA D 167 -3.58 12.08 -13.83
C ALA D 167 -4.01 10.61 -13.87
N ALA D 168 -5.27 10.36 -13.57
CA ALA D 168 -5.81 9.00 -13.57
C ALA D 168 -6.33 8.62 -14.96
N GLY D 169 -6.09 9.49 -15.93
CA GLY D 169 -6.38 9.18 -17.32
C GLY D 169 -7.80 9.48 -17.80
N ASN D 170 -8.50 10.33 -17.05
CA ASN D 170 -9.87 10.74 -17.42
C ASN D 170 -9.89 12.04 -18.20
N ALA D 171 -11.00 12.28 -18.87
CA ALA D 171 -11.32 13.60 -19.37
C ALA D 171 -12.32 14.24 -18.41
N MET D 172 -12.14 15.53 -18.16
CA MET D 172 -13.04 16.26 -17.29
C MET D 172 -13.73 17.41 -18.02
N ILE D 173 -15.05 17.46 -17.93
CA ILE D 173 -15.79 18.66 -18.28
C ILE D 173 -15.98 19.46 -17.00
N PHE D 174 -15.53 20.72 -17.01
CA PHE D 174 -15.57 21.56 -15.80
C PHE D 174 -16.53 22.76 -15.93
N LYS D 175 -17.31 22.98 -14.88
CA LYS D 175 -18.21 24.13 -14.85
C LYS D 175 -17.89 25.05 -13.67
N PRO D 176 -17.27 26.20 -13.97
CA PRO D 176 -16.97 27.18 -12.92
C PRO D 176 -18.27 27.76 -12.37
N SER D 177 -18.22 28.32 -11.17
CA SER D 177 -19.34 29.10 -10.68
C SER D 177 -19.66 30.22 -11.68
N GLU D 178 -20.96 30.46 -11.86
CA GLU D 178 -21.43 31.55 -12.69
C GLU D 178 -20.86 32.85 -12.15
N VAL D 179 -20.61 32.87 -10.85
CA VAL D 179 -20.05 34.04 -10.23
C VAL D 179 -18.62 34.25 -10.70
N THR D 180 -17.83 33.20 -10.91
CA THR D 180 -16.43 33.42 -11.27
C THR D 180 -15.94 32.49 -12.39
N PRO D 181 -16.25 32.84 -13.64
CA PRO D 181 -15.95 31.96 -14.77
C PRO D 181 -14.57 32.17 -15.40
N LEU D 182 -13.87 33.26 -15.10
CA LEU D 182 -12.73 33.70 -15.92
C LEU D 182 -11.47 32.81 -15.91
N THR D 183 -10.97 32.49 -14.72
CA THR D 183 -9.71 31.76 -14.64
C THR D 183 -9.80 30.32 -15.15
N ALA D 184 -10.96 29.68 -15.03
CA ALA D 184 -11.15 28.32 -15.53
C ALA D 184 -10.89 28.21 -17.03
N LEU D 185 -11.33 29.22 -17.77
CA LEU D 185 -11.16 29.24 -19.22
C LEU D 185 -9.68 29.39 -19.54
N LYS D 186 -9.00 30.19 -18.72
CA LYS D 186 -7.56 30.35 -18.86
C LYS D 186 -6.85 29.03 -18.62
N LEU D 187 -7.26 28.32 -17.58
CA LEU D 187 -6.68 27.02 -17.29
C LEU D 187 -6.78 26.08 -18.51
N ALA D 188 -7.92 26.09 -19.19
CA ALA D 188 -8.14 25.21 -20.34
C ALA D 188 -7.15 25.55 -21.46
N GLU D 189 -6.93 26.84 -21.67
CA GLU D 189 -5.93 27.29 -22.63
C GLU D 189 -4.56 26.74 -22.25
N ILE D 190 -4.20 26.86 -20.98
CA ILE D 190 -2.91 26.38 -20.52
C ILE D 190 -2.73 24.87 -20.69
N TYR D 191 -3.75 24.09 -20.35
CA TYR D 191 -3.71 22.64 -20.60
C TYR D 191 -3.47 22.31 -22.08
N THR D 192 -4.22 22.96 -22.97
CA THR D 192 -4.02 22.75 -24.40
C THR D 192 -2.58 23.11 -24.80
N GLU D 193 -2.11 24.27 -24.36
CA GLU D 193 -0.74 24.69 -24.67
C GLU D 193 0.28 23.66 -24.19
N ALA D 194 0.00 23.03 -23.05
CA ALA D 194 0.93 22.08 -22.44
C ALA D 194 0.96 20.75 -23.18
N GLY D 195 -0.02 20.53 -24.06
CA GLY D 195 -0.10 19.29 -24.82
C GLY D 195 -1.22 18.35 -24.41
N VAL D 196 -2.11 18.78 -23.52
CA VAL D 196 -3.30 17.97 -23.22
C VAL D 196 -4.14 17.84 -24.49
N PRO D 197 -4.45 16.61 -24.89
CA PRO D 197 -5.25 16.38 -26.10
C PRO D 197 -6.58 17.12 -26.08
N ASP D 198 -7.04 17.51 -27.27
CA ASP D 198 -8.33 18.18 -27.40
C ASP D 198 -9.44 17.34 -26.77
N GLY D 199 -10.26 17.97 -25.94
CA GLY D 199 -11.42 17.31 -25.38
C GLY D 199 -11.22 16.82 -23.95
N VAL D 200 -9.96 16.74 -23.52
CA VAL D 200 -9.67 16.18 -22.22
C VAL D 200 -10.02 17.13 -21.08
N PHE D 201 -9.90 18.43 -21.32
CA PHE D 201 -10.39 19.40 -20.35
C PHE D 201 -11.23 20.47 -21.03
N ASN D 202 -12.55 20.30 -20.93
CA ASN D 202 -13.52 21.21 -21.52
C ASN D 202 -14.18 22.06 -20.45
N VAL D 203 -14.51 23.30 -20.79
CA VAL D 203 -15.11 24.21 -19.82
C VAL D 203 -16.44 24.74 -20.32
N LEU D 204 -17.49 24.53 -19.52
CA LEU D 204 -18.82 25.01 -19.88
C LEU D 204 -19.26 26.02 -18.85
N THR D 205 -19.69 27.19 -19.31
CA THR D 205 -20.14 28.24 -18.41
C THR D 205 -21.66 28.36 -18.39
N GLY D 206 -22.19 28.81 -17.25
CA GLY D 206 -23.62 28.92 -17.08
C GLY D 206 -24.01 28.70 -15.64
N SER D 207 -25.30 28.45 -15.41
CA SER D 207 -25.82 28.31 -14.05
C SER D 207 -25.85 26.84 -13.62
N GLY D 208 -25.79 26.61 -12.32
CA GLY D 208 -25.89 25.28 -11.76
C GLY D 208 -27.26 24.68 -12.02
N ARG D 209 -28.27 25.51 -11.96
CA ARG D 209 -29.61 25.08 -12.23
C ARG D 209 -29.73 24.43 -13.58
N GLU D 210 -28.99 24.90 -14.57
CA GLU D 210 -29.12 24.40 -15.94
C GLU D 210 -27.98 23.48 -16.32
N VAL D 211 -26.88 24.05 -16.79
CA VAL D 211 -25.75 23.26 -17.27
C VAL D 211 -25.20 22.35 -16.17
N GLY D 212 -25.09 22.86 -14.95
CA GLY D 212 -24.67 22.03 -13.82
C GLY D 212 -25.52 20.78 -13.72
N GLN D 213 -26.82 20.97 -13.66
CA GLN D 213 -27.75 19.84 -13.62
C GLN D 213 -27.71 18.98 -14.89
N TRP D 214 -27.52 19.59 -16.05
CA TRP D 214 -27.39 18.80 -17.27
C TRP D 214 -26.18 17.87 -17.20
N LEU D 215 -25.13 18.30 -16.49
CA LEU D 215 -23.95 17.48 -16.34
C LEU D 215 -24.14 16.33 -15.35
N THR D 216 -24.85 16.59 -14.27
CA THR D 216 -25.06 15.58 -13.25
C THR D 216 -26.00 14.51 -13.78
N GLU D 217 -26.78 14.89 -14.79
CA GLU D 217 -27.79 13.98 -15.33
C GLU D 217 -27.30 13.16 -16.51
N HIS D 218 -26.23 13.62 -17.16
CA HIS D 218 -25.83 12.97 -18.41
C HIS D 218 -25.40 11.52 -18.21
N PRO D 219 -25.97 10.61 -19.01
CA PRO D 219 -25.78 9.16 -18.89
C PRO D 219 -24.36 8.70 -19.14
N LEU D 220 -23.58 9.49 -19.88
CA LEU D 220 -22.23 9.09 -20.24
C LEU D 220 -21.15 9.60 -19.28
N ILE D 221 -21.54 10.46 -18.34
CA ILE D 221 -20.59 10.97 -17.37
C ILE D 221 -20.54 10.01 -16.18
N GLU D 222 -19.34 9.58 -15.81
CA GLU D 222 -19.20 8.47 -14.86
C GLU D 222 -19.00 8.96 -13.42
N LYS D 223 -18.63 10.23 -13.25
CA LYS D 223 -18.40 10.74 -11.92
C LYS D 223 -18.61 12.24 -11.85
N ILE D 224 -19.22 12.70 -10.76
CA ILE D 224 -19.36 14.13 -10.48
C ILE D 224 -18.50 14.51 -9.27
N SER D 225 -17.73 15.57 -9.40
CA SER D 225 -17.02 16.13 -8.26
C SER D 225 -17.48 17.56 -8.03
N PHE D 226 -17.98 17.81 -6.83
CA PHE D 226 -18.65 19.06 -6.53
C PHE D 226 -18.08 19.74 -5.29
N THR D 227 -18.03 21.06 -5.36
CA THR D 227 -17.60 21.89 -4.25
C THR D 227 -18.59 23.04 -4.09
N GLY D 228 -19.14 23.19 -2.90
CA GLY D 228 -20.10 24.24 -2.63
C GLY D 228 -20.85 24.05 -1.32
N GLY D 229 -22.06 24.59 -1.24
CA GLY D 229 -22.85 24.49 -0.02
C GLY D 229 -23.52 23.14 0.20
N THR D 230 -23.68 22.77 1.47
CA THR D 230 -24.27 21.49 1.83
C THR D 230 -25.64 21.29 1.18
N SER D 231 -26.48 22.31 1.27
CA SER D 231 -27.82 22.26 0.71
C SER D 231 -27.81 21.94 -0.79
N THR D 232 -26.92 22.61 -1.53
CA THR D 232 -26.81 22.38 -2.97
C THR D 232 -26.18 21.02 -3.23
N GLY D 233 -25.19 20.67 -2.41
CA GLY D 233 -24.51 19.39 -2.53
C GLY D 233 -25.48 18.22 -2.50
N LYS D 234 -26.49 18.32 -1.63
CA LYS D 234 -27.47 17.23 -1.50
C LYS D 234 -28.29 17.06 -2.77
N LYS D 235 -28.64 18.16 -3.41
CA LYS D 235 -29.41 18.11 -4.63
C LYS D 235 -28.56 17.61 -5.76
N VAL D 236 -27.33 18.06 -5.83
CA VAL D 236 -26.40 17.58 -6.84
C VAL D 236 -26.15 16.07 -6.70
N MET D 237 -25.93 15.60 -5.48
CA MET D 237 -25.63 14.19 -5.27
C MET D 237 -26.82 13.30 -5.56
N ALA D 238 -28.00 13.75 -5.16
CA ALA D 238 -29.25 13.03 -5.47
C ALA D 238 -29.43 12.89 -6.98
N SER D 239 -29.12 13.95 -7.72
CA SER D 239 -29.34 13.93 -9.16
C SER D 239 -28.34 13.03 -9.85
N ALA D 240 -27.09 13.06 -9.39
CA ALA D 240 -26.05 12.23 -9.98
C ALA D 240 -26.35 10.76 -9.72
N SER D 241 -27.01 10.50 -8.59
CA SER D 241 -27.35 9.14 -8.20
C SER D 241 -28.53 8.58 -9.00
N SER D 242 -29.64 9.30 -9.01
CA SER D 242 -30.85 8.78 -9.65
C SER D 242 -30.76 8.76 -11.18
N SER D 243 -29.93 9.61 -11.76
CA SER D 243 -29.78 9.63 -13.21
C SER D 243 -29.08 8.38 -13.75
N SER D 244 -27.87 8.09 -13.28
CA SER D 244 -27.12 6.97 -13.84
C SER D 244 -26.18 6.35 -12.83
N LEU D 245 -26.47 6.58 -11.56
CA LEU D 245 -25.63 6.05 -10.49
C LEU D 245 -24.19 6.50 -10.58
N LYS D 246 -23.90 7.77 -10.83
CA LYS D 246 -22.51 8.20 -10.93
C LYS D 246 -21.75 8.06 -9.60
N GLU D 247 -20.43 7.91 -9.68
CA GLU D 247 -19.58 8.08 -8.50
C GLU D 247 -19.56 9.57 -8.13
N VAL D 248 -19.33 9.87 -6.86
CA VAL D 248 -19.35 11.28 -6.41
C VAL D 248 -18.27 11.64 -5.42
N THR D 249 -17.86 12.90 -5.47
CA THR D 249 -17.06 13.53 -4.43
C THR D 249 -17.74 14.83 -4.14
N MET D 250 -17.92 15.14 -2.85
CA MET D 250 -18.59 16.37 -2.44
C MET D 250 -17.74 17.06 -1.39
N GLU D 251 -17.29 18.27 -1.69
CA GLU D 251 -16.60 19.10 -0.72
C GLU D 251 -17.55 20.24 -0.33
N LEU D 252 -18.14 20.14 0.86
CA LEU D 252 -19.18 21.08 1.23
C LEU D 252 -18.82 22.09 2.31
N GLY D 253 -19.84 22.63 2.98
CA GLY D 253 -19.63 23.67 3.97
C GLY D 253 -19.31 23.14 5.34
N GLY D 254 -19.21 24.04 6.30
CA GLY D 254 -18.99 23.66 7.68
C GLY D 254 -19.19 24.77 8.70
N LYS D 255 -19.12 24.41 9.95
CA LYS D 255 -19.10 25.34 11.04
C LYS D 255 -18.05 24.84 11.98
N SER D 256 -16.82 24.91 11.55
CA SER D 256 -15.71 24.23 12.18
C SER D 256 -15.28 24.87 13.50
N PRO D 257 -15.08 24.04 14.54
CA PRO D 257 -14.65 24.48 15.87
C PRO D 257 -13.14 24.70 15.99
N LEU D 258 -12.75 25.75 16.70
CA LEU D 258 -11.38 25.92 17.15
C LEU D 258 -11.39 25.98 18.67
N ILE D 259 -10.70 25.04 19.32
CA ILE D 259 -10.68 24.99 20.79
C ILE D 259 -9.34 25.45 21.34
N ILE D 260 -9.35 26.61 22.00
CA ILE D 260 -8.17 27.12 22.66
C ILE D 260 -8.17 26.58 24.10
N PHE D 261 -7.23 25.70 24.42
CA PHE D 261 -7.11 25.20 25.80
C PHE D 261 -6.32 26.16 26.70
N PRO D 262 -6.51 26.06 28.02
CA PRO D 262 -5.97 27.06 28.95
C PRO D 262 -4.44 27.17 28.96
N ASP D 263 -3.72 26.16 28.47
CA ASP D 263 -2.27 26.21 28.49
C ASP D 263 -1.70 26.84 27.22
N ALA D 264 -2.60 27.22 26.31
CA ALA D 264 -2.19 27.79 25.04
C ALA D 264 -1.56 29.16 25.20
N ASP D 265 -0.63 29.47 24.30
CA ASP D 265 -0.11 30.82 24.14
C ASP D 265 -1.20 31.64 23.46
N LEU D 266 -1.70 32.67 24.16
CA LEU D 266 -2.83 33.45 23.65
C LEU D 266 -2.49 34.30 22.44
N ASP D 267 -1.20 34.60 22.26
CA ASP D 267 -0.76 35.31 21.07
C ASP D 267 -0.91 34.43 19.83
N ARG D 268 -0.40 33.19 19.91
CA ARG D 268 -0.58 32.22 18.83
C ARG D 268 -2.07 31.96 18.61
N ALA D 269 -2.79 31.74 19.72
CA ALA D 269 -4.22 31.45 19.67
C ALA D 269 -4.99 32.53 18.90
N ALA D 270 -4.69 33.79 19.20
CA ALA D 270 -5.33 34.92 18.53
C ALA D 270 -4.97 34.96 17.06
N ASP D 271 -3.69 34.76 16.77
CA ASP D 271 -3.20 34.70 15.40
C ASP D 271 -3.92 33.64 14.59
N ILE D 272 -4.12 32.47 15.21
CA ILE D 272 -4.79 31.38 14.55
C ILE D 272 -6.27 31.70 14.40
N ALA D 273 -6.87 32.20 15.47
CA ALA D 273 -8.29 32.51 15.43
C ALA D 273 -8.59 33.49 14.30
N VAL D 274 -7.81 34.57 14.18
CA VAL D 274 -8.06 35.54 13.12
C VAL D 274 -7.83 34.98 11.73
N MET D 275 -6.73 34.26 11.56
CA MET D 275 -6.43 33.62 10.29
C MET D 275 -7.54 32.66 9.89
N ALA D 276 -8.15 32.01 10.88
CA ALA D 276 -9.20 31.03 10.63
C ALA D 276 -10.56 31.67 10.40
N ASN D 277 -10.60 33.00 10.38
CA ASN D 277 -11.86 33.72 10.26
C ASN D 277 -11.88 34.83 9.23
N PHE D 278 -10.71 35.37 8.90
CA PHE D 278 -10.70 36.59 8.08
C PHE D 278 -9.87 36.52 6.81
N PHE D 279 -9.16 35.41 6.62
CA PHE D 279 -8.48 35.20 5.36
C PHE D 279 -9.50 35.07 4.23
N SER D 280 -9.14 35.54 3.04
CA SER D 280 -10.07 35.58 1.92
C SER D 280 -11.39 36.17 2.37
N SER D 281 -11.30 37.15 3.28
CA SER D 281 -12.47 37.83 3.81
C SER D 281 -13.53 36.91 4.43
N GLY D 282 -13.10 35.81 5.03
CA GLY D 282 -14.01 34.87 5.66
C GLY D 282 -14.68 33.88 4.72
N GLN D 283 -14.29 33.89 3.46
CA GLN D 283 -14.90 33.03 2.46
C GLN D 283 -14.08 31.74 2.26
N VAL D 284 -13.80 31.04 3.35
CA VAL D 284 -13.07 29.78 3.32
C VAL D 284 -13.92 28.72 4.00
N CYS D 285 -14.15 27.62 3.30
N CYS D 285 -14.18 27.63 3.29
CA CYS D 285 -15.06 26.59 3.78
CA CYS D 285 -15.07 26.59 3.80
C CYS D 285 -14.62 26.03 5.12
C CYS D 285 -14.61 26.09 5.16
N THR D 286 -13.30 25.92 5.31
CA THR D 286 -12.74 25.30 6.50
C THR D 286 -12.53 26.27 7.66
N ASN D 287 -13.07 27.47 7.56
CA ASN D 287 -12.86 28.49 8.59
C ASN D 287 -13.31 28.04 9.97
N GLY D 288 -12.49 28.35 10.98
CA GLY D 288 -12.83 28.04 12.35
C GLY D 288 -13.75 29.09 12.93
N THR D 289 -15.02 29.03 12.55
CA THR D 289 -15.97 30.11 12.85
C THR D 289 -16.60 30.04 14.25
N ARG D 290 -16.46 28.89 14.91
CA ARG D 290 -16.82 28.78 16.32
C ARG D 290 -15.52 28.67 17.13
N VAL D 291 -15.18 29.73 17.85
CA VAL D 291 -13.95 29.75 18.63
C VAL D 291 -14.23 29.52 20.12
N PHE D 292 -13.76 28.40 20.66
CA PHE D 292 -13.96 28.07 22.06
C PHE D 292 -12.80 28.51 22.95
N ILE D 293 -13.11 29.35 23.92
CA ILE D 293 -12.11 29.90 24.83
C ILE D 293 -12.51 29.62 26.27
N HIS D 294 -11.58 29.11 27.07
CA HIS D 294 -11.89 28.84 28.46
C HIS D 294 -12.22 30.14 29.21
N ARG D 295 -13.10 30.03 30.19
CA ARG D 295 -13.64 31.20 30.87
C ARG D 295 -12.56 32.03 31.55
N SER D 296 -11.53 31.36 32.05
CA SER D 296 -10.46 32.04 32.76
C SER D 296 -9.62 32.88 31.81
N GLN D 297 -9.74 32.61 30.51
CA GLN D 297 -8.92 33.28 29.52
C GLN D 297 -9.70 34.18 28.57
N GLN D 298 -11.02 34.25 28.76
CA GLN D 298 -11.87 34.99 27.83
C GLN D 298 -11.42 36.44 27.64
N ALA D 299 -11.31 37.18 28.74
CA ALA D 299 -10.99 38.60 28.67
C ALA D 299 -9.69 38.85 27.91
N ARG D 300 -8.63 38.15 28.30
CA ARG D 300 -7.32 38.31 27.67
C ARG D 300 -7.33 37.94 26.19
N PHE D 301 -8.04 36.87 25.85
CA PHE D 301 -8.14 36.42 24.46
C PHE D 301 -8.86 37.45 23.60
N GLU D 302 -9.96 37.98 24.13
CA GLU D 302 -10.71 39.01 23.43
C GLU D 302 -9.82 40.22 23.17
N ALA D 303 -9.06 40.64 24.18
CA ALA D 303 -8.14 41.74 24.01
C ALA D 303 -7.18 41.47 22.85
N LYS D 304 -6.55 40.30 22.87
CA LYS D 304 -5.58 39.96 21.84
C LYS D 304 -6.19 39.87 20.43
N VAL D 305 -7.43 39.40 20.35
CA VAL D 305 -8.11 39.31 19.05
C VAL D 305 -8.50 40.70 18.54
N LEU D 306 -9.00 41.51 19.47
CA LEU D 306 -9.39 42.88 19.19
C LEU D 306 -8.21 43.68 18.62
N GLU D 307 -7.06 43.58 19.28
CA GLU D 307 -5.86 44.26 18.83
C GLU D 307 -5.48 43.88 17.41
N ARG D 308 -5.62 42.60 17.07
CA ARG D 308 -5.28 42.12 15.74
C ARG D 308 -6.29 42.55 14.69
N VAL D 309 -7.57 42.42 14.99
CA VAL D 309 -8.59 42.79 14.04
C VAL D 309 -8.53 44.28 13.72
N GLN D 310 -8.15 45.10 14.69
CA GLN D 310 -8.12 46.52 14.47
C GLN D 310 -7.06 46.96 13.50
N ARG D 311 -6.05 46.15 13.32
CA ARG D 311 -4.96 46.53 12.43
C ARG D 311 -5.11 45.88 11.05
N ILE D 312 -6.21 45.17 10.86
CA ILE D 312 -6.49 44.52 9.58
C ILE D 312 -6.61 45.58 8.49
N ARG D 313 -5.90 45.39 7.39
CA ARG D 313 -5.87 46.39 6.33
C ARG D 313 -6.90 46.12 5.23
N LEU D 314 -8.13 46.53 5.48
CA LEU D 314 -9.20 46.43 4.51
C LEU D 314 -8.98 47.49 3.45
N GLY D 315 -9.22 47.15 2.19
CA GLY D 315 -9.03 48.09 1.09
C GLY D 315 -9.09 47.52 -0.31
N ASP D 316 -8.65 48.32 -1.28
CA ASP D 316 -8.64 47.93 -2.69
C ASP D 316 -7.77 46.69 -2.92
N PRO D 317 -8.35 45.62 -3.48
CA PRO D 317 -7.61 44.37 -3.65
C PRO D 317 -6.41 44.54 -4.58
N GLN D 318 -6.39 45.65 -5.31
CA GLN D 318 -5.33 45.92 -6.26
C GLN D 318 -4.12 46.51 -5.54
N ASP D 319 -4.35 46.97 -4.33
CA ASP D 319 -3.27 47.53 -3.52
C ASP D 319 -2.52 46.39 -2.84
N GLU D 320 -1.23 46.29 -3.13
CA GLU D 320 -0.41 45.21 -2.57
C GLU D 320 -0.50 45.15 -1.05
N ASN D 321 -0.74 46.30 -0.42
CA ASN D 321 -0.78 46.38 1.04
C ASN D 321 -2.11 45.97 1.67
N THR D 322 -3.14 45.84 0.84
CA THR D 322 -4.41 45.31 1.31
C THR D 322 -4.29 43.83 1.65
N ASN D 323 -4.83 43.43 2.79
CA ASN D 323 -4.91 42.01 3.14
C ASN D 323 -6.31 41.57 3.53
N PHE D 324 -7.29 42.41 3.21
CA PHE D 324 -8.70 42.10 3.44
C PHE D 324 -9.56 42.80 2.41
N GLY D 325 -10.08 42.04 1.46
CA GLY D 325 -10.83 42.63 0.36
C GLY D 325 -12.33 42.68 0.57
N PRO D 326 -13.06 43.04 -0.48
CA PRO D 326 -14.52 43.00 -0.43
C PRO D 326 -14.98 41.55 -0.55
N LEU D 327 -16.26 41.28 -0.30
CA LEU D 327 -16.81 39.95 -0.52
C LEU D 327 -16.94 39.68 -2.02
N VAL D 328 -17.22 38.44 -2.37
CA VAL D 328 -17.23 38.01 -3.77
C VAL D 328 -18.38 38.63 -4.58
N SER D 329 -19.51 38.90 -3.93
CA SER D 329 -20.67 39.43 -4.65
C SER D 329 -21.60 40.22 -3.75
N PHE D 330 -22.34 41.15 -4.34
CA PHE D 330 -23.28 41.98 -3.61
C PHE D 330 -24.40 41.18 -2.95
N PRO D 331 -24.97 40.20 -3.66
CA PRO D 331 -25.97 39.37 -3.00
C PRO D 331 -25.37 38.60 -1.82
N HIS D 332 -24.12 38.17 -1.94
CA HIS D 332 -23.47 37.49 -0.83
C HIS D 332 -23.24 38.40 0.37
N MET D 333 -22.82 39.64 0.12
CA MET D 333 -22.66 40.60 1.19
C MET D 333 -23.98 40.77 1.93
N GLU D 334 -25.06 40.95 1.18
CA GLU D 334 -26.39 41.10 1.76
C GLU D 334 -26.69 39.95 2.71
N SER D 335 -26.35 38.73 2.30
CA SER D 335 -26.60 37.55 3.12
C SER D 335 -25.83 37.61 4.44
N VAL D 336 -24.54 37.90 4.32
CA VAL D 336 -23.66 38.07 5.48
C VAL D 336 -24.19 39.14 6.42
N LEU D 337 -24.61 40.28 5.87
CA LEU D 337 -25.15 41.36 6.67
C LEU D 337 -26.40 40.92 7.42
N GLY D 338 -27.14 40.00 6.82
CA GLY D 338 -28.31 39.43 7.46
C GLY D 338 -27.90 38.66 8.70
N TYR D 339 -26.93 37.76 8.54
CA TYR D 339 -26.44 36.97 9.66
C TYR D 339 -25.95 37.83 10.81
N ILE D 340 -25.26 38.93 10.47
CA ILE D 340 -24.76 39.88 11.45
C ILE D 340 -25.90 40.52 12.23
N GLU D 341 -26.95 40.89 11.51
CA GLU D 341 -28.16 41.42 12.13
C GLU D 341 -28.77 40.41 13.10
N SER D 342 -28.87 39.17 12.64
CA SER D 342 -29.37 38.10 13.49
C SER D 342 -28.58 38.04 14.79
N GLY D 343 -27.26 38.15 14.67
CA GLY D 343 -26.38 38.14 15.82
C GLY D 343 -26.73 39.26 16.78
N LYS D 344 -26.83 40.48 16.26
CA LYS D 344 -27.20 41.62 17.08
C LYS D 344 -28.57 41.38 17.72
N ALA D 345 -29.48 40.80 16.95
CA ALA D 345 -30.87 40.63 17.40
C ALA D 345 -31.00 39.58 18.50
N GLN D 346 -30.12 38.58 18.48
CA GLN D 346 -30.17 37.49 19.43
C GLN D 346 -29.27 37.76 20.62
N LYS D 347 -28.79 39.00 20.69
CA LYS D 347 -28.08 39.50 21.87
C LYS D 347 -26.69 38.93 22.10
N ALA D 348 -26.00 38.55 21.04
CA ALA D 348 -24.58 38.26 21.15
C ALA D 348 -23.87 39.61 21.26
N ARG D 349 -22.77 39.67 22.00
CA ARG D 349 -22.05 40.94 22.15
C ARG D 349 -21.14 41.23 20.97
N LEU D 350 -21.34 42.38 20.34
CA LEU D 350 -20.52 42.81 19.22
C LEU D 350 -19.19 43.35 19.72
N LEU D 351 -18.11 42.64 19.42
CA LEU D 351 -16.78 43.07 19.81
C LEU D 351 -16.10 43.89 18.71
N CYS D 352 -16.43 43.62 17.45
CA CYS D 352 -15.77 44.25 16.33
C CYS D 352 -16.63 44.37 15.11
N GLY D 353 -16.32 45.32 14.26
CA GLY D 353 -17.03 45.48 13.00
C GLY D 353 -18.52 45.40 13.16
N GLY D 354 -19.17 44.72 12.23
CA GLY D 354 -20.61 44.52 12.32
C GLY D 354 -21.40 45.39 11.37
N GLU D 355 -20.75 45.89 10.34
CA GLU D 355 -21.43 46.63 9.30
C GLU D 355 -20.70 46.73 7.99
N ARG D 356 -21.40 47.22 6.98
CA ARG D 356 -20.82 47.43 5.66
C ARG D 356 -19.91 48.65 5.67
N VAL D 357 -18.84 48.62 4.90
CA VAL D 357 -17.93 49.76 4.83
C VAL D 357 -18.19 50.54 3.56
N THR D 358 -18.66 51.78 3.72
CA THR D 358 -19.10 52.57 2.57
C THR D 358 -18.31 53.85 2.38
N ASP D 359 -17.34 54.09 3.25
CA ASP D 359 -16.50 55.27 3.14
C ASP D 359 -15.87 55.36 1.76
N GLY D 360 -15.95 56.53 1.15
CA GLY D 360 -15.32 56.79 -0.14
C GLY D 360 -15.68 55.82 -1.24
N ALA D 361 -14.64 55.26 -1.87
CA ALA D 361 -14.83 54.36 -2.99
C ALA D 361 -15.40 53.01 -2.54
N PHE D 362 -15.23 52.69 -1.26
CA PHE D 362 -15.69 51.40 -0.77
C PHE D 362 -17.19 51.20 -0.96
N GLY D 363 -17.94 52.30 -1.03
CA GLY D 363 -19.38 52.21 -1.20
C GLY D 363 -19.76 51.66 -2.57
N LYS D 364 -18.78 51.58 -3.47
CA LYS D 364 -19.04 51.05 -4.80
C LYS D 364 -18.77 49.55 -4.85
N GLY D 365 -18.11 49.05 -3.81
CA GLY D 365 -17.78 47.63 -3.71
C GLY D 365 -18.59 46.94 -2.63
N ALA D 366 -18.41 45.63 -2.49
CA ALA D 366 -19.17 44.85 -1.53
C ALA D 366 -18.36 44.56 -0.27
N TYR D 367 -18.10 45.60 0.51
CA TYR D 367 -17.21 45.49 1.67
C TYR D 367 -17.98 45.31 2.98
N VAL D 368 -17.70 44.21 3.68
CA VAL D 368 -18.14 44.05 5.06
C VAL D 368 -16.95 44.05 6.01
N ALA D 369 -17.05 44.81 7.10
CA ALA D 369 -15.95 44.89 8.04
C ALA D 369 -15.73 43.56 8.74
N PRO D 370 -14.47 43.25 9.10
CA PRO D 370 -14.22 42.07 9.93
C PRO D 370 -15.08 42.14 11.18
N THR D 371 -15.78 41.05 11.50
CA THR D 371 -16.76 41.05 12.59
C THR D 371 -16.52 39.95 13.62
N VAL D 372 -16.46 40.35 14.90
CA VAL D 372 -16.30 39.40 16.00
C VAL D 372 -17.45 39.51 16.99
N PHE D 373 -18.16 38.39 17.18
CA PHE D 373 -19.18 38.29 18.22
C PHE D 373 -18.65 37.49 19.39
N THR D 374 -18.96 37.90 20.60
CA THR D 374 -18.59 37.12 21.77
C THR D 374 -19.80 36.96 22.68
N ASP D 375 -19.63 36.23 23.78
CA ASP D 375 -20.76 35.88 24.64
C ASP D 375 -21.82 35.14 23.83
N CYS D 376 -21.38 34.29 22.91
CA CYS D 376 -22.29 33.56 22.05
C CYS D 376 -22.84 32.31 22.71
N ARG D 377 -23.97 31.84 22.24
CA ARG D 377 -24.55 30.61 22.73
C ARG D 377 -24.90 29.65 21.62
N ASP D 378 -24.86 28.37 21.93
CA ASP D 378 -24.96 27.33 20.91
C ASP D 378 -26.26 27.37 20.12
N ASP D 379 -27.28 28.06 20.62
CA ASP D 379 -28.57 28.09 19.92
C ASP D 379 -28.73 29.34 19.05
N MET D 380 -27.74 30.23 19.07
CA MET D 380 -27.77 31.40 18.21
C MET D 380 -27.62 31.01 16.74
N THR D 381 -28.32 31.73 15.87
CA THR D 381 -28.26 31.44 14.45
C THR D 381 -26.84 31.56 13.90
N ILE D 382 -26.09 32.57 14.35
CA ILE D 382 -24.74 32.79 13.87
C ILE D 382 -23.79 31.67 14.31
N VAL D 383 -24.18 30.94 15.34
CA VAL D 383 -23.35 29.85 15.85
C VAL D 383 -23.70 28.53 15.17
N ARG D 384 -24.94 28.37 14.79
CA ARG D 384 -25.39 27.16 14.18
C ARG D 384 -25.19 27.13 12.68
N GLU D 385 -25.36 28.25 12.02
CA GLU D 385 -25.37 28.30 10.56
C GLU D 385 -24.10 28.87 9.96
N GLU D 386 -23.69 28.31 8.83
CA GLU D 386 -22.53 28.77 8.13
C GLU D 386 -22.80 30.11 7.51
N ILE D 387 -21.95 31.08 7.78
CA ILE D 387 -22.14 32.43 7.25
C ILE D 387 -21.30 32.66 6.00
N PHE D 388 -20.13 32.02 5.95
CA PHE D 388 -19.22 32.16 4.82
C PHE D 388 -18.88 33.64 4.60
N GLY D 389 -18.73 34.37 5.70
CA GLY D 389 -18.30 35.74 5.68
C GLY D 389 -17.41 36.01 6.88
N PRO D 390 -16.95 37.26 7.03
CA PRO D 390 -16.02 37.61 8.10
C PRO D 390 -16.73 37.74 9.45
N VAL D 391 -17.20 36.63 10.00
CA VAL D 391 -17.87 36.65 11.30
C VAL D 391 -17.37 35.54 12.22
N MET D 392 -16.62 35.93 13.23
CA MET D 392 -16.13 35.01 14.25
C MET D 392 -17.09 35.00 15.44
N SER D 393 -17.44 33.81 15.91
CA SER D 393 -18.28 33.65 17.09
C SER D 393 -17.45 33.07 18.24
N ILE D 394 -17.16 33.89 19.24
CA ILE D 394 -16.41 33.42 20.39
C ILE D 394 -17.34 32.78 21.42
N LEU D 395 -16.96 31.61 21.90
CA LEU D 395 -17.76 30.84 22.85
C LEU D 395 -16.94 30.46 24.06
N VAL D 396 -17.50 30.66 25.25
CA VAL D 396 -16.80 30.35 26.50
C VAL D 396 -17.15 28.95 26.96
N TYR D 397 -16.17 28.23 27.51
CA TYR D 397 -16.43 26.91 28.08
C TYR D 397 -15.72 26.75 29.42
N ASP D 398 -16.15 25.77 30.21
CA ASP D 398 -15.55 25.54 31.53
C ASP D 398 -14.65 24.30 31.60
N ASP D 399 -14.93 23.26 30.82
CA ASP D 399 -14.06 22.08 30.85
C ASP D 399 -13.87 21.40 29.49
N GLU D 400 -12.74 20.70 29.37
CA GLU D 400 -12.33 20.01 28.15
C GLU D 400 -13.45 19.19 27.50
N ASP D 401 -14.10 18.33 28.28
CA ASP D 401 -15.10 17.42 27.72
C ASP D 401 -16.31 18.18 27.20
N GLU D 402 -16.73 19.20 27.94
CA GLU D 402 -17.82 20.06 27.50
C GLU D 402 -17.46 20.71 26.18
N ALA D 403 -16.24 21.26 26.09
CA ALA D 403 -15.83 21.96 24.88
C ALA D 403 -15.87 21.02 23.68
N ILE D 404 -15.39 19.79 23.87
CA ILE D 404 -15.35 18.81 22.77
C ILE D 404 -16.76 18.36 22.37
N ARG D 405 -17.62 18.15 23.36
CA ARG D 405 -19.00 17.76 23.11
C ARG D 405 -19.70 18.84 22.28
N ARG D 406 -19.45 20.10 22.63
CA ARG D 406 -20.07 21.19 21.91
C ARG D 406 -19.48 21.38 20.51
N ALA D 407 -18.17 21.15 20.39
CA ALA D 407 -17.54 21.24 19.07
C ALA D 407 -18.19 20.24 18.11
N ASN D 408 -18.46 19.03 18.60
CA ASN D 408 -19.04 17.98 17.77
C ASN D 408 -20.54 18.11 17.58
N ASP D 409 -21.17 19.02 18.31
CA ASP D 409 -22.63 19.13 18.29
C ASP D 409 -23.12 19.95 17.08
N THR D 410 -23.06 19.32 15.92
CA THR D 410 -23.35 19.98 14.66
C THR D 410 -23.48 18.91 13.58
N GLU D 411 -24.28 19.18 12.56
CA GLU D 411 -24.41 18.25 11.44
C GLU D 411 -23.22 18.38 10.49
N TYR D 412 -22.43 19.44 10.68
CA TYR D 412 -21.23 19.67 9.90
C TYR D 412 -20.05 18.91 10.48
N GLY D 413 -18.95 18.84 9.73
CA GLY D 413 -17.77 18.14 10.20
C GLY D 413 -16.59 18.21 9.25
N LEU D 414 -16.34 19.40 8.73
CA LEU D 414 -15.28 19.60 7.74
C LEU D 414 -13.93 19.68 8.45
N ALA D 415 -13.77 20.67 9.30
CA ALA D 415 -12.50 20.90 9.96
C ALA D 415 -12.65 21.08 11.47
N ALA D 416 -11.51 21.02 12.16
CA ALA D 416 -11.45 21.22 13.60
C ALA D 416 -10.00 21.49 13.94
N GLY D 417 -9.77 22.21 15.03
CA GLY D 417 -8.42 22.48 15.45
C GLY D 417 -8.36 22.71 16.94
N VAL D 418 -7.22 22.37 17.55
CA VAL D 418 -7.00 22.66 18.96
C VAL D 418 -5.71 23.46 19.12
N VAL D 419 -5.65 24.28 20.17
CA VAL D 419 -4.43 24.97 20.52
C VAL D 419 -4.05 24.64 21.95
N THR D 420 -2.84 24.09 22.12
CA THR D 420 -2.40 23.57 23.40
C THR D 420 -0.94 23.15 23.25
N GLN D 421 -0.20 23.19 24.35
CA GLN D 421 1.22 22.82 24.31
C GLN D 421 1.45 21.44 24.90
N ASP D 422 0.40 20.86 25.47
CA ASP D 422 0.47 19.57 26.12
C ASP D 422 0.39 18.43 25.10
N LEU D 423 1.37 17.53 25.15
CA LEU D 423 1.40 16.40 24.23
C LEU D 423 0.08 15.62 24.23
N ALA D 424 -0.29 15.11 25.42
CA ALA D 424 -1.47 14.25 25.52
C ALA D 424 -2.73 14.97 25.08
N ARG D 425 -2.95 16.16 25.60
CA ARG D 425 -4.17 16.88 25.28
C ARG D 425 -4.31 17.10 23.77
N ALA D 426 -3.22 17.50 23.13
CA ALA D 426 -3.26 17.77 21.70
C ALA D 426 -3.84 16.59 20.92
N HIS D 427 -3.25 15.41 21.10
CA HIS D 427 -3.67 14.25 20.35
C HIS D 427 -5.00 13.69 20.84
N ARG D 428 -5.20 13.67 22.15
N ARG D 428 -5.19 13.67 22.16
CA ARG D 428 -6.44 13.11 22.69
CA ARG D 428 -6.41 13.17 22.77
C ARG D 428 -7.67 13.90 22.21
C ARG D 428 -7.66 13.90 22.30
N ALA D 429 -7.58 15.22 22.22
CA ALA D 429 -8.72 16.05 21.83
C ALA D 429 -9.03 15.89 20.35
N ILE D 430 -7.98 15.95 19.54
CA ILE D 430 -8.14 15.87 18.10
C ILE D 430 -8.69 14.52 17.67
N HIS D 431 -8.43 13.47 18.45
CA HIS D 431 -8.91 12.15 18.07
C HIS D 431 -10.41 12.02 18.32
N ARG D 432 -10.91 12.90 19.19
CA ARG D 432 -12.32 12.88 19.57
C ARG D 432 -13.15 13.88 18.77
N LEU D 433 -12.51 14.72 17.97
CA LEU D 433 -13.24 15.72 17.19
C LEU D 433 -13.72 15.12 15.87
N GLU D 434 -15.01 15.28 15.60
CA GLU D 434 -15.65 14.65 14.44
C GLU D 434 -15.51 15.50 13.18
N ALA D 435 -14.31 15.51 12.62
CA ALA D 435 -14.03 16.29 11.43
C ALA D 435 -12.98 15.59 10.58
N GLY D 436 -12.97 15.86 9.28
CA GLY D 436 -12.05 15.22 8.37
C GLY D 436 -10.69 15.91 8.30
N ILE D 437 -10.67 17.20 8.64
CA ILE D 437 -9.48 18.04 8.54
C ILE D 437 -9.14 18.62 9.92
N CYS D 438 -8.10 18.09 10.55
CA CYS D 438 -7.78 18.49 11.92
C CYS D 438 -6.41 19.14 12.06
N TRP D 439 -6.36 20.29 12.72
CA TRP D 439 -5.12 21.04 12.88
C TRP D 439 -4.73 21.18 14.35
N ILE D 440 -3.46 20.94 14.65
CA ILE D 440 -2.93 21.16 16.00
C ILE D 440 -1.97 22.35 16.00
N ASN D 441 -2.33 23.41 16.73
CA ASN D 441 -1.49 24.61 16.84
C ASN D 441 -1.21 25.31 15.51
N THR D 442 -2.10 25.10 14.54
CA THR D 442 -2.06 25.84 13.29
C THR D 442 -3.47 25.87 12.71
N TRP D 443 -3.60 26.42 11.50
CA TRP D 443 -4.87 26.42 10.80
C TRP D 443 -4.66 26.77 9.34
N GLY D 444 -5.38 26.09 8.46
CA GLY D 444 -5.50 26.55 7.08
C GLY D 444 -4.57 25.93 6.05
N GLU D 445 -3.45 25.39 6.50
CA GLU D 445 -2.53 24.76 5.57
C GLU D 445 -3.13 23.46 5.02
N SER D 446 -3.06 23.28 3.71
CA SER D 446 -3.65 22.11 3.06
C SER D 446 -2.69 21.51 2.04
N PRO D 447 -1.63 20.86 2.51
CA PRO D 447 -0.58 20.31 1.61
C PRO D 447 -1.16 19.34 0.57
N ALA D 448 -0.52 19.24 -0.59
CA ALA D 448 -1.01 18.32 -1.62
C ALA D 448 -1.09 16.88 -1.12
N GLU D 449 -0.17 16.50 -0.25
CA GLU D 449 -0.09 15.14 0.27
C GLU D 449 -1.23 14.74 1.20
N MET D 450 -1.91 15.73 1.77
CA MET D 450 -2.91 15.49 2.82
C MET D 450 -4.35 15.41 2.31
N PRO D 451 -4.99 14.26 2.51
CA PRO D 451 -6.38 14.12 2.06
C PRO D 451 -7.31 15.03 2.87
N VAL D 452 -8.14 15.82 2.18
CA VAL D 452 -9.05 16.72 2.88
C VAL D 452 -10.49 16.59 2.36
N GLY D 453 -11.44 16.58 3.30
CA GLY D 453 -12.84 16.42 2.99
C GLY D 453 -13.59 16.32 4.32
N GLY D 454 -14.91 16.23 4.26
CA GLY D 454 -15.71 16.36 5.46
C GLY D 454 -16.33 15.09 6.02
N TYR D 455 -16.52 15.09 7.34
CA TYR D 455 -17.36 14.11 8.01
C TYR D 455 -18.81 14.56 7.89
N LYS D 456 -19.74 13.61 8.04
CA LYS D 456 -21.14 13.95 8.17
C LYS D 456 -21.64 14.70 6.94
N GLN D 457 -22.20 15.88 7.14
CA GLN D 457 -22.86 16.59 6.04
C GLN D 457 -21.94 17.62 5.39
N SER D 458 -20.66 17.58 5.74
CA SER D 458 -19.68 18.46 5.12
C SER D 458 -19.01 17.85 3.90
N GLY D 459 -19.30 16.60 3.57
CA GLY D 459 -18.74 16.04 2.36
C GLY D 459 -18.88 14.55 2.08
N VAL D 460 -18.44 14.14 0.90
CA VAL D 460 -18.36 12.73 0.54
C VAL D 460 -17.08 12.57 -0.26
N GLY D 461 -16.26 11.59 0.11
CA GLY D 461 -14.95 11.45 -0.50
C GLY D 461 -13.97 12.50 -0.04
N ARG D 462 -12.82 12.56 -0.70
CA ARG D 462 -11.79 13.54 -0.35
C ARG D 462 -10.99 13.96 -1.58
N GLU D 463 -10.24 15.05 -1.45
CA GLU D 463 -9.43 15.56 -2.55
C GLU D 463 -7.96 15.63 -2.16
N ASN D 464 -7.08 15.44 -3.15
CA ASN D 464 -5.64 15.49 -2.91
C ASN D 464 -5.13 14.21 -2.24
N GLY D 465 -3.83 14.17 -1.96
CA GLY D 465 -3.23 13.03 -1.33
C GLY D 465 -3.10 11.84 -2.28
N LEU D 466 -2.82 10.67 -1.71
CA LEU D 466 -2.68 9.46 -2.51
C LEU D 466 -4.01 8.75 -2.68
N THR D 467 -4.89 8.90 -1.71
CA THR D 467 -6.21 8.28 -1.75
C THR D 467 -7.09 8.85 -2.87
N THR D 468 -6.96 10.14 -3.14
CA THR D 468 -7.84 10.78 -4.10
C THR D 468 -7.53 10.32 -5.51
N LEU D 469 -6.26 10.08 -5.79
CA LEU D 469 -5.87 9.59 -7.10
C LEU D 469 -6.54 8.25 -7.37
N ALA D 470 -6.54 7.39 -6.35
CA ALA D 470 -7.18 6.10 -6.46
C ALA D 470 -8.66 6.23 -6.84
N HIS D 471 -9.32 7.24 -6.31
CA HIS D 471 -10.77 7.36 -6.49
C HIS D 471 -11.18 8.02 -7.82
N TYR D 472 -10.20 8.33 -8.66
CA TYR D 472 -10.53 8.69 -10.02
C TYR D 472 -10.27 7.52 -10.97
N THR D 473 -10.28 6.31 -10.41
CA THR D 473 -10.18 5.09 -11.20
C THR D 473 -11.29 4.16 -10.73
N ARG D 474 -11.64 3.20 -11.58
CA ARG D 474 -12.57 2.13 -11.25
C ARG D 474 -11.78 0.81 -11.21
N ILE D 475 -12.14 -0.06 -10.27
CA ILE D 475 -11.42 -1.31 -10.12
C ILE D 475 -12.04 -2.37 -11.01
N LYS D 476 -11.22 -3.00 -11.84
CA LYS D 476 -11.66 -4.20 -12.55
C LYS D 476 -10.88 -5.39 -12.03
N SER D 477 -11.60 -6.43 -11.59
CA SER D 477 -10.94 -7.65 -11.17
C SER D 477 -10.92 -8.70 -12.27
N VAL D 478 -9.74 -9.24 -12.55
CA VAL D 478 -9.60 -10.30 -13.55
C VAL D 478 -9.14 -11.58 -12.90
N GLN D 479 -10.01 -12.60 -12.95
CA GLN D 479 -9.62 -13.93 -12.55
C GLN D 479 -9.21 -14.77 -13.75
N VAL D 480 -7.95 -15.23 -13.73
CA VAL D 480 -7.44 -16.13 -14.74
C VAL D 480 -7.49 -17.57 -14.22
N GLU D 481 -8.30 -18.40 -14.87
CA GLU D 481 -8.34 -19.83 -14.58
C GLU D 481 -7.40 -20.54 -15.54
N LEU D 482 -6.39 -21.20 -14.98
CA LEU D 482 -5.37 -21.90 -15.75
C LEU D 482 -5.62 -23.41 -15.78
N GLY D 483 -6.54 -23.87 -14.94
CA GLY D 483 -6.78 -25.30 -14.78
C GLY D 483 -8.14 -25.71 -15.29
N ASP D 484 -8.68 -26.80 -14.76
CA ASP D 484 -10.00 -27.30 -15.20
C ASP D 484 -11.13 -26.45 -14.65
N TYR D 485 -12.27 -26.53 -15.32
CA TYR D 485 -13.48 -25.87 -14.83
C TYR D 485 -14.50 -26.93 -14.47
N ALA D 486 -15.09 -26.80 -13.29
CA ALA D 486 -16.06 -27.79 -12.83
C ALA D 486 -17.48 -27.25 -12.89
N SER D 487 -18.38 -28.00 -13.49
CA SER D 487 -19.81 -27.66 -13.52
C SER D 487 -20.60 -28.66 -12.71
N VAL D 488 -21.64 -28.20 -12.00
CA VAL D 488 -22.49 -29.16 -11.28
C VAL D 488 -23.52 -29.79 -12.21
N PHE D 489 -23.58 -29.32 -13.46
CA PHE D 489 -24.64 -29.71 -14.38
C PHE D 489 -24.22 -30.81 -15.38
#